data_6WXU
#
_entry.id   6WXU
#
_cell.length_a   1.00
_cell.length_b   1.00
_cell.length_c   1.00
_cell.angle_alpha   90.00
_cell.angle_beta   90.00
_cell.angle_gamma   90.00
#
_symmetry.space_group_name_H-M   'P 1'
#
loop_
_entity.id
_entity.type
_entity.pdbx_description
1 polymer 'Dual oxidase 1'
2 polymer 'Dual oxidase maturation factor 1'
3 branched alpha-D-mannopyranose-(1-2)-alpha-D-mannopyranose-(1-2)-alpha-D-mannopyranose-(1-3)-[alpha-D-mannopyranose-(1-2)-alpha-D-mannopyranose-(1-3)-[alpha-D-mannopyranose-(1-2)-alpha-D-mannopyranose-(1-6)]alpha-D-mannopyranose-(1-6)]beta-D-mannopyranose-(1-4)-2-acetamido-2-deoxy-beta-D-glucopyranose-(1-4)-2-acetamido-2-deoxy-beta-D-glucopyranose
4 non-polymer 2-acetamido-2-deoxy-beta-D-glucopyranose
5 non-polymer 'HEME C'
6 non-polymer 1,2-DILAUROYL-SN-GLYCERO-3-PHOSPHATE
7 non-polymer 'DIUNDECYL PHOSPHATIDYL CHOLINE'
#
loop_
_entity_poly.entity_id
_entity_poly.type
_entity_poly.pdbx_seq_one_letter_code
_entity_poly.pdbx_strand_id
1 'polypeptide(L)'
;GPSRGAQNSISWEVQRFDGWYNNLMEHRWGSKGSRLQRLVPASYADGVYQPLKEPYLPNPRHLSNRVMRGSAGQPSLRNR
TVLGVFFGYHVLSDLVSVETPGCPAEFLNIYIPHGDPVFDPDKRGNVVLPFQRSRWDRNTGQSPSNPRDQSNQVTGWLDG
SAIYGSSHSWSDTLRSFSGGQLASGPDPAFPSDSQSSLLMWMAPDPSTGQGGPRGVYAFGAQRGNREPFLQALGLLWFRY
HNLCARKLAQEHPHWGDEELFQHARKRVIATYQNIAMYEWLPSFLKQTPPEYPGYRPFLDPSISPEFVVASEQFLSTMVP
SGVYMRNASCHFQGIPSHNSSVSGALRVCNSYWSREHPKLQRAEDVDALLLGMASQIAEREDHVVVEDMQDFWPGPLKFS
RTDYLASCLQRGRDLGLPSYTKAREALGLSPISHWQDINPALSRSNGTVLEATAALYNQDLSRLELLPGGLLESHGDPGP
LFSTIVLDQFVRLRDGDRYWFENTRNGLFSKEEIAEIRNTSLRDILVAVTNVDPSALQPNVFFWLAGDPCPQPSQLSAKG
LPACAPLFIRDYFEGSGFGFGLTIGTLCCFPLVSLLSAWIVARLRKRNFKRLQRQDRQSIMSEKLVGGVEALEWQGRNEP
CRPVLVHLQPGQIRVVDGRLTVLRTIQLRPPQQVNLILSSNRGRRTLLLKIPKEYDLVLLFNMEEERQALVENVRGALKE
NGLSFQEWELREQELMRAAVTRQQRGHLLETFFRHLFSQVLDINQADAGTLPLDSSTKVREALTCELSRAEFADSLGLKP
QDMFVESMFSLADKDGNGYLSFREFLDILVVFMKGSPEEKSRLMFRMYDFDGNGLISKDEFIRMLRSFIEISNNCLSKAQ
LAEVVESMFRESGFQDKEELTWEDFHFMLRDHDSDLRFTQLCVKGVEVPEVIKNLCRRASYISQEKICPSPRMSAHCARN
NMKTASSPQRLQCPMDTDPPQEIRRRFGKKVTSFQPLLFTEAHREKFQRSRRHQTVQQFKRFIENYRRHIGCVAVFYTIT
GALFLERAYYYAFAAHHSGITDTTRVGIILSRGTAASISFMFSYILLTMCRNLITFLRETFLNRYIPFDAAVDFHRLIAS
TAIILTVLHSAGHVVNVYLFSISPLSVLSCLFPGLFHDDGSEFPQKYYWWFFQTVPGLTGVLLLLALAIMYVFASHHFRR
RSFRGFWLTHHLYIFLYILLIIHGSFALIQMPRFHIFFLVPAIIYVGDKLVSLSRKKVEISVVKAELLPSGVTHLRFQRP
QGFEYKSGQWVRIACLALGTTEYHPFTLTSAPHEDTLSLHIRAAGPWTTRLREIYSPPTGDTCARYPKLYLDGPFGEGHQ
EWHKFEVSVLVGGGIGVTPFASILKDLVFKSSVSCQVFCKKIYFIWVTRTQRQFEWLADIIREVEENDRQDLVSVHIYIT
QLAEKFDLRTTMLYICERHFQKVLNRSLFTGLRSITHFGRPPFEPFFNSLQEVHPQVRKIGVFSCGPPGMTKNVEKACQL
INRQDRTHFSHHYENF
;
A,C
2 'polypeptide(L)'
;MAALGHTLPFYTGTKPTFPMDTTLAVIITIFLTALVTFIIILPGIRGKTRLFWLLRVVTSLFIGAVILAVNFSSEWSVGH
VNANTTYKAFSPKWVSVDVGLQIGLGGVNITLTGTPVQQLNETINYNEAFAWRLGRSYAEEYAKALEKGLPDPVLYLAEK
FTPRSPCGLYNQYRLAGHYASAMLWVAFLCWLLANVMLSMPVLVYGGHMLLATGLFQLLALFFFSMTTSLISPCPLRLGT
AVLHTHHGPAFWITLATGLLCILLGLVMAVAHRMQPHRLKAFFNQSSEDPVLEWGSEEGGLLSPHYRSIAESPETQDIPM
SVASSETCFKEEHPKESDCSL
;
B,D
#
loop_
_chem_comp.id
_chem_comp.type
_chem_comp.name
_chem_comp.formula
BMA D-saccharide, beta linking beta-D-mannopyranose 'C6 H12 O6'
HEC non-polymer 'HEME C' 'C34 H34 Fe N4 O4'
MAN D-saccharide, alpha linking alpha-D-mannopyranose 'C6 H12 O6'
NAG D-saccharide, beta linking 2-acetamido-2-deoxy-beta-D-glucopyranose 'C8 H15 N O6'
PLC non-polymer 'DIUNDECYL PHOSPHATIDYL CHOLINE' 'C32 H65 N O8 P 1'
PX2 non-polymer 1,2-DILAUROYL-SN-GLYCERO-3-PHOSPHATE 'C27 H52 O8 P -1'
#
# COMPACT_ATOMS: atom_id res chain seq x y z
N ASN A 8 -6.19 -8.76 37.65
CA ASN A 8 -6.89 -9.93 38.19
C ASN A 8 -5.95 -11.10 38.38
N SER A 9 -6.31 -12.24 37.81
CA SER A 9 -5.52 -13.46 37.93
C SER A 9 -4.74 -13.79 36.67
N ILE A 10 -4.92 -13.02 35.60
CA ILE A 10 -4.22 -13.26 34.34
C ILE A 10 -2.93 -12.45 34.40
N SER A 11 -1.84 -13.11 34.79
CA SER A 11 -0.57 -12.45 35.02
C SER A 11 0.40 -12.62 33.86
N TRP A 12 -0.10 -12.91 32.67
CA TRP A 12 0.74 -13.07 31.49
C TRP A 12 0.07 -12.31 30.35
N GLU A 13 0.66 -12.41 29.17
CA GLU A 13 0.12 -11.78 27.97
C GLU A 13 -0.66 -12.84 27.20
N VAL A 14 -1.98 -12.73 27.20
CA VAL A 14 -2.81 -13.75 26.56
C VAL A 14 -2.50 -13.83 25.08
N GLN A 15 -2.47 -15.06 24.56
CA GLN A 15 -2.09 -15.28 23.17
C GLN A 15 -3.23 -14.92 22.23
N ARG A 16 -2.89 -14.23 21.16
CA ARG A 16 -3.88 -13.86 20.15
C ARG A 16 -4.36 -15.10 19.40
N PHE A 17 -5.53 -14.98 18.79
CA PHE A 17 -6.11 -16.10 18.06
C PHE A 17 -5.67 -16.15 16.61
N ASP A 18 -5.31 -15.02 16.02
CA ASP A 18 -4.95 -14.96 14.62
C ASP A 18 -3.45 -14.98 14.38
N GLY A 19 -2.63 -15.11 15.41
CA GLY A 19 -1.21 -15.29 15.23
C GLY A 19 -0.42 -14.03 14.99
N TRP A 20 -1.05 -12.86 15.03
CA TRP A 20 -0.31 -11.62 14.88
C TRP A 20 0.50 -11.31 16.14
N TYR A 21 1.54 -10.50 15.97
CA TYR A 21 2.35 -9.99 17.07
C TYR A 21 2.92 -11.11 17.93
N ASN A 22 3.20 -12.26 17.32
CA ASN A 22 3.91 -13.31 18.04
C ASN A 22 5.41 -13.06 18.01
N ASN A 23 5.91 -12.44 16.94
CA ASN A 23 7.31 -12.10 16.80
C ASN A 23 7.48 -10.59 16.96
N LEU A 24 8.56 -10.19 17.63
CA LEU A 24 8.76 -8.76 17.87
C LEU A 24 9.09 -8.02 16.59
N MET A 25 9.89 -8.63 15.72
CA MET A 25 10.37 -7.95 14.52
C MET A 25 9.44 -8.13 13.33
N GLU A 26 9.04 -9.35 13.04
CA GLU A 26 8.13 -9.64 11.93
C GLU A 26 6.77 -9.94 12.52
N HIS A 27 5.88 -8.95 12.54
CA HIS A 27 4.58 -9.10 13.17
C HIS A 27 3.69 -10.08 12.43
N ARG A 28 3.88 -10.21 11.13
CA ARG A 28 2.97 -10.98 10.29
C ARG A 28 3.34 -12.44 10.19
N TRP A 29 4.45 -12.87 10.77
CA TRP A 29 4.84 -14.27 10.72
C TRP A 29 3.82 -15.13 11.45
N GLY A 30 3.40 -16.21 10.79
CA GLY A 30 2.47 -17.15 11.38
C GLY A 30 1.03 -16.71 11.39
N SER A 31 0.72 -15.47 11.03
CA SER A 31 -0.65 -14.99 11.06
C SER A 31 -1.47 -15.74 10.02
N LYS A 32 -2.79 -15.57 10.12
CA LYS A 32 -3.69 -16.24 9.19
C LYS A 32 -3.78 -15.45 7.90
N GLY A 33 -3.85 -16.16 6.78
CA GLY A 33 -3.87 -15.50 5.49
C GLY A 33 -2.50 -15.07 5.00
N SER A 34 -1.43 -15.60 5.58
CA SER A 34 -0.08 -15.21 5.19
C SER A 34 0.47 -16.17 4.15
N ARG A 35 1.50 -15.72 3.46
CA ARG A 35 2.11 -16.48 2.37
C ARG A 35 2.65 -17.81 2.87
N LEU A 36 2.76 -18.75 1.95
CA LEU A 36 3.53 -19.97 2.14
C LEU A 36 4.90 -19.75 1.51
N GLN A 37 5.95 -19.88 2.30
CA GLN A 37 7.30 -19.55 1.87
C GLN A 37 8.01 -20.83 1.45
N ARG A 38 8.38 -20.90 0.17
CA ARG A 38 8.86 -22.13 -0.44
C ARG A 38 10.36 -22.32 -0.21
N LEU A 39 10.82 -23.55 -0.44
CA LEU A 39 12.22 -23.91 -0.27
C LEU A 39 13.01 -23.88 -1.57
N VAL A 40 12.35 -24.14 -2.69
CA VAL A 40 12.97 -24.11 -4.01
C VAL A 40 12.19 -23.11 -4.85
N PRO A 41 12.83 -22.35 -5.74
CA PRO A 41 12.09 -21.41 -6.58
C PRO A 41 10.96 -22.10 -7.35
N ALA A 42 9.88 -21.35 -7.59
CA ALA A 42 8.68 -21.92 -8.18
C ALA A 42 8.95 -22.41 -9.59
N SER A 43 8.45 -23.61 -9.89
CA SER A 43 8.62 -24.21 -11.21
C SER A 43 7.25 -24.22 -11.89
N TYR A 44 6.94 -23.12 -12.57
CA TYR A 44 5.74 -22.99 -13.37
C TYR A 44 6.08 -23.16 -14.84
N ALA A 45 5.05 -23.09 -15.69
CA ALA A 45 5.25 -23.32 -17.11
C ALA A 45 5.90 -22.12 -17.79
N ASP A 46 5.49 -20.92 -17.41
CA ASP A 46 6.05 -19.69 -17.94
C ASP A 46 6.92 -18.95 -16.93
N GLY A 47 7.16 -19.53 -15.76
CA GLY A 47 7.86 -18.85 -14.71
C GLY A 47 6.98 -18.13 -13.72
N VAL A 48 5.73 -17.83 -14.09
CA VAL A 48 4.79 -17.16 -13.21
C VAL A 48 3.42 -17.81 -13.35
N TYR A 49 2.91 -18.38 -12.26
CA TYR A 49 1.50 -18.67 -12.07
C TYR A 49 0.88 -19.69 -13.03
N GLN A 50 1.61 -20.19 -14.02
CA GLN A 50 0.98 -21.13 -14.95
C GLN A 50 1.49 -22.54 -14.72
N PRO A 51 0.63 -23.50 -14.41
CA PRO A 51 1.11 -24.83 -14.01
C PRO A 51 1.64 -25.64 -15.18
N LEU A 52 2.49 -26.60 -14.84
CA LEU A 52 2.86 -27.62 -15.82
C LEU A 52 1.68 -28.53 -16.08
N LYS A 53 1.63 -29.12 -17.27
CA LYS A 53 0.41 -29.75 -17.74
C LYS A 53 0.72 -31.10 -18.39
N GLU A 54 -0.29 -31.66 -19.01
CA GLU A 54 -0.38 -33.05 -19.45
C GLU A 54 0.44 -33.43 -20.68
N PRO A 55 0.73 -32.52 -21.62
CA PRO A 55 1.70 -32.88 -22.66
C PRO A 55 3.12 -33.03 -22.14
N TYR A 56 3.49 -32.26 -21.13
CA TYR A 56 4.84 -32.26 -20.56
C TYR A 56 5.00 -33.29 -19.45
N LEU A 57 4.01 -33.39 -18.56
CA LEU A 57 3.91 -34.33 -17.45
C LEU A 57 2.75 -35.29 -17.70
N PRO A 58 2.81 -36.52 -17.17
CA PRO A 58 1.76 -37.50 -17.48
C PRO A 58 0.40 -37.09 -16.93
N ASN A 59 -0.59 -37.89 -17.28
CA ASN A 59 -1.96 -37.64 -16.87
C ASN A 59 -2.15 -38.05 -15.42
N PRO A 60 -2.76 -37.22 -14.59
CA PRO A 60 -2.91 -37.59 -13.18
C PRO A 60 -3.71 -38.86 -12.97
N ARG A 61 -4.88 -38.96 -13.57
CA ARG A 61 -5.69 -40.18 -13.40
C ARG A 61 -5.01 -41.39 -13.99
N HIS A 62 -4.18 -41.20 -15.00
CA HIS A 62 -3.45 -42.32 -15.57
C HIS A 62 -2.23 -42.69 -14.75
N LEU A 63 -1.70 -41.74 -13.98
CA LEU A 63 -0.59 -42.04 -13.08
C LEU A 63 -1.07 -42.70 -11.80
N SER A 64 -2.25 -42.33 -11.31
CA SER A 64 -2.80 -42.93 -10.10
C SER A 64 -3.17 -44.39 -10.26
N ASN A 65 -3.31 -44.88 -11.49
CA ASN A 65 -3.67 -46.27 -11.70
C ASN A 65 -2.47 -47.19 -11.85
N ARG A 66 -1.29 -46.65 -12.15
CA ARG A 66 -0.13 -47.47 -12.44
C ARG A 66 0.77 -47.68 -11.24
N VAL A 67 0.84 -46.74 -10.31
CA VAL A 67 1.68 -46.84 -9.14
C VAL A 67 0.86 -47.02 -7.86
N MET A 68 -0.06 -46.09 -7.60
CA MET A 68 -0.78 -46.05 -6.33
C MET A 68 -2.10 -46.81 -6.47
N ARG A 69 -1.99 -48.14 -6.50
CA ARG A 69 -3.18 -48.97 -6.61
C ARG A 69 -2.85 -50.38 -6.16
N GLY A 70 -3.69 -50.93 -5.29
CA GLY A 70 -3.46 -52.27 -4.81
C GLY A 70 -4.47 -52.63 -3.73
N SER A 71 -4.22 -53.76 -3.09
CA SER A 71 -5.14 -54.29 -2.08
C SER A 71 -5.06 -53.48 -0.79
N ALA A 72 -5.78 -53.93 0.23
CA ALA A 72 -5.88 -53.18 1.48
C ALA A 72 -5.52 -53.97 2.73
N GLY A 73 -5.07 -55.22 2.61
CA GLY A 73 -4.74 -55.99 3.78
C GLY A 73 -3.26 -55.96 4.13
N GLN A 74 -2.63 -54.80 3.98
CA GLN A 74 -1.18 -54.68 4.18
C GLN A 74 -0.89 -54.07 5.54
N PRO A 75 -0.39 -54.83 6.51
CA PRO A 75 -0.10 -54.25 7.82
C PRO A 75 1.12 -53.35 7.77
N SER A 76 1.19 -52.47 8.77
CA SER A 76 2.32 -51.56 8.87
C SER A 76 3.55 -52.29 9.40
N LEU A 77 4.73 -51.73 9.07
CA LEU A 77 5.97 -52.33 9.53
C LEU A 77 6.22 -52.06 11.01
N ARG A 78 5.87 -50.86 11.47
CA ARG A 78 6.16 -50.42 12.83
C ARG A 78 4.97 -50.64 13.77
N ASN A 79 3.90 -51.28 13.30
CA ASN A 79 2.68 -51.50 14.07
C ASN A 79 2.06 -50.18 14.54
N ARG A 80 2.11 -49.16 13.69
CA ARG A 80 1.44 -47.91 14.02
C ARG A 80 -0.06 -48.12 14.00
N THR A 81 -0.76 -47.34 14.82
CA THR A 81 -2.20 -47.48 14.98
C THR A 81 -2.93 -46.33 14.29
N VAL A 82 -4.22 -46.57 14.01
CA VAL A 82 -5.02 -45.61 13.27
C VAL A 82 -5.19 -44.31 14.04
N LEU A 83 -5.17 -44.39 15.37
CA LEU A 83 -5.27 -43.20 16.19
C LEU A 83 -4.12 -42.24 15.91
N GLY A 84 -2.94 -42.77 15.64
CA GLY A 84 -1.82 -41.92 15.28
C GLY A 84 -2.01 -41.24 13.93
N VAL A 85 -2.53 -41.97 12.95
CA VAL A 85 -2.77 -41.40 11.64
C VAL A 85 -3.72 -40.21 11.74
N PHE A 86 -4.84 -40.39 12.42
CA PHE A 86 -5.82 -39.32 12.46
C PHE A 86 -5.47 -38.23 13.47
N PHE A 87 -4.67 -38.54 14.49
CA PHE A 87 -4.09 -37.46 15.29
C PHE A 87 -3.17 -36.60 14.43
N GLY A 88 -2.44 -37.23 13.52
CA GLY A 88 -1.62 -36.46 12.60
C GLY A 88 -2.43 -35.58 11.67
N TYR A 89 -3.55 -36.12 11.17
CA TYR A 89 -4.46 -35.30 10.37
C TYR A 89 -4.97 -34.10 11.16
N HIS A 90 -5.26 -34.29 12.44
CA HIS A 90 -5.70 -33.18 13.29
C HIS A 90 -4.62 -32.13 13.45
N VAL A 91 -3.38 -32.57 13.73
CA VAL A 91 -2.28 -31.63 13.89
C VAL A 91 -2.06 -30.82 12.61
N LEU A 92 -2.14 -31.48 11.47
CA LEU A 92 -1.92 -30.76 10.22
C LEU A 92 -3.07 -29.83 9.90
N SER A 93 -4.29 -30.15 10.34
CA SER A 93 -5.37 -29.17 10.25
C SER A 93 -5.09 -27.96 11.13
N ASP A 94 -4.34 -28.15 12.21
CA ASP A 94 -3.93 -27.01 13.03
C ASP A 94 -2.92 -26.15 12.31
N LEU A 95 -2.01 -26.77 11.55
CA LEU A 95 -0.89 -26.04 10.98
C LEU A 95 -1.20 -25.39 9.63
N VAL A 96 -1.67 -26.17 8.66
CA VAL A 96 -1.79 -25.71 7.28
C VAL A 96 -3.16 -26.05 6.72
N SER A 97 -3.69 -25.17 5.88
CA SER A 97 -4.93 -25.42 5.16
C SER A 97 -4.89 -24.64 3.86
N VAL A 98 -4.87 -25.35 2.73
CA VAL A 98 -4.66 -24.71 1.44
C VAL A 98 -5.70 -25.17 0.43
N GLU A 99 -6.85 -25.66 0.90
CA GLU A 99 -7.83 -26.28 0.03
C GLU A 99 -9.03 -25.39 -0.30
N THR A 100 -8.95 -24.09 -0.02
CA THR A 100 -10.05 -23.19 -0.35
C THR A 100 -9.81 -22.57 -1.71
N PRO A 101 -10.72 -22.70 -2.66
CA PRO A 101 -10.49 -22.14 -3.99
C PRO A 101 -10.45 -20.62 -3.97
N GLY A 102 -9.64 -20.05 -4.86
CA GLY A 102 -9.42 -18.63 -4.86
C GLY A 102 -9.95 -17.92 -6.09
N CYS A 103 -10.06 -16.60 -6.00
CA CYS A 103 -10.62 -15.72 -7.02
C CYS A 103 -9.52 -15.01 -7.79
N PRO A 104 -9.63 -14.90 -9.12
CA PRO A 104 -10.72 -15.37 -9.98
C PRO A 104 -10.75 -16.89 -10.09
N ALA A 105 -11.89 -17.45 -10.47
CA ALA A 105 -12.00 -18.89 -10.59
C ALA A 105 -11.10 -19.40 -11.71
N GLU A 106 -10.15 -20.26 -11.34
CA GLU A 106 -9.25 -20.90 -12.30
C GLU A 106 -9.38 -22.40 -12.14
N PHE A 107 -9.39 -23.11 -13.26
CA PHE A 107 -9.61 -24.54 -13.27
C PHE A 107 -8.41 -25.25 -13.88
N LEU A 108 -8.02 -26.36 -13.27
CA LEU A 108 -6.96 -27.23 -13.77
C LEU A 108 -7.55 -28.64 -13.78
N ASN A 109 -8.28 -28.97 -14.84
CA ASN A 109 -9.16 -30.12 -14.82
C ASN A 109 -8.38 -31.42 -14.98
N ILE A 110 -9.07 -32.52 -14.74
CA ILE A 110 -8.51 -33.87 -14.79
C ILE A 110 -9.23 -34.62 -15.89
N TYR A 111 -8.53 -34.89 -16.99
CA TYR A 111 -9.13 -35.54 -18.15
C TYR A 111 -9.05 -37.05 -17.96
N ILE A 112 -10.21 -37.68 -17.75
CA ILE A 112 -10.30 -39.11 -17.53
C ILE A 112 -9.96 -39.84 -18.82
N PRO A 113 -8.98 -40.74 -18.82
CA PRO A 113 -8.68 -41.50 -20.04
C PRO A 113 -9.86 -42.35 -20.47
N HIS A 114 -9.95 -42.57 -21.78
CA HIS A 114 -11.07 -43.31 -22.38
C HIS A 114 -11.12 -44.75 -21.87
N GLY A 115 -12.15 -45.07 -21.08
CA GLY A 115 -12.36 -46.43 -20.63
C GLY A 115 -12.11 -46.69 -19.16
N ASP A 116 -11.97 -45.65 -18.34
CA ASP A 116 -11.73 -45.83 -16.92
C ASP A 116 -12.92 -46.56 -16.28
N PRO A 117 -12.71 -47.71 -15.66
CA PRO A 117 -13.86 -48.52 -15.21
C PRO A 117 -14.68 -47.90 -14.09
N VAL A 118 -14.25 -46.76 -13.58
CA VAL A 118 -14.93 -46.09 -12.47
C VAL A 118 -15.62 -44.82 -12.93
N PHE A 119 -14.87 -43.87 -13.49
CA PHE A 119 -15.44 -42.59 -13.86
C PHE A 119 -15.94 -42.56 -15.30
N ASP A 120 -15.74 -43.63 -16.06
CA ASP A 120 -16.23 -43.71 -17.45
C ASP A 120 -16.56 -45.16 -17.76
N PRO A 121 -17.56 -45.73 -17.10
CA PRO A 121 -17.91 -47.13 -17.35
C PRO A 121 -18.52 -47.33 -18.73
N ASP A 122 -19.55 -46.54 -19.05
CA ASP A 122 -20.09 -46.49 -20.39
C ASP A 122 -19.14 -45.67 -21.25
N LYS A 123 -18.34 -46.35 -22.06
CA LYS A 123 -17.16 -45.74 -22.67
C LYS A 123 -17.50 -44.57 -23.60
N ARG A 124 -17.24 -43.35 -23.12
CA ARG A 124 -17.36 -42.14 -23.92
C ARG A 124 -15.98 -41.49 -24.02
N GLY A 125 -15.95 -40.28 -24.57
CA GLY A 125 -14.68 -39.64 -24.80
C GLY A 125 -14.24 -38.65 -23.75
N ASN A 126 -15.11 -37.71 -23.38
CA ASN A 126 -14.74 -36.58 -22.54
C ASN A 126 -15.49 -36.68 -21.22
N VAL A 127 -14.77 -37.05 -20.16
CA VAL A 127 -15.36 -37.25 -18.85
C VAL A 127 -14.67 -36.38 -17.82
N VAL A 128 -14.27 -35.17 -18.23
CA VAL A 128 -13.53 -34.22 -17.42
C VAL A 128 -14.04 -34.12 -15.99
N LEU A 129 -13.13 -34.25 -15.02
CA LEU A 129 -13.42 -33.99 -13.61
C LEU A 129 -12.93 -32.60 -13.26
N PRO A 130 -13.79 -31.70 -12.79
CA PRO A 130 -13.34 -30.34 -12.48
C PRO A 130 -12.37 -30.32 -11.30
N PHE A 131 -11.52 -29.30 -11.30
CA PHE A 131 -10.57 -29.09 -10.22
C PHE A 131 -10.17 -27.62 -10.24
N GLN A 132 -10.25 -26.96 -9.10
CA GLN A 132 -10.09 -25.52 -9.02
C GLN A 132 -8.84 -25.16 -8.24
N ARG A 133 -8.05 -24.23 -8.78
CA ARG A 133 -6.84 -23.78 -8.13
C ARG A 133 -7.18 -23.02 -6.85
N SER A 134 -6.24 -23.04 -5.90
CA SER A 134 -6.48 -22.53 -4.56
C SER A 134 -6.13 -21.04 -4.46
N ARG A 135 -6.33 -20.49 -3.27
CA ARG A 135 -6.17 -19.07 -3.04
C ARG A 135 -4.70 -18.68 -2.97
N TRP A 136 -4.39 -17.49 -3.47
CA TRP A 136 -3.02 -17.03 -3.60
C TRP A 136 -2.91 -15.61 -3.07
N ASP A 137 -1.67 -15.13 -2.99
CA ASP A 137 -1.39 -13.80 -2.44
C ASP A 137 -1.37 -12.77 -3.56
N ARG A 138 -2.05 -11.65 -3.35
CA ARG A 138 -2.30 -10.68 -4.41
C ARG A 138 -1.09 -9.81 -4.74
N ASN A 139 0.08 -10.10 -4.17
CA ASN A 139 1.28 -9.33 -4.48
C ASN A 139 2.34 -10.16 -5.15
N THR A 140 1.98 -11.31 -5.74
CA THR A 140 2.99 -12.27 -6.15
C THR A 140 2.80 -12.88 -7.54
N GLY A 141 1.76 -12.53 -8.29
CA GLY A 141 1.45 -13.30 -9.48
C GLY A 141 1.77 -12.69 -10.83
N GLN A 142 2.59 -11.65 -10.89
CA GLN A 142 2.72 -10.86 -12.12
C GLN A 142 4.02 -11.05 -12.87
N SER A 143 5.15 -11.12 -12.19
CA SER A 143 6.44 -10.98 -12.84
C SER A 143 7.38 -12.13 -12.49
N PRO A 144 8.41 -12.38 -13.30
CA PRO A 144 9.16 -13.63 -13.16
C PRO A 144 10.08 -13.69 -11.96
N SER A 145 10.58 -12.57 -11.45
CA SER A 145 11.41 -12.58 -10.26
C SER A 145 10.59 -12.51 -8.98
N ASN A 146 9.31 -12.85 -9.05
CA ASN A 146 8.41 -12.96 -7.92
C ASN A 146 7.21 -13.80 -8.33
N PRO A 147 7.36 -15.12 -8.45
CA PRO A 147 6.23 -15.97 -8.88
C PRO A 147 5.14 -16.09 -7.84
N ARG A 148 4.05 -16.78 -8.20
CA ARG A 148 2.87 -16.79 -7.36
C ARG A 148 3.09 -17.59 -6.08
N ASP A 149 2.56 -17.07 -4.97
CA ASP A 149 2.64 -17.71 -3.67
C ASP A 149 1.25 -17.86 -3.10
N GLN A 150 0.88 -19.09 -2.74
CA GLN A 150 -0.42 -19.33 -2.15
C GLN A 150 -0.44 -18.89 -0.70
N SER A 151 -1.64 -18.73 -0.15
CA SER A 151 -1.82 -18.22 1.19
C SER A 151 -2.41 -19.29 2.09
N ASN A 152 -2.07 -19.21 3.37
CA ASN A 152 -2.47 -20.20 4.37
C ASN A 152 -3.72 -19.71 5.09
N GLN A 153 -4.74 -20.55 5.17
CA GLN A 153 -6.02 -20.12 5.72
C GLN A 153 -6.09 -20.19 7.23
N VAL A 154 -5.11 -20.80 7.90
CA VAL A 154 -5.09 -20.87 9.35
C VAL A 154 -3.80 -20.25 9.87
N THR A 155 -3.61 -20.25 11.18
CA THR A 155 -2.37 -19.72 11.75
C THR A 155 -1.31 -20.79 11.76
N GLY A 156 -0.15 -20.46 11.19
CA GLY A 156 0.93 -21.42 11.06
C GLY A 156 1.57 -21.86 12.35
N TRP A 157 1.26 -21.21 13.46
CA TRP A 157 1.78 -21.65 14.75
C TRP A 157 1.05 -22.90 15.21
N LEU A 158 1.72 -23.68 16.05
CA LEU A 158 1.07 -24.81 16.72
C LEU A 158 0.44 -24.30 18.02
N ASP A 159 -0.61 -23.50 17.84
CA ASP A 159 -1.22 -22.74 18.92
C ASP A 159 -2.65 -23.16 19.19
N GLY A 160 -2.98 -24.42 18.90
CA GLY A 160 -4.35 -24.87 19.10
C GLY A 160 -5.38 -24.14 18.26
N SER A 161 -5.00 -23.71 17.06
CA SER A 161 -5.91 -23.03 16.15
C SER A 161 -6.91 -23.97 15.51
N ALA A 162 -6.95 -25.22 15.95
CA ALA A 162 -7.97 -26.17 15.52
C ALA A 162 -8.96 -26.50 16.61
N ILE A 163 -8.76 -25.97 17.82
CA ILE A 163 -9.68 -26.20 18.91
C ILE A 163 -10.48 -24.93 19.17
N TYR A 164 -9.82 -23.79 18.99
CA TYR A 164 -10.42 -22.51 19.35
C TYR A 164 -10.71 -21.59 18.18
N GLY A 165 -10.13 -21.80 17.02
CA GLY A 165 -10.39 -20.92 15.91
C GLY A 165 -9.22 -19.99 15.64
N SER A 166 -9.16 -19.49 14.41
CA SER A 166 -8.06 -18.64 13.97
C SER A 166 -8.40 -17.16 14.03
N SER A 167 -9.44 -16.78 14.75
CA SER A 167 -9.76 -15.39 14.99
C SER A 167 -10.54 -15.27 16.28
N HIS A 168 -10.62 -14.05 16.79
CA HIS A 168 -11.33 -13.82 18.04
C HIS A 168 -12.83 -13.91 17.85
N SER A 169 -13.34 -13.38 16.74
CA SER A 169 -14.77 -13.46 16.45
C SER A 169 -15.21 -14.89 16.20
N TRP A 170 -14.31 -15.75 15.71
CA TRP A 170 -14.64 -17.16 15.58
C TRP A 170 -14.73 -17.83 16.94
N SER A 171 -13.74 -17.57 17.80
CA SER A 171 -13.75 -18.19 19.13
C SER A 171 -14.94 -17.74 19.95
N ASP A 172 -15.46 -16.54 19.68
CA ASP A 172 -16.62 -16.05 20.42
C ASP A 172 -17.86 -16.89 20.14
N THR A 173 -18.00 -17.43 18.92
CA THR A 173 -19.14 -18.27 18.58
C THR A 173 -19.01 -19.69 19.09
N LEU A 174 -17.90 -20.03 19.74
CA LEU A 174 -17.71 -21.36 20.29
C LEU A 174 -17.88 -21.40 21.80
N ARG A 175 -17.87 -20.26 22.47
CA ARG A 175 -17.94 -20.20 23.92
C ARG A 175 -19.38 -20.03 24.39
N SER A 176 -19.64 -20.51 25.61
CA SER A 176 -20.92 -20.29 26.26
C SER A 176 -20.89 -19.09 27.20
N PHE A 177 -19.70 -18.60 27.54
CA PHE A 177 -19.54 -17.45 28.42
C PHE A 177 -20.18 -17.70 29.79
N SER A 178 -20.03 -18.91 30.28
CA SER A 178 -20.53 -19.28 31.60
C SER A 178 -19.74 -20.49 32.07
N GLY A 179 -18.91 -20.29 33.08
CA GLY A 179 -18.05 -21.34 33.59
C GLY A 179 -16.74 -21.47 32.86
N GLY A 180 -16.47 -20.62 31.88
CA GLY A 180 -15.24 -20.71 31.13
C GLY A 180 -15.17 -21.89 30.21
N GLN A 181 -16.30 -22.28 29.63
CA GLN A 181 -16.39 -23.49 28.85
C GLN A 181 -16.75 -23.17 27.40
N LEU A 182 -16.51 -24.13 26.53
CA LEU A 182 -16.95 -24.06 25.15
C LEU A 182 -18.41 -24.48 25.07
N ALA A 183 -19.12 -23.90 24.11
CA ALA A 183 -20.56 -24.11 24.02
C ALA A 183 -20.88 -25.56 23.72
N SER A 184 -21.99 -26.03 24.27
CA SER A 184 -22.40 -27.42 24.14
C SER A 184 -23.82 -27.47 23.59
N GLY A 185 -24.33 -28.69 23.43
CA GLY A 185 -25.66 -28.88 22.93
C GLY A 185 -26.55 -29.56 23.95
N PRO A 186 -27.63 -30.19 23.49
CA PRO A 186 -28.46 -30.99 24.41
C PRO A 186 -27.67 -31.99 25.23
N ASP A 187 -26.65 -32.59 24.62
CA ASP A 187 -25.76 -33.50 25.33
C ASP A 187 -24.47 -32.76 25.66
N PRO A 188 -24.07 -32.69 26.94
CA PRO A 188 -22.86 -31.94 27.28
C PRO A 188 -21.57 -32.53 26.74
N ALA A 189 -21.64 -33.62 25.98
CA ALA A 189 -20.46 -34.28 25.44
C ALA A 189 -20.26 -34.00 23.96
N PHE A 190 -21.05 -33.12 23.37
CA PHE A 190 -20.95 -32.78 21.96
C PHE A 190 -21.08 -31.27 21.81
N PRO A 191 -20.40 -30.69 20.82
CA PRO A 191 -20.56 -29.25 20.60
C PRO A 191 -21.94 -28.90 20.10
N SER A 192 -22.18 -27.62 19.83
CA SER A 192 -23.47 -27.16 19.34
C SER A 192 -23.36 -26.83 17.86
N ASP A 193 -24.30 -27.34 17.07
CA ASP A 193 -24.35 -27.08 15.64
C ASP A 193 -25.26 -25.93 15.28
N SER A 194 -25.47 -24.98 16.20
CA SER A 194 -26.43 -23.92 15.99
C SER A 194 -26.01 -22.98 14.86
N GLN A 195 -24.81 -22.42 14.95
CA GLN A 195 -24.33 -21.54 13.88
C GLN A 195 -24.13 -22.33 12.60
N SER A 196 -24.76 -21.88 11.53
CA SER A 196 -24.87 -22.67 10.31
C SER A 196 -24.61 -21.88 9.04
N SER A 197 -24.30 -20.59 9.12
CA SER A 197 -24.19 -19.77 7.93
C SER A 197 -22.75 -19.53 7.49
N LEU A 198 -21.89 -19.04 8.39
CA LEU A 198 -20.53 -18.69 8.00
C LEU A 198 -19.47 -19.32 8.89
N LEU A 199 -19.79 -20.43 9.57
CA LEU A 199 -18.80 -21.07 10.43
C LEU A 199 -18.18 -22.29 9.78
N MET A 200 -18.96 -23.32 9.49
CA MET A 200 -18.40 -24.61 9.13
C MET A 200 -18.59 -24.87 7.64
N TRP A 201 -18.04 -26.01 7.20
CA TRP A 201 -18.06 -26.40 5.79
C TRP A 201 -19.25 -27.34 5.60
N MET A 202 -20.25 -26.88 4.86
CA MET A 202 -21.50 -27.62 4.70
C MET A 202 -21.48 -28.49 3.45
N ALA A 203 -20.46 -29.31 3.30
CA ALA A 203 -20.38 -30.17 2.13
C ALA A 203 -21.39 -31.31 2.25
N PRO A 204 -21.98 -31.76 1.14
CA PRO A 204 -23.00 -32.80 1.22
C PRO A 204 -22.40 -34.16 1.51
N ASP A 205 -23.23 -35.05 2.02
CA ASP A 205 -22.84 -36.43 2.22
C ASP A 205 -22.85 -37.16 0.89
N PRO A 206 -21.72 -37.71 0.43
CA PRO A 206 -21.70 -38.33 -0.90
C PRO A 206 -22.55 -39.57 -1.02
N SER A 207 -22.77 -40.29 0.07
CA SER A 207 -23.49 -41.57 -0.01
C SER A 207 -25.00 -41.41 0.06
N THR A 208 -25.51 -40.27 0.52
CA THR A 208 -26.94 -40.03 0.59
C THR A 208 -27.39 -38.70 0.01
N GLY A 209 -26.52 -37.72 -0.12
CA GLY A 209 -26.91 -36.42 -0.64
C GLY A 209 -27.39 -35.45 0.39
N GLN A 210 -27.48 -35.85 1.66
CA GLN A 210 -27.88 -34.94 2.72
C GLN A 210 -26.91 -33.77 2.81
N GLY A 211 -27.45 -32.58 3.03
CA GLY A 211 -26.61 -31.39 3.03
C GLY A 211 -27.02 -30.31 4.02
N GLY A 212 -27.83 -30.67 5.00
CA GLY A 212 -28.28 -29.72 5.98
C GLY A 212 -27.21 -29.43 7.01
N PRO A 213 -27.43 -28.37 7.79
CA PRO A 213 -26.52 -28.06 8.88
C PRO A 213 -26.79 -28.81 10.17
N ARG A 214 -27.76 -29.73 10.19
CA ARG A 214 -28.07 -30.46 11.40
C ARG A 214 -27.11 -31.63 11.56
N GLY A 215 -26.33 -31.61 12.63
CA GLY A 215 -25.31 -32.62 12.85
C GLY A 215 -23.91 -32.21 12.47
N VAL A 216 -23.72 -30.96 12.06
CA VAL A 216 -22.41 -30.44 11.70
C VAL A 216 -21.92 -29.66 12.91
N TYR A 217 -21.16 -30.33 13.78
CA TYR A 217 -20.67 -29.71 14.99
C TYR A 217 -19.78 -28.51 14.68
N ALA A 218 -19.58 -27.67 15.67
CA ALA A 218 -18.78 -26.47 15.54
C ALA A 218 -17.44 -26.71 16.21
N PHE A 219 -16.37 -26.68 15.43
CA PHE A 219 -15.01 -26.85 15.90
C PHE A 219 -14.20 -25.60 15.56
N GLY A 220 -12.91 -25.67 15.79
CA GLY A 220 -12.04 -24.57 15.42
C GLY A 220 -11.54 -24.68 14.00
N ALA A 221 -11.60 -25.87 13.44
CA ALA A 221 -11.22 -26.13 12.06
C ALA A 221 -12.45 -26.18 11.19
N GLN A 222 -12.42 -25.45 10.07
CA GLN A 222 -13.61 -25.30 9.24
C GLN A 222 -14.06 -26.64 8.65
N ARG A 223 -13.15 -27.58 8.49
CA ARG A 223 -13.46 -28.87 7.87
C ARG A 223 -13.23 -30.02 8.84
N GLY A 224 -13.69 -29.86 10.08
CA GLY A 224 -13.48 -30.88 11.09
C GLY A 224 -14.46 -32.02 11.08
N ASN A 225 -15.50 -31.94 10.24
CA ASN A 225 -16.51 -32.98 10.12
C ASN A 225 -16.28 -33.88 8.92
N ARG A 226 -15.06 -33.87 8.37
CA ARG A 226 -14.80 -34.61 7.14
C ARG A 226 -15.03 -36.10 7.32
N GLU A 227 -14.65 -36.65 8.47
CA GLU A 227 -14.83 -38.05 8.78
C GLU A 227 -15.20 -38.19 10.24
N PRO A 228 -15.85 -39.28 10.63
CA PRO A 228 -16.07 -39.52 12.06
C PRO A 228 -14.78 -39.72 12.82
N PHE A 229 -13.72 -40.17 12.15
CA PHE A 229 -12.46 -40.45 12.81
C PHE A 229 -11.65 -39.19 13.05
N LEU A 230 -11.82 -38.17 12.21
CA LEU A 230 -11.28 -36.85 12.52
C LEU A 230 -12.19 -36.07 13.45
N GLN A 231 -13.49 -36.42 13.48
CA GLN A 231 -14.39 -35.81 14.45
C GLN A 231 -14.11 -36.30 15.85
N ALA A 232 -13.68 -37.55 16.01
CA ALA A 232 -13.41 -38.08 17.34
C ALA A 232 -12.31 -37.30 18.04
N LEU A 233 -11.30 -36.85 17.30
CA LEU A 233 -10.23 -36.09 17.91
C LEU A 233 -10.70 -34.70 18.32
N GLY A 234 -11.52 -34.07 17.49
CA GLY A 234 -12.10 -32.79 17.87
C GLY A 234 -12.99 -32.90 19.09
N LEU A 235 -13.75 -33.98 19.19
CA LEU A 235 -14.58 -34.19 20.37
C LEU A 235 -13.72 -34.44 21.60
N LEU A 236 -12.60 -35.13 21.42
CA LEU A 236 -11.67 -35.34 22.53
C LEU A 236 -11.14 -34.02 23.06
N TRP A 237 -10.69 -33.14 22.16
CA TRP A 237 -10.11 -31.89 22.61
C TRP A 237 -11.16 -30.86 23.03
N PHE A 238 -12.42 -31.06 22.66
CA PHE A 238 -13.50 -30.25 23.20
C PHE A 238 -13.84 -30.68 24.62
N ARG A 239 -14.02 -31.98 24.83
CA ARG A 239 -14.30 -32.48 26.16
C ARG A 239 -13.16 -32.22 27.14
N TYR A 240 -11.92 -32.20 26.65
CA TYR A 240 -10.80 -31.97 27.56
C TYR A 240 -10.77 -30.53 28.05
N HIS A 241 -11.05 -29.57 27.18
CA HIS A 241 -11.17 -28.19 27.65
C HIS A 241 -12.29 -28.07 28.66
N ASN A 242 -13.48 -28.57 28.33
CA ASN A 242 -14.58 -28.49 29.28
C ASN A 242 -14.30 -29.25 30.57
N LEU A 243 -13.32 -30.15 30.57
CA LEU A 243 -12.92 -30.83 31.79
C LEU A 243 -11.89 -30.06 32.59
N CYS A 244 -10.98 -29.35 31.92
CA CYS A 244 -10.00 -28.54 32.63
C CYS A 244 -10.64 -27.30 33.25
N ALA A 245 -11.48 -26.60 32.47
CA ALA A 245 -12.16 -25.42 32.98
C ALA A 245 -13.17 -25.75 34.06
N ARG A 246 -13.40 -27.02 34.35
CA ARG A 246 -14.32 -27.43 35.40
C ARG A 246 -13.61 -27.88 36.65
N LYS A 247 -12.29 -28.06 36.59
CA LYS A 247 -11.50 -28.33 37.77
C LYS A 247 -10.90 -27.06 38.35
N LEU A 248 -10.71 -26.04 37.51
CA LEU A 248 -10.26 -24.74 38.01
C LEU A 248 -11.37 -24.06 38.79
N ALA A 249 -12.61 -24.15 38.31
CA ALA A 249 -13.75 -23.62 39.03
C ALA A 249 -14.00 -24.33 40.35
N GLN A 250 -13.35 -25.46 40.57
CA GLN A 250 -13.46 -26.16 41.84
C GLN A 250 -12.35 -25.76 42.81
N GLU A 251 -11.25 -25.24 42.31
CA GLU A 251 -10.14 -24.78 43.13
C GLU A 251 -10.18 -23.29 43.39
N HIS A 252 -10.62 -22.50 42.42
CA HIS A 252 -10.73 -21.05 42.53
C HIS A 252 -12.18 -20.67 42.33
N PRO A 253 -13.02 -20.83 43.36
CA PRO A 253 -14.45 -20.53 43.20
C PRO A 253 -14.77 -19.06 43.03
N HIS A 254 -13.78 -18.17 43.07
CA HIS A 254 -14.03 -16.74 42.93
C HIS A 254 -13.60 -16.20 41.57
N TRP A 255 -13.11 -17.04 40.68
CA TRP A 255 -12.72 -16.60 39.36
C TRP A 255 -13.95 -16.39 38.47
N GLY A 256 -13.81 -15.48 37.52
CA GLY A 256 -14.88 -15.18 36.59
C GLY A 256 -15.00 -16.23 35.52
N ASP A 257 -15.45 -15.80 34.35
CA ASP A 257 -15.53 -16.67 33.18
C ASP A 257 -14.35 -16.49 32.24
N GLU A 258 -13.86 -15.25 32.08
CA GLU A 258 -12.70 -15.04 31.24
C GLU A 258 -11.44 -15.60 31.87
N GLU A 259 -11.34 -15.55 33.20
CA GLU A 259 -10.18 -16.13 33.87
C GLU A 259 -10.16 -17.65 33.70
N LEU A 260 -11.30 -18.29 33.89
CA LEU A 260 -11.37 -19.74 33.75
C LEU A 260 -11.05 -20.16 32.32
N PHE A 261 -11.59 -19.46 31.33
CA PHE A 261 -11.32 -19.81 29.95
C PHE A 261 -9.86 -19.59 29.60
N GLN A 262 -9.29 -18.45 29.98
CA GLN A 262 -7.91 -18.19 29.60
C GLN A 262 -6.91 -19.01 30.39
N HIS A 263 -7.32 -19.59 31.52
CA HIS A 263 -6.45 -20.50 32.24
C HIS A 263 -6.56 -21.93 31.74
N ALA A 264 -7.73 -22.35 31.25
CA ALA A 264 -7.85 -23.68 30.70
C ALA A 264 -7.31 -23.75 29.29
N ARG A 265 -7.47 -22.68 28.51
CA ARG A 265 -6.93 -22.64 27.16
C ARG A 265 -5.42 -22.76 27.16
N LYS A 266 -4.77 -22.10 28.11
CA LYS A 266 -3.32 -22.16 28.22
C LYS A 266 -2.84 -23.58 28.46
N ARG A 267 -3.47 -24.27 29.41
CA ARG A 267 -3.08 -25.64 29.73
C ARG A 267 -3.36 -26.59 28.57
N VAL A 268 -4.47 -26.39 27.87
CA VAL A 268 -4.82 -27.27 26.76
C VAL A 268 -3.84 -27.08 25.61
N ILE A 269 -3.49 -25.83 25.30
CA ILE A 269 -2.52 -25.59 24.23
C ILE A 269 -1.17 -26.19 24.59
N ALA A 270 -0.74 -26.06 25.84
CA ALA A 270 0.54 -26.62 26.22
C ALA A 270 0.54 -28.14 26.15
N THR A 271 -0.52 -28.79 26.60
CA THR A 271 -0.59 -30.24 26.50
C THR A 271 -0.61 -30.69 25.05
N TYR A 272 -1.35 -29.97 24.20
CA TYR A 272 -1.39 -30.29 22.78
C TYR A 272 -0.01 -30.19 22.16
N GLN A 273 0.73 -29.12 22.48
CA GLN A 273 2.08 -28.97 21.93
C GLN A 273 2.99 -30.08 22.40
N ASN A 274 2.94 -30.41 23.69
CA ASN A 274 3.78 -31.50 24.19
C ASN A 274 3.53 -32.79 23.43
N ILE A 275 2.26 -33.16 23.26
CA ILE A 275 1.97 -34.43 22.59
C ILE A 275 2.38 -34.36 21.13
N ALA A 276 1.91 -33.34 20.41
CA ALA A 276 2.18 -33.24 18.97
C ALA A 276 3.66 -33.16 18.66
N MET A 277 4.50 -32.74 19.60
CA MET A 277 5.92 -32.61 19.29
C MET A 277 6.77 -33.76 19.82
N TYR A 278 6.47 -34.28 21.01
CA TYR A 278 7.35 -35.27 21.63
C TYR A 278 6.71 -36.65 21.72
N GLU A 279 5.54 -36.85 21.14
CA GLU A 279 5.00 -38.20 21.11
C GLU A 279 4.54 -38.62 19.73
N TRP A 280 3.99 -37.71 18.93
CA TRP A 280 3.58 -38.07 17.58
C TRP A 280 4.74 -38.00 16.60
N LEU A 281 5.49 -36.91 16.62
CA LEU A 281 6.63 -36.78 15.72
C LEU A 281 7.64 -37.91 15.88
N PRO A 282 8.06 -38.30 17.08
CA PRO A 282 8.99 -39.44 17.19
C PRO A 282 8.43 -40.75 16.67
N SER A 283 7.12 -40.84 16.45
CA SER A 283 6.52 -42.06 15.88
C SER A 283 6.37 -41.96 14.38
N PHE A 284 6.04 -40.77 13.87
CA PHE A 284 5.91 -40.58 12.44
C PHE A 284 7.25 -40.76 11.74
N LEU A 285 8.30 -40.13 12.27
CA LEU A 285 9.60 -40.15 11.62
C LEU A 285 10.52 -41.23 12.15
N LYS A 286 10.24 -41.79 13.32
CA LYS A 286 11.16 -42.68 14.02
C LYS A 286 12.47 -41.98 14.38
N GLN A 287 12.42 -40.66 14.53
CA GLN A 287 13.58 -39.86 14.93
C GLN A 287 13.15 -38.90 16.03
N THR A 288 13.83 -38.96 17.17
CA THR A 288 13.54 -38.04 18.25
C THR A 288 14.10 -36.66 17.92
N PRO A 289 13.30 -35.61 18.00
CA PRO A 289 13.80 -34.27 17.69
C PRO A 289 14.81 -33.80 18.73
N PRO A 290 15.68 -32.87 18.38
CA PRO A 290 16.65 -32.38 19.36
C PRO A 290 15.97 -31.57 20.45
N GLU A 291 16.59 -31.54 21.62
CA GLU A 291 15.99 -30.90 22.77
C GLU A 291 15.93 -29.38 22.58
N TYR A 292 15.07 -28.75 23.37
CA TYR A 292 14.78 -27.34 23.22
C TYR A 292 16.01 -26.51 23.54
N PRO A 293 16.51 -25.70 22.61
CA PRO A 293 17.68 -24.87 22.91
C PRO A 293 17.32 -23.54 23.54
N GLY A 294 16.14 -23.02 23.23
CA GLY A 294 15.70 -21.72 23.68
C GLY A 294 15.04 -20.98 22.55
N TYR A 295 14.34 -19.92 22.89
CA TYR A 295 13.59 -19.16 21.89
C TYR A 295 14.55 -18.42 20.96
N ARG A 296 14.44 -18.70 19.66
CA ARG A 296 15.24 -18.03 18.64
C ARG A 296 14.39 -16.99 17.95
N PRO A 297 14.50 -15.70 18.30
CA PRO A 297 13.65 -14.69 17.68
C PRO A 297 13.87 -14.50 16.19
N PHE A 298 14.92 -15.08 15.62
CA PHE A 298 15.28 -14.84 14.23
C PHE A 298 15.00 -16.01 13.32
N LEU A 299 14.66 -17.17 13.85
CA LEU A 299 14.26 -18.29 13.01
C LEU A 299 12.94 -17.98 12.32
N ASP A 300 12.89 -18.26 11.02
CA ASP A 300 11.66 -18.06 10.25
C ASP A 300 10.82 -19.32 10.35
N PRO A 301 9.62 -19.24 10.94
CA PRO A 301 8.81 -20.45 11.16
C PRO A 301 7.79 -20.75 10.07
N SER A 302 7.86 -20.07 8.93
CA SER A 302 6.80 -20.16 7.92
C SER A 302 6.65 -21.59 7.42
N ILE A 303 5.48 -21.86 6.86
CA ILE A 303 5.14 -23.16 6.32
C ILE A 303 5.51 -23.18 4.84
N SER A 304 6.12 -24.24 4.41
CA SER A 304 6.49 -24.34 3.01
C SER A 304 5.48 -25.20 2.25
N PRO A 305 5.29 -24.96 0.95
CA PRO A 305 4.38 -25.80 0.18
C PRO A 305 4.82 -27.25 0.09
N GLU A 306 6.12 -27.53 0.19
CA GLU A 306 6.58 -28.90 0.20
C GLU A 306 6.19 -29.64 1.47
N PHE A 307 5.93 -28.91 2.54
CA PHE A 307 5.49 -29.54 3.79
C PHE A 307 4.06 -30.06 3.67
N VAL A 308 3.24 -29.44 2.83
CA VAL A 308 1.90 -29.94 2.60
C VAL A 308 1.92 -31.31 1.96
N VAL A 309 2.95 -31.59 1.16
CA VAL A 309 3.06 -32.89 0.50
C VAL A 309 3.77 -33.89 1.39
N ALA A 310 4.83 -33.47 2.07
CA ALA A 310 5.62 -34.39 2.88
C ALA A 310 4.82 -34.95 4.05
N SER A 311 3.89 -34.16 4.61
CA SER A 311 3.15 -34.55 5.79
C SER A 311 1.74 -35.02 5.47
N GLU A 312 0.93 -34.15 4.86
CA GLU A 312 -0.50 -34.41 4.77
C GLU A 312 -0.85 -35.37 3.64
N GLN A 313 -0.29 -35.15 2.45
CA GLN A 313 -0.58 -36.02 1.33
C GLN A 313 0.10 -37.37 1.45
N PHE A 314 1.08 -37.51 2.36
CA PHE A 314 1.71 -38.80 2.54
C PHE A 314 0.89 -39.72 3.44
N LEU A 315 0.12 -39.14 4.37
CA LEU A 315 -0.61 -39.95 5.34
C LEU A 315 -1.66 -40.84 4.69
N SER A 316 -2.03 -40.57 3.44
CA SER A 316 -3.06 -41.36 2.78
C SER A 316 -2.62 -42.77 2.47
N THR A 317 -1.32 -43.04 2.45
CA THR A 317 -0.84 -44.39 2.23
C THR A 317 -1.11 -45.30 3.40
N MET A 318 -1.51 -44.76 4.55
CA MET A 318 -1.72 -45.52 5.77
C MET A 318 -3.17 -45.62 6.19
N VAL A 319 -4.06 -44.84 5.59
CA VAL A 319 -5.48 -44.88 5.97
C VAL A 319 -6.06 -46.25 5.63
N PRO A 320 -6.76 -46.91 6.53
CA PRO A 320 -7.32 -48.22 6.22
C PRO A 320 -8.65 -48.09 5.49
N SER A 321 -9.29 -49.24 5.27
CA SER A 321 -10.59 -49.26 4.62
C SER A 321 -11.74 -49.32 5.62
N GLY A 322 -11.54 -49.94 6.78
CA GLY A 322 -12.54 -49.95 7.82
C GLY A 322 -11.89 -49.63 9.16
N VAL A 323 -12.73 -49.20 10.10
CA VAL A 323 -12.28 -48.80 11.42
C VAL A 323 -13.11 -49.54 12.47
N TYR A 324 -12.46 -50.11 13.47
CA TYR A 324 -13.14 -50.90 14.48
C TYR A 324 -13.80 -50.00 15.52
N MET A 325 -14.50 -50.65 16.46
CA MET A 325 -15.02 -50.03 17.67
C MET A 325 -14.86 -51.02 18.80
N ARG A 326 -14.53 -50.53 20.00
CA ARG A 326 -14.13 -51.42 21.07
C ARG A 326 -14.80 -51.05 22.39
N ASN A 327 -15.05 -52.07 23.20
CA ASN A 327 -15.50 -51.93 24.57
C ASN A 327 -14.42 -51.29 25.42
N ALA A 328 -14.70 -51.14 26.70
CA ALA A 328 -13.63 -50.81 27.64
C ALA A 328 -12.83 -52.03 28.04
N SER A 329 -13.36 -53.24 27.85
CA SER A 329 -12.65 -54.48 28.15
C SER A 329 -12.76 -55.43 26.95
N CYS A 330 -11.91 -55.19 25.95
CA CYS A 330 -11.65 -56.12 24.84
C CYS A 330 -12.92 -56.78 24.30
N HIS A 331 -13.83 -55.96 23.79
CA HIS A 331 -14.99 -56.46 23.05
C HIS A 331 -15.18 -55.56 21.84
N PHE A 332 -15.18 -56.16 20.65
CA PHE A 332 -15.01 -55.42 19.42
C PHE A 332 -16.29 -55.25 18.60
N GLN A 333 -17.36 -55.95 18.93
CA GLN A 333 -18.52 -55.92 18.05
C GLN A 333 -19.27 -54.59 18.18
N GLY A 334 -18.64 -53.51 17.76
CA GLY A 334 -19.25 -52.20 17.80
C GLY A 334 -19.69 -51.80 19.19
N ILE A 335 -18.79 -51.95 20.16
CA ILE A 335 -19.06 -51.68 21.57
C ILE A 335 -20.19 -52.58 22.06
N SER A 343 -19.49 -57.05 9.22
CA SER A 343 -18.83 -56.81 10.49
C SER A 343 -19.20 -55.43 11.04
N GLY A 344 -18.73 -55.14 12.24
CA GLY A 344 -19.04 -53.89 12.91
C GLY A 344 -18.10 -52.75 12.61
N ALA A 345 -17.23 -52.89 11.62
CA ALA A 345 -16.33 -51.81 11.24
C ALA A 345 -17.06 -50.77 10.42
N LEU A 346 -16.56 -49.55 10.46
CA LEU A 346 -17.13 -48.44 9.70
C LEU A 346 -16.41 -48.33 8.36
N ARG A 347 -17.16 -48.41 7.27
CA ARG A 347 -16.59 -48.19 5.95
C ARG A 347 -16.21 -46.72 5.79
N VAL A 348 -15.00 -46.48 5.30
CA VAL A 348 -14.51 -45.11 5.25
C VAL A 348 -15.13 -44.33 4.11
N CYS A 349 -15.46 -44.99 2.99
CA CYS A 349 -16.03 -44.27 1.86
C CYS A 349 -17.48 -43.86 2.13
N ASN A 350 -18.20 -44.62 2.94
CA ASN A 350 -19.58 -44.33 3.28
C ASN A 350 -19.72 -43.40 4.48
N SER A 351 -18.63 -42.81 4.96
CA SER A 351 -18.67 -42.00 6.16
C SER A 351 -18.18 -40.58 5.94
N TYR A 352 -17.91 -40.18 4.70
CA TYR A 352 -17.45 -38.82 4.45
C TYR A 352 -18.59 -37.85 4.70
N TRP A 353 -18.29 -36.77 5.43
CA TRP A 353 -19.26 -35.73 5.75
C TRP A 353 -20.56 -36.30 6.28
N SER A 354 -20.45 -37.33 7.12
CA SER A 354 -21.62 -37.94 7.73
C SER A 354 -22.30 -36.95 8.67
N ARG A 355 -23.62 -36.94 8.65
CA ARG A 355 -24.37 -35.93 9.41
C ARG A 355 -24.73 -36.42 10.80
N GLU A 356 -25.52 -37.50 10.90
CA GLU A 356 -25.92 -38.06 12.18
C GLU A 356 -25.74 -39.56 12.06
N HIS A 357 -24.55 -40.05 12.39
CA HIS A 357 -24.26 -41.46 12.25
C HIS A 357 -25.06 -42.24 13.29
N PRO A 358 -25.82 -43.26 12.90
CA PRO A 358 -26.59 -44.03 13.88
C PRO A 358 -25.75 -44.84 14.86
N LYS A 359 -24.42 -44.82 14.73
CA LYS A 359 -23.55 -45.54 15.64
C LYS A 359 -22.73 -44.64 16.55
N LEU A 360 -22.77 -43.33 16.33
CA LEU A 360 -21.92 -42.36 17.03
C LEU A 360 -22.75 -41.21 17.57
N GLN A 361 -23.85 -41.55 18.24
CA GLN A 361 -24.76 -40.54 18.76
C GLN A 361 -24.68 -40.36 20.27
N ARG A 362 -24.13 -41.32 21.00
CA ARG A 362 -23.92 -41.17 22.43
C ARG A 362 -22.46 -40.81 22.70
N ALA A 363 -22.12 -40.65 23.97
CA ALA A 363 -20.72 -40.38 24.32
C ALA A 363 -19.93 -41.67 24.44
N GLU A 364 -20.55 -42.72 24.98
CA GLU A 364 -19.90 -44.02 25.05
C GLU A 364 -19.53 -44.55 23.66
N ASP A 365 -20.28 -44.14 22.63
CA ASP A 365 -19.98 -44.59 21.27
C ASP A 365 -18.72 -43.93 20.74
N VAL A 366 -18.54 -42.63 21.00
CA VAL A 366 -17.30 -41.99 20.58
C VAL A 366 -16.12 -42.52 21.38
N ASP A 367 -16.34 -42.82 22.66
CA ASP A 367 -15.29 -43.48 23.44
C ASP A 367 -14.90 -44.82 22.83
N ALA A 368 -15.89 -45.58 22.38
CA ALA A 368 -15.62 -46.86 21.75
C ALA A 368 -14.86 -46.68 20.45
N LEU A 369 -15.17 -45.63 19.69
CA LEU A 369 -14.43 -45.37 18.47
C LEU A 369 -12.98 -45.05 18.75
N LEU A 370 -12.71 -44.23 19.76
CA LEU A 370 -11.33 -43.87 20.07
C LEU A 370 -10.53 -45.09 20.55
N LEU A 371 -11.15 -45.95 21.36
CA LEU A 371 -10.45 -47.14 21.82
C LEU A 371 -10.20 -48.12 20.68
N GLY A 372 -11.18 -48.31 19.80
CA GLY A 372 -10.97 -49.21 18.67
C GLY A 372 -9.92 -48.69 17.71
N MET A 373 -9.88 -47.38 17.50
CA MET A 373 -8.80 -46.80 16.72
C MET A 373 -7.45 -46.97 17.41
N ALA A 374 -7.44 -46.99 18.75
CA ALA A 374 -6.18 -47.12 19.46
C ALA A 374 -5.62 -48.53 19.38
N SER A 375 -6.47 -49.54 19.20
CA SER A 375 -5.99 -50.92 19.16
C SER A 375 -6.06 -51.52 17.76
N GLN A 376 -5.95 -50.72 16.71
CA GLN A 376 -6.03 -51.18 15.34
C GLN A 376 -4.82 -50.70 14.56
N ILE A 377 -4.11 -51.63 13.94
CA ILE A 377 -2.88 -51.30 13.21
C ILE A 377 -3.22 -50.75 11.84
N ALA A 378 -2.51 -49.71 11.43
CA ALA A 378 -2.82 -48.99 10.20
C ALA A 378 -2.25 -49.75 9.00
N GLU A 379 -2.28 -49.11 7.84
CA GLU A 379 -1.82 -49.69 6.59
C GLU A 379 -0.33 -49.50 6.40
N ARG A 380 0.25 -50.31 5.52
CA ARG A 380 1.67 -50.25 5.24
C ARG A 380 2.03 -48.93 4.57
N GLU A 381 3.22 -48.43 4.89
CA GLU A 381 3.72 -47.17 4.33
C GLU A 381 4.45 -47.47 3.04
N ASP A 382 3.78 -47.28 1.91
CA ASP A 382 4.36 -47.55 0.60
C ASP A 382 3.59 -46.71 -0.42
N HIS A 383 3.73 -47.06 -1.70
CA HIS A 383 3.06 -46.32 -2.76
C HIS A 383 1.58 -46.64 -2.86
N VAL A 384 1.16 -47.85 -2.45
CA VAL A 384 -0.22 -48.28 -2.60
C VAL A 384 -1.13 -47.45 -1.70
N VAL A 385 -2.32 -47.12 -2.21
CA VAL A 385 -3.34 -46.38 -1.47
C VAL A 385 -4.67 -47.10 -1.66
N VAL A 386 -5.47 -47.17 -0.59
CA VAL A 386 -6.73 -47.91 -0.65
C VAL A 386 -7.72 -47.18 -1.57
N GLU A 387 -8.72 -47.94 -2.04
CA GLU A 387 -9.66 -47.41 -3.02
C GLU A 387 -10.61 -46.39 -2.42
N ASP A 388 -10.79 -46.40 -1.10
CA ASP A 388 -11.68 -45.44 -0.45
C ASP A 388 -11.19 -44.01 -0.55
N MET A 389 -10.05 -43.77 -1.16
CA MET A 389 -9.49 -42.44 -1.33
C MET A 389 -9.19 -42.11 -2.78
N GLN A 390 -8.75 -43.07 -3.57
CA GLN A 390 -8.42 -42.81 -4.96
C GLN A 390 -9.58 -43.09 -5.90
N ASP A 391 -10.68 -43.62 -5.40
CA ASP A 391 -11.89 -43.81 -6.21
C ASP A 391 -13.10 -43.10 -5.65
N PHE A 392 -13.24 -43.05 -4.33
CA PHE A 392 -14.47 -42.60 -3.70
C PHE A 392 -14.24 -41.40 -2.79
N TRP A 393 -13.29 -40.55 -3.10
CA TRP A 393 -13.11 -39.34 -2.33
C TRP A 393 -14.26 -38.37 -2.63
N PRO A 394 -14.79 -37.68 -1.61
CA PRO A 394 -15.91 -36.77 -1.86
C PRO A 394 -15.53 -35.63 -2.79
N GLY A 395 -16.19 -35.58 -3.95
CA GLY A 395 -15.88 -34.61 -4.96
C GLY A 395 -16.48 -33.25 -4.70
N PRO A 396 -15.73 -32.21 -4.99
CA PRO A 396 -16.21 -30.85 -4.66
C PRO A 396 -17.05 -30.22 -5.77
N LEU A 397 -16.98 -30.76 -6.98
CA LEU A 397 -17.69 -30.17 -8.11
C LEU A 397 -18.31 -31.26 -8.97
N LYS A 398 -19.64 -31.23 -9.09
CA LYS A 398 -20.35 -31.85 -10.19
C LYS A 398 -20.34 -33.38 -10.20
N PHE A 399 -19.62 -34.02 -9.29
CA PHE A 399 -19.49 -35.47 -9.43
C PHE A 399 -19.78 -36.25 -8.16
N SER A 400 -19.56 -35.65 -6.99
CA SER A 400 -19.79 -36.28 -5.69
C SER A 400 -18.76 -37.35 -5.37
N ARG A 401 -17.92 -37.69 -6.33
CA ARG A 401 -16.78 -38.56 -6.11
C ARG A 401 -15.65 -38.06 -6.98
N THR A 402 -14.42 -38.26 -6.51
CA THR A 402 -13.27 -37.80 -7.26
C THR A 402 -12.11 -38.75 -6.97
N ASP A 403 -10.91 -38.33 -7.33
CA ASP A 403 -9.70 -39.09 -7.07
C ASP A 403 -8.80 -38.24 -6.19
N TYR A 404 -8.47 -38.73 -4.99
CA TYR A 404 -7.67 -37.93 -4.09
C TYR A 404 -6.24 -37.81 -4.59
N LEU A 405 -5.69 -38.89 -5.15
CA LEU A 405 -4.31 -38.85 -5.64
C LEU A 405 -4.21 -38.01 -6.90
N ALA A 406 -5.16 -38.17 -7.82
CA ALA A 406 -5.13 -37.36 -9.03
C ALA A 406 -5.35 -35.89 -8.72
N SER A 407 -6.03 -35.58 -7.62
CA SER A 407 -6.21 -34.20 -7.20
C SER A 407 -5.11 -33.71 -6.27
N CYS A 408 -4.26 -34.61 -5.79
CA CYS A 408 -3.04 -34.23 -5.11
C CYS A 408 -1.89 -33.98 -6.07
N LEU A 409 -1.85 -34.72 -7.18
CA LEU A 409 -0.91 -34.40 -8.23
C LEU A 409 -1.25 -33.06 -8.88
N GLN A 410 -2.54 -32.80 -9.10
CA GLN A 410 -2.94 -31.54 -9.69
C GLN A 410 -2.74 -30.36 -8.74
N ARG A 411 -2.67 -30.61 -7.45
CA ARG A 411 -2.41 -29.51 -6.53
C ARG A 411 -0.92 -29.22 -6.40
N GLY A 412 -0.08 -30.24 -6.54
CA GLY A 412 1.35 -29.99 -6.63
C GLY A 412 1.71 -29.14 -7.83
N ARG A 413 1.11 -29.46 -8.99
CA ARG A 413 1.33 -28.65 -10.18
C ARG A 413 0.77 -27.25 -10.02
N ASP A 414 -0.31 -27.10 -9.27
CA ASP A 414 -0.89 -25.78 -9.05
C ASP A 414 -0.03 -24.94 -8.11
N LEU A 415 0.56 -25.57 -7.10
CA LEU A 415 1.43 -24.86 -6.16
C LEU A 415 2.82 -24.58 -6.71
N GLY A 416 3.13 -25.08 -7.90
CA GLY A 416 4.46 -24.85 -8.46
C GLY A 416 5.55 -25.59 -7.70
N LEU A 417 5.31 -26.82 -7.34
CA LEU A 417 6.27 -27.54 -6.53
C LEU A 417 7.43 -28.06 -7.38
N PRO A 418 8.61 -28.21 -6.80
CA PRO A 418 9.75 -28.68 -7.57
C PRO A 418 9.61 -30.15 -7.92
N SER A 419 10.55 -30.62 -8.75
CA SER A 419 10.61 -32.02 -9.08
C SER A 419 11.14 -32.81 -7.90
N TYR A 420 11.32 -34.12 -8.10
CA TYR A 420 11.85 -34.96 -7.03
C TYR A 420 13.37 -34.80 -6.93
N THR A 421 14.07 -34.90 -8.06
CA THR A 421 15.52 -34.76 -8.04
C THR A 421 15.96 -33.32 -7.81
N LYS A 422 15.08 -32.34 -8.03
CA LYS A 422 15.43 -30.96 -7.77
C LYS A 422 15.21 -30.60 -6.30
N ALA A 423 14.16 -31.13 -5.69
CA ALA A 423 13.97 -30.95 -4.26
C ALA A 423 14.98 -31.76 -3.47
N ARG A 424 15.32 -32.95 -3.94
CA ARG A 424 16.33 -33.78 -3.31
C ARG A 424 17.72 -33.17 -3.37
N GLU A 425 17.90 -32.10 -4.13
CA GLU A 425 19.19 -31.42 -4.24
C GLU A 425 19.27 -30.16 -3.40
N ALA A 426 18.21 -29.34 -3.39
CA ALA A 426 18.21 -28.14 -2.57
C ALA A 426 18.26 -28.45 -1.09
N LEU A 427 17.89 -29.66 -0.68
CA LEU A 427 17.92 -30.07 0.70
C LEU A 427 19.18 -30.84 1.06
N GLY A 428 20.12 -30.94 0.14
CA GLY A 428 21.42 -31.52 0.44
C GLY A 428 21.44 -33.02 0.56
N LEU A 429 20.65 -33.72 -0.24
CA LEU A 429 20.67 -35.17 -0.27
C LEU A 429 21.46 -35.65 -1.48
N SER A 430 21.99 -36.86 -1.39
CA SER A 430 22.87 -37.37 -2.43
C SER A 430 22.10 -37.50 -3.74
N PRO A 431 22.77 -37.28 -4.88
CA PRO A 431 22.09 -37.37 -6.17
C PRO A 431 21.70 -38.80 -6.49
N ILE A 432 20.86 -38.93 -7.50
CA ILE A 432 20.33 -40.23 -7.93
C ILE A 432 20.26 -40.25 -9.44
N SER A 433 20.74 -41.34 -10.05
CA SER A 433 20.95 -41.41 -11.48
C SER A 433 19.94 -42.29 -12.20
N HIS A 434 19.71 -43.50 -11.73
CA HIS A 434 18.84 -44.44 -12.43
C HIS A 434 17.48 -44.50 -11.76
N TRP A 435 16.57 -45.28 -12.36
CA TRP A 435 15.27 -45.49 -11.74
C TRP A 435 15.34 -46.57 -10.67
N GLN A 436 16.26 -47.52 -10.80
CA GLN A 436 16.42 -48.57 -9.81
C GLN A 436 17.17 -48.11 -8.57
N ASP A 437 17.40 -46.80 -8.43
CA ASP A 437 18.04 -46.25 -7.25
C ASP A 437 17.07 -45.50 -6.34
N ILE A 438 15.85 -45.25 -6.79
CA ILE A 438 14.86 -44.61 -5.93
C ILE A 438 14.56 -45.49 -4.73
N ASN A 439 14.52 -46.79 -4.94
CA ASN A 439 14.21 -47.74 -3.89
C ASN A 439 14.80 -49.09 -4.25
N PRO A 440 16.03 -49.38 -3.82
CA PRO A 440 16.64 -50.67 -4.20
C PRO A 440 15.86 -51.88 -3.72
N ALA A 441 15.30 -51.83 -2.51
CA ALA A 441 14.52 -52.95 -2.01
C ALA A 441 13.26 -53.16 -2.85
N LEU A 442 12.57 -52.07 -3.19
CA LEU A 442 11.40 -52.20 -4.07
C LEU A 442 11.79 -52.70 -5.45
N SER A 443 12.97 -52.31 -5.93
CA SER A 443 13.42 -52.78 -7.24
C SER A 443 13.77 -54.25 -7.22
N ARG A 444 14.20 -54.77 -6.07
CA ARG A 444 14.55 -56.19 -5.99
C ARG A 444 13.31 -57.07 -5.80
N SER A 445 12.31 -56.60 -5.07
CA SER A 445 11.14 -57.42 -4.80
C SER A 445 10.15 -57.40 -5.96
N ASN A 446 9.58 -56.23 -6.25
CA ASN A 446 8.57 -56.13 -7.29
C ASN A 446 9.19 -55.72 -8.63
N GLY A 447 9.83 -54.54 -8.67
CA GLY A 447 10.47 -54.05 -9.87
C GLY A 447 9.54 -53.71 -11.01
N THR A 448 8.24 -53.99 -10.90
CA THR A 448 7.30 -53.70 -11.97
C THR A 448 6.57 -52.39 -11.76
N VAL A 449 6.81 -51.71 -10.65
CA VAL A 449 6.24 -50.38 -10.43
C VAL A 449 7.16 -49.30 -10.96
N LEU A 450 8.47 -49.46 -10.76
CA LEU A 450 9.42 -48.49 -11.27
C LEU A 450 9.47 -48.50 -12.79
N GLU A 451 9.28 -49.66 -13.41
CA GLU A 451 9.24 -49.72 -14.86
C GLU A 451 8.02 -49.00 -15.41
N ALA A 452 6.87 -49.15 -14.76
CA ALA A 452 5.67 -48.46 -15.19
C ALA A 452 5.80 -46.95 -15.02
N THR A 453 6.42 -46.52 -13.92
CA THR A 453 6.64 -45.08 -13.73
C THR A 453 7.61 -44.54 -14.78
N ALA A 454 8.67 -45.29 -15.08
CA ALA A 454 9.60 -44.86 -16.10
C ALA A 454 8.91 -44.74 -17.45
N ALA A 455 8.10 -45.73 -17.81
CA ALA A 455 7.37 -45.68 -19.08
C ALA A 455 6.43 -44.49 -19.13
N LEU A 456 5.80 -44.15 -18.00
CA LEU A 456 4.92 -42.98 -17.99
C LEU A 456 5.71 -41.68 -18.15
N TYR A 457 6.94 -41.62 -17.66
CA TYR A 457 7.74 -40.41 -17.75
C TYR A 457 8.74 -40.44 -18.89
N ASN A 458 8.70 -41.48 -19.74
CA ASN A 458 9.60 -41.60 -20.88
C ASN A 458 11.06 -41.66 -20.43
N GLN A 459 11.29 -42.32 -19.30
CA GLN A 459 12.63 -42.51 -18.74
C GLN A 459 13.32 -41.18 -18.46
N ASP A 460 12.56 -40.15 -18.10
CA ASP A 460 13.11 -38.85 -17.76
C ASP A 460 13.02 -38.70 -16.24
N LEU A 461 14.06 -39.15 -15.55
CA LEU A 461 14.07 -39.11 -14.09
C LEU A 461 14.01 -37.69 -13.55
N SER A 462 14.46 -36.71 -14.33
CA SER A 462 14.43 -35.33 -13.86
C SER A 462 13.04 -34.71 -13.93
N ARG A 463 12.02 -35.48 -14.32
CA ARG A 463 10.66 -34.98 -14.35
C ARG A 463 9.76 -35.58 -13.29
N LEU A 464 10.16 -36.70 -12.69
CA LEU A 464 9.40 -37.30 -11.60
C LEU A 464 9.11 -36.27 -10.54
N GLU A 465 7.82 -36.11 -10.20
CA GLU A 465 7.42 -35.04 -9.32
C GLU A 465 7.51 -35.48 -7.87
N LEU A 466 7.12 -34.56 -6.97
CA LEU A 466 7.44 -34.72 -5.56
C LEU A 466 6.64 -35.85 -4.93
N LEU A 467 5.32 -35.90 -5.19
CA LEU A 467 4.50 -36.91 -4.52
C LEU A 467 4.77 -38.32 -5.02
N PRO A 468 4.80 -38.60 -6.33
CA PRO A 468 5.09 -39.98 -6.74
C PRO A 468 6.48 -40.45 -6.37
N GLY A 469 7.43 -39.53 -6.22
CA GLY A 469 8.78 -39.90 -5.87
C GLY A 469 8.92 -40.22 -4.40
N GLY A 470 8.32 -39.38 -3.55
CA GLY A 470 8.38 -39.62 -2.12
C GLY A 470 7.62 -40.85 -1.66
N LEU A 471 6.68 -41.34 -2.47
CA LEU A 471 5.98 -42.56 -2.11
C LEU A 471 6.76 -43.79 -2.54
N LEU A 472 7.41 -43.73 -3.70
CA LEU A 472 8.22 -44.85 -4.14
C LEU A 472 9.47 -45.00 -3.28
N GLU A 473 9.92 -43.90 -2.68
CA GLU A 473 11.11 -43.92 -1.83
C GLU A 473 10.81 -44.44 -0.44
N SER A 474 9.56 -44.42 -0.02
CA SER A 474 9.17 -44.83 1.33
C SER A 474 8.98 -46.33 1.39
N HIS A 475 9.68 -46.98 2.31
CA HIS A 475 9.56 -48.42 2.51
C HIS A 475 8.82 -48.78 3.78
N GLY A 476 9.26 -48.28 4.94
CA GLY A 476 8.53 -48.50 6.17
C GLY A 476 8.25 -47.20 6.89
N ASP A 477 8.95 -46.15 6.49
CA ASP A 477 8.87 -44.83 7.09
C ASP A 477 8.70 -43.82 5.97
N PRO A 478 8.50 -42.55 6.29
CA PRO A 478 8.34 -41.54 5.23
C PRO A 478 9.46 -41.49 4.20
N GLY A 479 10.66 -41.92 4.54
CA GLY A 479 11.74 -41.92 3.59
C GLY A 479 12.69 -40.75 3.80
N PRO A 480 13.82 -40.75 3.09
CA PRO A 480 14.84 -39.72 3.36
C PRO A 480 14.41 -38.32 3.01
N LEU A 481 13.64 -38.13 1.94
CA LEU A 481 13.29 -36.78 1.54
C LEU A 481 12.17 -36.20 2.39
N PHE A 482 11.16 -37.02 2.73
CA PHE A 482 10.03 -36.50 3.49
C PHE A 482 10.40 -36.27 4.95
N SER A 483 11.19 -37.17 5.53
CA SER A 483 11.61 -37.01 6.91
C SER A 483 12.35 -35.70 7.12
N THR A 484 13.21 -35.33 6.17
CA THR A 484 13.98 -34.11 6.28
C THR A 484 13.07 -32.89 6.32
N ILE A 485 12.13 -32.79 5.39
CA ILE A 485 11.23 -31.65 5.33
C ILE A 485 10.41 -31.56 6.61
N VAL A 486 9.87 -32.69 7.06
CA VAL A 486 8.98 -32.67 8.22
C VAL A 486 9.74 -32.28 9.48
N LEU A 487 10.91 -32.90 9.70
CA LEU A 487 11.66 -32.61 10.92
C LEU A 487 12.12 -31.17 10.95
N ASP A 488 12.61 -30.65 9.82
CA ASP A 488 13.04 -29.25 9.78
C ASP A 488 11.88 -28.31 10.04
N GLN A 489 10.71 -28.61 9.47
CA GLN A 489 9.56 -27.72 9.66
C GLN A 489 9.14 -27.68 11.12
N PHE A 490 9.11 -28.83 11.78
CA PHE A 490 8.68 -28.84 13.19
C PHE A 490 9.71 -28.21 14.10
N VAL A 491 11.00 -28.38 13.81
CA VAL A 491 12.01 -27.71 14.62
C VAL A 491 11.90 -26.20 14.49
N ARG A 492 11.65 -25.70 13.28
CA ARG A 492 11.48 -24.27 13.09
C ARG A 492 10.19 -23.76 13.71
N LEU A 493 9.16 -24.59 13.80
CA LEU A 493 7.93 -24.17 14.46
C LEU A 493 8.11 -24.11 15.97
N ARG A 494 8.90 -25.01 16.55
CA ARG A 494 9.13 -24.98 17.98
C ARG A 494 10.05 -23.83 18.38
N ASP A 495 11.21 -23.72 17.73
CA ASP A 495 12.21 -22.74 18.16
C ASP A 495 11.81 -21.31 17.80
N GLY A 496 10.93 -21.11 16.84
CA GLY A 496 10.54 -19.78 16.44
C GLY A 496 9.30 -19.22 17.09
N ASP A 497 8.63 -19.99 17.94
CA ASP A 497 7.40 -19.57 18.58
C ASP A 497 7.69 -18.99 19.96
N ARG A 498 7.18 -17.79 20.22
CA ARG A 498 7.39 -17.16 21.51
C ARG A 498 6.59 -17.85 22.61
N TYR A 499 5.42 -18.37 22.27
CA TYR A 499 4.51 -18.96 23.24
C TYR A 499 4.68 -20.47 23.37
N TRP A 500 5.84 -21.01 23.01
CA TRP A 500 6.09 -22.42 23.27
C TRP A 500 6.17 -22.65 24.77
N PHE A 501 5.48 -23.68 25.25
CA PHE A 501 5.31 -23.87 26.69
C PHE A 501 6.64 -24.09 27.42
N GLU A 502 7.74 -24.27 26.71
CA GLU A 502 9.05 -24.43 27.32
C GLU A 502 9.85 -23.14 27.34
N ASN A 503 9.41 -22.12 26.62
CA ASN A 503 10.08 -20.83 26.63
C ASN A 503 9.83 -20.16 27.96
N THR A 504 10.76 -20.31 28.92
CA THR A 504 10.52 -19.85 30.28
C THR A 504 10.40 -18.34 30.40
N ARG A 505 10.66 -17.58 29.33
CA ARG A 505 10.62 -16.12 29.41
C ARG A 505 9.32 -15.54 28.88
N ASN A 506 8.25 -16.33 28.81
CA ASN A 506 6.95 -15.79 28.46
C ASN A 506 5.99 -15.73 29.65
N GLY A 507 6.36 -16.32 30.78
CA GLY A 507 5.58 -16.21 31.99
C GLY A 507 4.34 -17.06 32.04
N LEU A 508 4.15 -17.96 31.08
CA LEU A 508 2.98 -18.82 31.10
C LEU A 508 3.03 -19.80 32.26
N PHE A 509 4.05 -20.64 32.30
CA PHE A 509 4.15 -21.70 33.29
C PHE A 509 5.42 -21.54 34.12
N SER A 510 5.39 -22.11 35.31
CA SER A 510 6.55 -22.12 36.18
C SER A 510 7.44 -23.29 35.79
N LYS A 511 8.43 -23.60 36.62
CA LYS A 511 9.34 -24.70 36.30
C LYS A 511 8.71 -26.06 36.60
N GLU A 512 7.85 -26.15 37.60
CA GLU A 512 7.23 -27.42 37.95
C GLU A 512 6.07 -27.76 37.02
N GLU A 513 5.31 -26.75 36.57
CA GLU A 513 4.23 -27.02 35.63
C GLU A 513 4.77 -27.50 34.29
N ILE A 514 5.94 -27.01 33.88
CA ILE A 514 6.52 -27.45 32.61
C ILE A 514 6.89 -28.93 32.68
N ALA A 515 7.37 -29.38 33.84
CA ALA A 515 7.69 -30.80 33.99
C ALA A 515 6.42 -31.63 34.06
N GLU A 516 5.41 -31.16 34.78
CA GLU A 516 4.15 -31.88 34.85
C GLU A 516 3.48 -31.98 33.49
N ILE A 517 3.70 -31.00 32.61
CA ILE A 517 3.18 -31.09 31.25
C ILE A 517 4.04 -32.02 30.41
N ARG A 518 5.36 -31.93 30.53
CA ARG A 518 6.24 -32.78 29.76
C ARG A 518 6.11 -34.25 30.12
N ASN A 519 5.46 -34.57 31.23
CA ASN A 519 5.19 -35.95 31.59
C ASN A 519 3.73 -36.33 31.36
N THR A 520 3.09 -35.76 30.34
CA THR A 520 1.73 -36.13 30.01
C THR A 520 1.70 -36.75 28.61
N SER A 521 0.78 -37.70 28.42
CA SER A 521 0.71 -38.44 27.17
C SER A 521 -0.71 -38.40 26.61
N LEU A 522 -0.96 -39.15 25.53
CA LEU A 522 -2.31 -39.20 24.99
C LEU A 522 -3.17 -40.20 25.74
N ARG A 523 -2.57 -41.21 26.37
CA ARG A 523 -3.37 -42.10 27.20
C ARG A 523 -3.91 -41.39 28.42
N ASP A 524 -3.15 -40.45 28.98
CA ASP A 524 -3.65 -39.68 30.11
C ASP A 524 -4.88 -38.88 29.74
N ILE A 525 -4.92 -38.36 28.50
CA ILE A 525 -6.08 -37.59 28.06
C ILE A 525 -7.24 -38.52 27.73
N LEU A 526 -6.96 -39.67 27.13
CA LEU A 526 -8.04 -40.63 26.87
C LEU A 526 -8.61 -41.19 28.15
N VAL A 527 -7.82 -41.21 29.24
CA VAL A 527 -8.36 -41.68 30.50
C VAL A 527 -9.12 -40.56 31.21
N ALA A 528 -8.65 -39.32 31.08
CA ALA A 528 -9.37 -38.20 31.68
C ALA A 528 -10.74 -38.02 31.04
N VAL A 529 -10.79 -37.96 29.71
CA VAL A 529 -12.05 -37.73 29.01
C VAL A 529 -12.93 -38.98 29.06
N THR A 530 -12.40 -40.10 28.57
CA THR A 530 -13.08 -41.38 28.65
C THR A 530 -12.73 -42.03 29.98
N ASN A 531 -13.68 -42.07 30.91
CA ASN A 531 -13.40 -42.55 32.26
C ASN A 531 -13.25 -44.07 32.24
N VAL A 532 -12.08 -44.52 31.76
CA VAL A 532 -11.73 -45.93 31.75
C VAL A 532 -10.49 -46.13 32.59
N ASP A 533 -10.31 -47.35 33.08
CA ASP A 533 -9.11 -47.68 33.83
C ASP A 533 -7.89 -47.57 32.91
N PRO A 534 -6.77 -47.02 33.40
CA PRO A 534 -5.59 -46.88 32.55
C PRO A 534 -5.01 -48.20 32.07
N SER A 535 -5.43 -49.32 32.63
CA SER A 535 -4.96 -50.62 32.17
C SER A 535 -5.69 -51.12 30.94
N ALA A 536 -6.64 -50.34 30.41
CA ALA A 536 -7.36 -50.71 29.21
C ALA A 536 -6.69 -50.21 27.94
N LEU A 537 -5.67 -49.37 28.04
CA LEU A 537 -4.92 -48.86 26.90
C LEU A 537 -3.45 -49.20 27.07
N GLN A 538 -2.71 -48.95 26.03
CA GLN A 538 -1.27 -49.15 26.14
C GLN A 538 -0.57 -47.83 26.41
N PRO A 539 0.61 -47.86 27.04
CA PRO A 539 1.28 -46.60 27.40
C PRO A 539 1.50 -45.66 26.23
N ASN A 540 1.91 -46.17 25.08
CA ASN A 540 2.10 -45.37 23.88
C ASN A 540 1.02 -45.79 22.89
N VAL A 541 -0.05 -45.00 22.78
CA VAL A 541 -1.17 -45.36 21.91
C VAL A 541 -0.88 -45.12 20.44
N PHE A 542 0.31 -44.68 20.09
CA PHE A 542 0.69 -44.55 18.69
C PHE A 542 1.30 -45.84 18.12
N PHE A 543 1.58 -46.82 18.96
CA PHE A 543 2.04 -48.12 18.54
C PHE A 543 1.28 -49.21 19.30
N TRP A 544 1.16 -50.37 18.69
CA TRP A 544 0.60 -51.54 19.36
C TRP A 544 1.60 -52.67 19.25
N LEU A 545 2.20 -53.05 20.38
CA LEU A 545 3.24 -54.06 20.40
C LEU A 545 2.69 -55.36 20.96
N ALA A 546 3.56 -56.36 21.07
CA ALA A 546 3.13 -57.74 21.27
C ALA A 546 2.56 -58.01 22.66
N GLY A 547 2.51 -57.03 23.56
CA GLY A 547 1.99 -57.29 24.89
C GLY A 547 0.82 -56.42 25.28
N ASP A 548 0.52 -55.42 24.46
CA ASP A 548 -0.52 -54.46 24.77
C ASP A 548 -1.88 -55.13 24.84
N PRO A 549 -2.86 -54.51 25.49
CA PRO A 549 -4.16 -55.15 25.70
C PRO A 549 -5.11 -54.98 24.53
N CYS A 550 -6.07 -55.92 24.46
CA CYS A 550 -7.14 -55.96 23.47
C CYS A 550 -6.60 -55.99 22.04
N PRO A 551 -6.03 -57.10 21.61
CA PRO A 551 -5.53 -57.18 20.24
C PRO A 551 -6.66 -57.12 19.21
N GLN A 552 -6.26 -56.87 17.96
CA GLN A 552 -7.21 -56.90 16.86
C GLN A 552 -7.86 -58.27 16.74
N PRO A 553 -9.05 -58.34 16.13
CA PRO A 553 -9.54 -59.65 15.70
C PRO A 553 -8.77 -60.19 14.51
N SER A 554 -8.47 -59.33 13.54
CA SER A 554 -7.70 -59.67 12.36
C SER A 554 -7.41 -58.38 11.60
N GLN A 555 -6.38 -58.42 10.76
CA GLN A 555 -6.07 -57.27 9.92
C GLN A 555 -7.23 -56.98 8.99
N LEU A 556 -7.66 -55.73 8.94
CA LEU A 556 -8.93 -55.36 8.31
C LEU A 556 -8.70 -55.00 6.86
N SER A 557 -8.94 -55.96 5.98
CA SER A 557 -8.93 -55.74 4.54
C SER A 557 -10.32 -55.28 4.11
N ALA A 558 -10.54 -55.14 2.80
CA ALA A 558 -11.84 -54.76 2.27
C ALA A 558 -12.69 -55.97 1.92
N LYS A 559 -12.84 -56.89 2.87
CA LYS A 559 -13.65 -58.08 2.71
C LYS A 559 -14.63 -58.17 3.86
N GLY A 560 -15.91 -58.33 3.54
CA GLY A 560 -16.96 -58.31 4.52
C GLY A 560 -17.55 -56.94 4.77
N LEU A 561 -16.82 -55.87 4.45
CA LEU A 561 -17.37 -54.54 4.61
C LEU A 561 -18.38 -54.24 3.50
N PRO A 562 -19.34 -53.35 3.76
CA PRO A 562 -20.28 -52.97 2.70
C PRO A 562 -19.60 -52.20 1.60
N ALA A 563 -20.16 -52.32 0.40
CA ALA A 563 -19.58 -51.66 -0.77
C ALA A 563 -19.79 -50.15 -0.67
N CYS A 564 -18.96 -49.41 -1.41
CA CYS A 564 -19.06 -47.97 -1.40
C CYS A 564 -20.26 -47.53 -2.23
N ALA A 565 -20.86 -46.40 -1.83
CA ALA A 565 -22.00 -45.89 -2.56
C ALA A 565 -21.57 -45.40 -3.94
N PRO A 566 -22.34 -45.70 -4.98
CA PRO A 566 -21.90 -45.39 -6.34
C PRO A 566 -21.85 -43.90 -6.65
N LEU A 567 -21.51 -43.58 -7.89
CA LEU A 567 -21.33 -42.20 -8.33
C LEU A 567 -22.62 -41.67 -8.95
N PHE A 568 -22.89 -40.38 -8.71
CA PHE A 568 -23.98 -39.69 -9.37
C PHE A 568 -23.52 -38.27 -9.70
N ILE A 569 -24.01 -37.74 -10.82
CA ILE A 569 -23.61 -36.43 -11.31
C ILE A 569 -24.69 -35.42 -10.92
N ARG A 570 -24.27 -34.27 -10.41
CA ARG A 570 -25.20 -33.24 -9.97
C ARG A 570 -25.53 -32.32 -11.14
N ASP A 571 -26.83 -32.08 -11.34
CA ASP A 571 -27.32 -31.19 -12.39
C ASP A 571 -28.04 -30.03 -11.73
N TYR A 572 -27.52 -28.82 -11.93
CA TYR A 572 -28.11 -27.67 -11.25
C TYR A 572 -29.39 -27.21 -11.91
N PHE A 573 -29.44 -27.26 -13.24
CA PHE A 573 -30.60 -26.82 -14.00
C PHE A 573 -31.50 -28.01 -14.33
N GLU A 574 -31.93 -28.69 -13.27
CA GLU A 574 -32.62 -29.96 -13.46
C GLU A 574 -34.09 -29.76 -13.81
N GLY A 575 -34.84 -29.11 -12.93
CA GLY A 575 -36.27 -28.99 -13.15
C GLY A 575 -36.67 -27.58 -13.53
N SER A 576 -35.71 -26.78 -13.98
CA SER A 576 -35.95 -25.38 -14.29
C SER A 576 -36.20 -25.13 -15.76
N GLY A 577 -36.50 -26.18 -16.52
CA GLY A 577 -36.69 -26.02 -17.95
C GLY A 577 -38.01 -25.38 -18.33
N PHE A 578 -39.09 -25.80 -17.68
CA PHE A 578 -40.42 -25.34 -18.04
C PHE A 578 -40.67 -23.92 -17.53
N GLY A 579 -40.32 -23.65 -16.28
CA GLY A 579 -40.55 -22.33 -15.73
C GLY A 579 -39.72 -21.25 -16.39
N PHE A 580 -38.51 -21.59 -16.83
CA PHE A 580 -37.69 -20.63 -17.55
C PHE A 580 -38.35 -20.24 -18.86
N GLY A 581 -38.86 -21.23 -19.60
CA GLY A 581 -39.58 -20.92 -20.83
C GLY A 581 -40.82 -20.09 -20.57
N LEU A 582 -41.56 -20.40 -19.51
CA LEU A 582 -42.75 -19.61 -19.20
C LEU A 582 -42.38 -18.17 -18.84
N THR A 583 -41.32 -17.97 -18.06
CA THR A 583 -40.93 -16.63 -17.70
C THR A 583 -40.49 -15.83 -18.92
N ILE A 584 -39.72 -16.43 -19.81
CA ILE A 584 -39.27 -15.72 -21.00
C ILE A 584 -40.44 -15.43 -21.92
N GLY A 585 -41.34 -16.41 -22.10
CA GLY A 585 -42.51 -16.18 -22.93
C GLY A 585 -43.41 -15.10 -22.38
N THR A 586 -43.56 -15.04 -21.05
CA THR A 586 -44.37 -14.00 -20.45
C THR A 586 -43.74 -12.62 -20.66
N LEU A 587 -42.43 -12.51 -20.44
CA LEU A 587 -41.77 -11.23 -20.68
C LEU A 587 -41.84 -10.82 -22.15
N CYS A 588 -41.92 -11.80 -23.05
CA CYS A 588 -42.10 -11.48 -24.47
C CYS A 588 -43.54 -11.22 -24.84
N CYS A 589 -44.50 -11.55 -23.98
CA CYS A 589 -45.91 -11.30 -24.24
C CYS A 589 -46.42 -10.05 -23.55
N PHE A 590 -45.53 -9.20 -23.06
CA PHE A 590 -45.93 -7.94 -22.45
C PHE A 590 -46.51 -6.98 -23.48
N PRO A 591 -45.91 -6.85 -24.68
CA PRO A 591 -46.57 -6.01 -25.69
C PRO A 591 -47.89 -6.55 -26.17
N LEU A 592 -48.06 -7.87 -26.22
CA LEU A 592 -49.28 -8.45 -26.78
C LEU A 592 -50.46 -8.40 -25.82
N VAL A 593 -50.26 -7.96 -24.58
CA VAL A 593 -51.37 -7.74 -23.66
C VAL A 593 -51.70 -6.25 -23.55
N SER A 594 -50.68 -5.39 -23.63
CA SER A 594 -50.95 -3.96 -23.69
C SER A 594 -51.61 -3.59 -25.01
N LEU A 595 -51.25 -4.28 -26.09
CA LEU A 595 -51.93 -4.05 -27.36
C LEU A 595 -53.41 -4.41 -27.28
N LEU A 596 -53.72 -5.52 -26.60
CA LEU A 596 -55.12 -5.90 -26.44
C LEU A 596 -55.86 -4.92 -25.55
N SER A 597 -55.21 -4.45 -24.48
CA SER A 597 -55.84 -3.46 -23.62
C SER A 597 -56.12 -2.17 -24.38
N ALA A 598 -55.17 -1.72 -25.19
CA ALA A 598 -55.39 -0.53 -26.00
C ALA A 598 -56.49 -0.74 -27.02
N TRP A 599 -56.55 -1.95 -27.59
CA TRP A 599 -57.59 -2.25 -28.57
C TRP A 599 -58.98 -2.17 -27.95
N ILE A 600 -59.15 -2.78 -26.78
CA ILE A 600 -60.47 -2.73 -26.14
C ILE A 600 -60.77 -1.33 -25.61
N VAL A 601 -59.74 -0.58 -25.21
CA VAL A 601 -59.95 0.79 -24.75
C VAL A 601 -60.46 1.65 -25.91
N ALA A 602 -59.85 1.51 -27.09
CA ALA A 602 -60.32 2.25 -28.24
C ALA A 602 -61.72 1.81 -28.66
N ARG A 603 -61.98 0.50 -28.60
CA ARG A 603 -63.29 0.00 -29.00
C ARG A 603 -64.40 0.51 -28.07
N LEU A 604 -64.09 0.64 -26.79
CA LEU A 604 -65.07 1.19 -25.84
C LEU A 604 -65.12 2.71 -25.87
N ARG A 605 -64.04 3.37 -26.31
CA ARG A 605 -64.08 4.81 -26.49
C ARG A 605 -64.84 5.21 -27.74
N LYS A 606 -65.00 4.30 -28.70
CA LYS A 606 -65.85 4.58 -29.85
C LYS A 606 -67.31 4.27 -29.56
N ARG A 607 -67.58 3.25 -28.74
CA ARG A 607 -68.95 2.89 -28.38
C ARG A 607 -69.24 3.24 -26.93
N THR A 1015 -31.34 12.43 -60.91
CA THR A 1015 -31.55 11.66 -59.69
C THR A 1015 -30.57 12.10 -58.60
N VAL A 1016 -29.28 12.12 -58.93
CA VAL A 1016 -28.28 12.54 -57.96
C VAL A 1016 -28.47 14.01 -57.58
N GLN A 1017 -29.04 14.79 -58.50
CA GLN A 1017 -29.35 16.18 -58.18
C GLN A 1017 -30.37 16.27 -57.05
N GLN A 1018 -31.38 15.41 -57.09
CA GLN A 1018 -32.32 15.32 -55.98
C GLN A 1018 -31.62 14.90 -54.69
N PHE A 1019 -30.62 14.03 -54.80
CA PHE A 1019 -29.87 13.60 -53.61
C PHE A 1019 -29.15 14.77 -52.97
N LYS A 1020 -28.38 15.52 -53.75
CA LYS A 1020 -27.66 16.66 -53.17
C LYS A 1020 -28.61 17.75 -52.73
N ARG A 1021 -29.77 17.87 -53.36
CA ARG A 1021 -30.79 18.79 -52.87
C ARG A 1021 -31.28 18.37 -51.49
N PHE A 1022 -31.53 17.08 -51.29
CA PHE A 1022 -31.91 16.58 -49.98
C PHE A 1022 -30.82 16.86 -48.94
N ILE A 1023 -29.56 16.65 -49.33
CA ILE A 1023 -28.46 16.85 -48.39
C ILE A 1023 -28.38 18.32 -47.98
N GLU A 1024 -28.45 19.23 -48.95
CA GLU A 1024 -28.35 20.65 -48.63
C GLU A 1024 -29.59 21.16 -47.93
N ASN A 1025 -30.71 20.46 -48.05
CA ASN A 1025 -31.89 20.82 -47.27
C ASN A 1025 -31.73 20.44 -45.80
N TYR A 1026 -31.28 19.21 -45.54
CA TYR A 1026 -31.24 18.68 -44.18
C TYR A 1026 -29.82 18.58 -43.63
N ARG A 1027 -28.95 19.50 -44.05
CA ARG A 1027 -27.61 19.57 -43.46
C ARG A 1027 -27.65 19.64 -41.93
N ARG A 1028 -28.53 20.48 -41.39
CA ARG A 1028 -28.59 20.66 -39.94
C ARG A 1028 -29.11 19.40 -39.25
N HIS A 1029 -30.15 18.79 -39.82
CA HIS A 1029 -30.68 17.54 -39.26
C HIS A 1029 -29.62 16.46 -39.25
N ILE A 1030 -28.88 16.32 -40.35
CA ILE A 1030 -27.82 15.32 -40.43
C ILE A 1030 -26.76 15.58 -39.38
N GLY A 1031 -26.36 16.84 -39.22
CA GLY A 1031 -25.33 17.15 -38.24
C GLY A 1031 -25.76 16.80 -36.82
N CYS A 1032 -26.99 17.15 -36.45
CA CYS A 1032 -27.46 16.90 -35.09
C CYS A 1032 -27.61 15.40 -34.83
N VAL A 1033 -28.21 14.67 -35.77
CA VAL A 1033 -28.37 13.24 -35.60
C VAL A 1033 -27.01 12.55 -35.53
N ALA A 1034 -26.05 13.01 -36.33
CA ALA A 1034 -24.72 12.41 -36.32
C ALA A 1034 -24.04 12.61 -34.98
N VAL A 1035 -24.10 13.83 -34.44
CA VAL A 1035 -23.50 14.08 -33.13
C VAL A 1035 -24.13 13.19 -32.07
N PHE A 1036 -25.46 13.11 -32.05
CA PHE A 1036 -26.13 12.30 -31.04
C PHE A 1036 -25.71 10.83 -31.12
N TYR A 1037 -25.77 10.25 -32.32
CA TYR A 1037 -25.46 8.83 -32.45
C TYR A 1037 -23.98 8.54 -32.21
N THR A 1038 -23.10 9.50 -32.51
CA THR A 1038 -21.69 9.26 -32.20
C THR A 1038 -21.44 9.30 -30.69
N ILE A 1039 -22.20 10.11 -29.95
CA ILE A 1039 -22.03 10.09 -28.50
C ILE A 1039 -22.51 8.76 -27.92
N THR A 1040 -23.66 8.26 -28.39
CA THR A 1040 -24.13 6.97 -27.90
C THR A 1040 -23.17 5.85 -28.28
N GLY A 1041 -22.64 5.89 -29.50
CA GLY A 1041 -21.67 4.89 -29.91
C GLY A 1041 -20.39 4.96 -29.09
N ALA A 1042 -19.96 6.17 -28.73
CA ALA A 1042 -18.78 6.30 -27.90
C ALA A 1042 -18.98 5.67 -26.53
N LEU A 1043 -20.16 5.85 -25.95
CA LEU A 1043 -20.43 5.24 -24.63
C LEU A 1043 -20.46 3.73 -24.73
N PHE A 1044 -21.13 3.19 -25.75
CA PHE A 1044 -21.15 1.75 -25.95
C PHE A 1044 -19.74 1.19 -26.12
N LEU A 1045 -18.93 1.83 -26.96
CA LEU A 1045 -17.58 1.33 -27.22
C LEU A 1045 -16.70 1.42 -26.00
N GLU A 1046 -16.87 2.43 -25.16
CA GLU A 1046 -16.06 2.52 -23.96
C GLU A 1046 -16.34 1.35 -23.03
N ARG A 1047 -17.61 1.04 -22.81
CA ARG A 1047 -17.94 -0.09 -21.93
C ARG A 1047 -17.52 -1.41 -22.55
N ALA A 1048 -17.76 -1.60 -23.85
CA ALA A 1048 -17.34 -2.83 -24.51
C ALA A 1048 -15.83 -3.00 -24.45
N TYR A 1049 -15.08 -1.91 -24.61
CA TYR A 1049 -13.63 -1.99 -24.48
C TYR A 1049 -13.24 -2.47 -23.09
N TYR A 1050 -13.79 -1.83 -22.06
CA TYR A 1050 -13.39 -2.19 -20.71
C TYR A 1050 -13.66 -3.67 -20.42
N TYR A 1051 -14.79 -4.18 -20.89
CA TYR A 1051 -15.09 -5.57 -20.56
C TYR A 1051 -14.45 -6.57 -21.50
N ALA A 1052 -13.95 -6.15 -22.65
CA ALA A 1052 -13.30 -7.08 -23.57
C ALA A 1052 -11.79 -7.09 -23.44
N PHE A 1053 -11.17 -5.97 -23.07
CA PHE A 1053 -9.72 -5.87 -23.08
C PHE A 1053 -9.09 -5.50 -21.74
N ALA A 1054 -9.87 -5.06 -20.76
CA ALA A 1054 -9.30 -4.46 -19.56
C ALA A 1054 -9.88 -5.00 -18.26
N ALA A 1055 -10.69 -6.05 -18.30
CA ALA A 1055 -11.24 -6.65 -17.07
C ALA A 1055 -10.95 -8.15 -17.13
N HIS A 1056 -9.75 -8.52 -16.71
CA HIS A 1056 -9.38 -9.91 -16.56
C HIS A 1056 -9.12 -10.29 -15.10
N HIS A 1057 -8.80 -9.31 -14.26
CA HIS A 1057 -8.56 -9.57 -12.85
C HIS A 1057 -9.81 -10.04 -12.14
N SER A 1058 -10.99 -9.80 -12.72
CA SER A 1058 -12.26 -10.27 -12.19
C SER A 1058 -12.86 -11.16 -13.26
N GLY A 1059 -12.79 -12.47 -13.05
CA GLY A 1059 -13.12 -13.40 -14.11
C GLY A 1059 -14.59 -13.46 -14.42
N ILE A 1060 -15.13 -12.37 -14.96
CA ILE A 1060 -16.53 -12.36 -15.34
C ILE A 1060 -16.71 -12.71 -16.81
N THR A 1061 -15.70 -12.47 -17.63
CA THR A 1061 -15.77 -12.86 -19.04
C THR A 1061 -15.41 -14.32 -19.25
N ASP A 1062 -15.09 -15.06 -18.18
CA ASP A 1062 -14.95 -16.50 -18.27
C ASP A 1062 -16.29 -17.21 -18.17
N THR A 1063 -17.28 -16.58 -17.54
CA THR A 1063 -18.64 -17.12 -17.46
C THR A 1063 -19.48 -16.63 -18.63
N THR A 1064 -19.63 -15.32 -18.75
CA THR A 1064 -20.39 -14.70 -19.84
C THR A 1064 -19.49 -13.68 -20.51
N ARG A 1065 -19.19 -13.90 -21.80
CA ARG A 1065 -18.40 -12.94 -22.56
C ARG A 1065 -19.27 -12.09 -23.46
N VAL A 1066 -20.04 -12.72 -24.35
CA VAL A 1066 -20.90 -11.96 -25.23
C VAL A 1066 -22.06 -11.33 -24.47
N GLY A 1067 -22.55 -12.01 -23.43
CA GLY A 1067 -23.67 -11.48 -22.69
C GLY A 1067 -23.34 -10.21 -21.93
N ILE A 1068 -22.21 -10.21 -21.22
CA ILE A 1068 -21.89 -9.07 -20.37
C ILE A 1068 -21.50 -7.86 -21.20
N ILE A 1069 -20.86 -8.07 -22.36
CA ILE A 1069 -20.50 -6.95 -23.22
C ILE A 1069 -21.77 -6.34 -23.83
N LEU A 1070 -22.63 -7.17 -24.39
CA LEU A 1070 -23.86 -6.69 -24.99
C LEU A 1070 -24.78 -6.03 -23.98
N SER A 1071 -24.72 -6.45 -22.72
CA SER A 1071 -25.63 -5.90 -21.73
C SER A 1071 -25.04 -4.72 -20.97
N ARG A 1072 -23.73 -4.55 -20.96
CA ARG A 1072 -23.13 -3.40 -20.29
C ARG A 1072 -22.75 -2.29 -21.25
N GLY A 1073 -22.82 -2.52 -22.56
CA GLY A 1073 -22.69 -1.41 -23.48
C GLY A 1073 -23.99 -0.68 -23.67
N THR A 1074 -25.05 -1.45 -23.96
CA THR A 1074 -26.37 -0.86 -24.13
C THR A 1074 -26.84 -0.16 -22.87
N ALA A 1075 -26.38 -0.60 -21.70
CA ALA A 1075 -26.72 0.07 -20.46
C ALA A 1075 -26.24 1.51 -20.46
N ALA A 1076 -24.95 1.71 -20.78
CA ALA A 1076 -24.39 3.05 -20.80
C ALA A 1076 -24.92 3.89 -21.94
N SER A 1077 -25.38 3.27 -23.03
CA SER A 1077 -25.95 4.07 -24.11
C SER A 1077 -27.38 4.50 -23.79
N ILE A 1078 -28.19 3.62 -23.20
CA ILE A 1078 -29.55 4.02 -22.88
C ILE A 1078 -29.61 4.89 -21.64
N SER A 1079 -28.62 4.84 -20.76
CA SER A 1079 -28.56 5.81 -19.66
C SER A 1079 -28.45 7.23 -20.18
N PHE A 1080 -27.96 7.41 -21.40
CA PHE A 1080 -27.86 8.71 -22.05
C PHE A 1080 -29.09 9.00 -22.89
N MET A 1081 -29.57 8.02 -23.64
CA MET A 1081 -30.75 8.23 -24.47
C MET A 1081 -31.99 8.56 -23.63
N PHE A 1082 -32.14 7.91 -22.48
CA PHE A 1082 -33.29 8.16 -21.62
C PHE A 1082 -33.14 9.42 -20.79
N SER A 1083 -31.92 9.87 -20.54
CA SER A 1083 -31.74 11.10 -19.78
C SER A 1083 -31.92 12.33 -20.65
N TYR A 1084 -31.31 12.33 -21.83
CA TYR A 1084 -31.37 13.50 -22.68
C TYR A 1084 -32.59 13.54 -23.58
N ILE A 1085 -33.61 12.74 -23.31
CA ILE A 1085 -34.82 12.81 -24.10
C ILE A 1085 -35.78 13.89 -23.60
N LEU A 1086 -35.46 14.52 -22.48
CA LEU A 1086 -36.27 15.62 -21.95
C LEU A 1086 -35.88 16.97 -22.52
N LEU A 1087 -34.65 17.10 -23.04
CA LEU A 1087 -34.25 18.32 -23.70
C LEU A 1087 -34.99 18.55 -25.01
N THR A 1088 -35.71 17.55 -25.51
CA THR A 1088 -36.58 17.74 -26.66
C THR A 1088 -37.98 18.19 -26.27
N MET A 1089 -38.30 18.18 -24.98
CA MET A 1089 -39.58 18.67 -24.49
C MET A 1089 -39.43 19.85 -23.54
N CYS A 1090 -38.22 20.37 -23.37
CA CYS A 1090 -38.07 21.65 -22.67
C CYS A 1090 -38.59 22.76 -23.58
N ARG A 1091 -39.90 23.02 -23.51
CA ARG A 1091 -40.56 23.83 -24.52
C ARG A 1091 -40.17 25.30 -24.43
N ASN A 1092 -40.12 25.86 -23.21
CA ASN A 1092 -39.80 27.28 -23.09
C ASN A 1092 -38.35 27.54 -23.47
N LEU A 1093 -37.43 26.66 -23.08
CA LEU A 1093 -36.05 26.81 -23.50
C LEU A 1093 -35.93 26.70 -25.01
N ILE A 1094 -36.69 25.80 -25.63
CA ILE A 1094 -36.64 25.66 -27.08
C ILE A 1094 -37.16 26.94 -27.74
N THR A 1095 -38.27 27.48 -27.25
CA THR A 1095 -38.84 28.66 -27.87
C THR A 1095 -38.00 29.90 -27.60
N PHE A 1096 -37.17 29.89 -26.57
CA PHE A 1096 -36.23 31.00 -26.36
C PHE A 1096 -35.02 30.90 -27.26
N LEU A 1097 -34.46 29.70 -27.42
CA LEU A 1097 -33.34 29.50 -28.31
C LEU A 1097 -33.75 29.47 -29.78
N ARG A 1098 -35.04 29.48 -30.07
CA ARG A 1098 -35.49 29.42 -31.47
C ARG A 1098 -35.01 30.64 -32.25
N GLU A 1099 -34.95 31.80 -31.62
CA GLU A 1099 -34.45 33.02 -32.25
C GLU A 1099 -33.10 33.33 -31.61
N THR A 1100 -32.04 32.71 -32.14
CA THR A 1100 -30.68 32.92 -31.67
C THR A 1100 -29.76 32.43 -32.77
N PHE A 1101 -28.48 32.76 -32.66
CA PHE A 1101 -27.51 32.29 -33.63
C PHE A 1101 -27.40 30.77 -33.67
N LEU A 1102 -27.96 30.07 -32.69
CA LEU A 1102 -27.99 28.62 -32.74
C LEU A 1102 -28.95 28.10 -33.82
N ASN A 1103 -29.91 28.92 -34.23
CA ASN A 1103 -30.87 28.48 -35.24
C ASN A 1103 -30.21 28.16 -36.57
N ARG A 1104 -29.03 28.71 -36.83
CA ARG A 1104 -28.32 28.38 -38.06
C ARG A 1104 -27.77 26.96 -38.04
N TYR A 1105 -27.68 26.33 -36.87
CA TYR A 1105 -27.08 25.01 -36.74
C TYR A 1105 -28.08 23.92 -36.36
N ILE A 1106 -29.02 24.21 -35.48
CA ILE A 1106 -29.94 23.22 -34.93
C ILE A 1106 -31.35 23.56 -35.40
N PRO A 1107 -32.04 22.64 -36.08
CA PRO A 1107 -33.45 22.87 -36.45
C PRO A 1107 -34.35 22.61 -35.26
N PHE A 1108 -34.86 23.68 -34.66
CA PHE A 1108 -35.75 23.53 -33.52
C PHE A 1108 -37.20 23.27 -33.92
N ASP A 1109 -37.52 23.38 -35.21
CA ASP A 1109 -38.86 23.04 -35.64
C ASP A 1109 -39.10 21.53 -35.52
N ALA A 1110 -38.07 20.74 -35.80
CA ALA A 1110 -38.15 19.28 -35.65
C ALA A 1110 -37.60 18.87 -34.30
N ALA A 1111 -38.38 19.15 -33.26
CA ALA A 1111 -38.04 18.76 -31.91
C ALA A 1111 -38.94 17.66 -31.36
N VAL A 1112 -40.10 17.45 -31.97
CA VAL A 1112 -40.92 16.29 -31.63
C VAL A 1112 -40.57 15.10 -32.52
N ASP A 1113 -40.20 15.34 -33.77
CA ASP A 1113 -39.83 14.24 -34.60
C ASP A 1113 -38.58 13.65 -34.03
N PHE A 1114 -37.72 14.44 -33.42
CA PHE A 1114 -36.54 13.96 -32.73
C PHE A 1114 -36.91 13.23 -31.46
N HIS A 1115 -38.02 13.52 -30.86
CA HIS A 1115 -38.46 12.81 -29.70
C HIS A 1115 -38.82 11.43 -30.09
N ARG A 1116 -39.41 11.21 -31.25
CA ARG A 1116 -39.84 9.89 -31.57
C ARG A 1116 -38.78 9.08 -32.14
N LEU A 1117 -37.68 9.68 -32.51
CA LEU A 1117 -36.49 9.01 -33.00
C LEU A 1117 -35.61 8.53 -31.85
N ILE A 1118 -35.33 9.39 -30.88
CA ILE A 1118 -34.60 8.97 -29.69
C ILE A 1118 -35.37 7.91 -28.93
N ALA A 1119 -36.71 7.96 -28.99
CA ALA A 1119 -37.52 7.05 -28.21
C ALA A 1119 -37.63 5.68 -28.87
N SER A 1120 -37.74 5.65 -30.19
CA SER A 1120 -37.87 4.39 -30.91
C SER A 1120 -36.53 3.75 -31.23
N THR A 1121 -35.43 4.41 -30.91
CA THR A 1121 -34.11 3.81 -31.04
C THR A 1121 -33.50 3.45 -29.69
N ALA A 1122 -34.12 3.88 -28.59
CA ALA A 1122 -33.69 3.48 -27.27
C ALA A 1122 -34.43 2.25 -26.76
N ILE A 1123 -35.46 1.80 -27.47
CA ILE A 1123 -36.12 0.55 -27.11
C ILE A 1123 -35.45 -0.63 -27.81
N ILE A 1124 -34.84 -0.40 -28.98
CA ILE A 1124 -34.10 -1.44 -29.66
C ILE A 1124 -32.84 -1.80 -28.88
N LEU A 1125 -32.38 -0.91 -28.01
CA LEU A 1125 -31.24 -1.21 -27.15
C LEU A 1125 -31.66 -1.84 -25.83
N THR A 1126 -32.83 -1.48 -25.29
CA THR A 1126 -33.29 -2.14 -24.08
C THR A 1126 -33.72 -3.57 -24.36
N VAL A 1127 -34.15 -3.88 -25.57
CA VAL A 1127 -34.41 -5.27 -25.91
C VAL A 1127 -33.11 -6.07 -25.91
N LEU A 1128 -32.03 -5.50 -26.43
CA LEU A 1128 -30.74 -6.17 -26.37
C LEU A 1128 -30.24 -6.29 -24.94
N HIS A 1129 -30.50 -5.29 -24.12
CA HIS A 1129 -30.12 -5.35 -22.71
C HIS A 1129 -30.85 -6.49 -22.01
N SER A 1130 -32.18 -6.54 -22.15
CA SER A 1130 -32.95 -7.58 -21.49
C SER A 1130 -32.59 -8.96 -22.01
N ALA A 1131 -32.28 -9.08 -23.30
CA ALA A 1131 -31.90 -10.39 -23.82
C ALA A 1131 -30.51 -10.79 -23.34
N GLY A 1132 -29.58 -9.84 -23.26
CA GLY A 1132 -28.27 -10.15 -22.72
C GLY A 1132 -28.34 -10.63 -21.29
N HIS A 1133 -29.22 -10.03 -20.49
CA HIS A 1133 -29.36 -10.47 -19.11
C HIS A 1133 -30.22 -11.72 -18.96
N VAL A 1134 -31.07 -12.02 -19.94
CA VAL A 1134 -31.73 -13.32 -19.95
C VAL A 1134 -30.71 -14.42 -20.22
N VAL A 1135 -29.69 -14.13 -21.02
CA VAL A 1135 -28.62 -15.11 -21.23
C VAL A 1135 -27.73 -15.21 -20.01
N ASN A 1136 -27.39 -14.07 -19.40
CA ASN A 1136 -26.55 -14.09 -18.20
C ASN A 1136 -27.21 -14.88 -17.07
N VAL A 1137 -28.47 -14.58 -16.79
CA VAL A 1137 -29.17 -15.25 -15.69
C VAL A 1137 -29.21 -16.75 -15.89
N TYR A 1138 -29.19 -17.22 -17.14
CA TYR A 1138 -29.12 -18.65 -17.37
C TYR A 1138 -27.75 -19.21 -17.03
N LEU A 1139 -26.69 -18.51 -17.43
CA LEU A 1139 -25.34 -18.96 -17.12
C LEU A 1139 -24.99 -18.77 -15.65
N PHE A 1140 -25.71 -17.91 -14.94
CA PHE A 1140 -25.48 -17.75 -13.51
C PHE A 1140 -26.19 -18.81 -12.69
N SER A 1141 -27.14 -19.52 -13.28
CA SER A 1141 -27.89 -20.53 -12.57
C SER A 1141 -27.45 -21.95 -12.91
N ILE A 1142 -26.33 -22.10 -13.64
CA ILE A 1142 -25.69 -23.39 -13.83
C ILE A 1142 -24.23 -23.36 -13.44
N SER A 1143 -23.74 -22.27 -12.92
CA SER A 1143 -22.37 -22.20 -12.46
C SER A 1143 -22.28 -22.55 -10.99
N PRO A 1144 -21.17 -23.12 -10.54
CA PRO A 1144 -21.05 -23.52 -9.13
C PRO A 1144 -21.07 -22.31 -8.19
N LEU A 1145 -21.24 -22.61 -6.91
CA LEU A 1145 -21.28 -21.54 -5.91
C LEU A 1145 -19.91 -20.92 -5.69
N SER A 1146 -18.83 -21.68 -5.91
CA SER A 1146 -17.48 -21.17 -5.73
C SER A 1146 -17.11 -20.16 -6.81
N VAL A 1147 -17.80 -20.15 -7.94
CA VAL A 1147 -17.59 -19.14 -8.98
C VAL A 1147 -18.40 -17.89 -8.69
N LEU A 1148 -19.67 -18.06 -8.33
CA LEU A 1148 -20.50 -16.92 -7.99
C LEU A 1148 -19.98 -16.18 -6.78
N SER A 1149 -19.36 -16.90 -5.83
CA SER A 1149 -18.78 -16.25 -4.67
C SER A 1149 -17.64 -15.31 -5.06
N CYS A 1150 -16.96 -15.61 -6.16
CA CYS A 1150 -15.91 -14.71 -6.64
C CYS A 1150 -16.49 -13.58 -7.45
N LEU A 1151 -17.54 -13.84 -8.23
CA LEU A 1151 -18.12 -12.80 -9.07
C LEU A 1151 -18.82 -11.74 -8.23
N PHE A 1152 -19.76 -12.17 -7.39
CA PHE A 1152 -20.60 -11.26 -6.61
C PHE A 1152 -20.39 -11.51 -5.12
N PRO A 1153 -19.35 -10.94 -4.55
CA PRO A 1153 -19.19 -11.00 -3.08
C PRO A 1153 -20.29 -10.20 -2.40
N GLY A 1154 -20.55 -10.55 -1.15
CA GLY A 1154 -21.63 -9.94 -0.41
C GLY A 1154 -23.00 -10.37 -0.84
N LEU A 1155 -23.14 -11.05 -1.97
CA LEU A 1155 -24.38 -11.68 -2.36
C LEU A 1155 -24.31 -13.20 -2.28
N PHE A 1156 -23.12 -13.78 -2.38
CA PHE A 1156 -22.91 -15.21 -2.28
C PHE A 1156 -21.72 -15.48 -1.37
N HIS A 1157 -21.77 -16.59 -0.65
CA HIS A 1157 -20.69 -17.03 0.21
C HIS A 1157 -20.42 -18.50 -0.06
N ASP A 1158 -19.15 -18.86 -0.17
CA ASP A 1158 -18.78 -20.22 -0.56
C ASP A 1158 -18.63 -21.08 0.68
N ASP A 1159 -19.67 -21.85 0.98
CA ASP A 1159 -19.58 -22.95 1.91
C ASP A 1159 -19.48 -24.25 1.11
N GLY A 1160 -19.59 -25.38 1.80
CA GLY A 1160 -19.37 -26.64 1.12
C GLY A 1160 -20.40 -26.93 0.05
N SER A 1161 -21.67 -26.71 0.36
CA SER A 1161 -22.76 -27.07 -0.54
C SER A 1161 -22.69 -26.22 -1.79
N GLU A 1162 -22.32 -26.83 -2.92
CA GLU A 1162 -22.22 -26.10 -4.17
C GLU A 1162 -23.55 -26.26 -4.90
N PHE A 1163 -24.33 -25.19 -4.94
CA PHE A 1163 -25.58 -25.12 -5.65
C PHE A 1163 -25.92 -23.65 -5.79
N PRO A 1164 -26.16 -23.17 -7.01
CA PRO A 1164 -26.49 -21.76 -7.19
C PRO A 1164 -27.96 -21.50 -6.92
N GLN A 1165 -28.32 -20.23 -6.94
CA GLN A 1165 -29.72 -19.84 -6.79
C GLN A 1165 -30.47 -20.13 -8.08
N LYS A 1166 -31.75 -20.45 -7.94
CA LYS A 1166 -32.57 -20.76 -9.09
C LYS A 1166 -32.72 -19.54 -9.99
N TYR A 1167 -33.28 -19.76 -11.17
CA TYR A 1167 -33.46 -18.66 -12.12
C TYR A 1167 -34.43 -17.62 -11.58
N TYR A 1168 -35.51 -18.06 -10.93
CA TYR A 1168 -36.50 -17.13 -10.44
C TYR A 1168 -36.00 -16.30 -9.27
N TRP A 1169 -34.88 -16.69 -8.66
CA TRP A 1169 -34.29 -15.84 -7.64
C TRP A 1169 -33.66 -14.59 -8.25
N TRP A 1170 -33.13 -14.71 -9.46
CA TRP A 1170 -32.52 -13.56 -10.11
C TRP A 1170 -33.55 -12.60 -10.65
N PHE A 1171 -34.72 -13.11 -11.05
CA PHE A 1171 -35.74 -12.30 -11.69
C PHE A 1171 -36.69 -11.66 -10.68
N PHE A 1172 -37.02 -12.35 -9.60
CA PHE A 1172 -38.07 -11.88 -8.71
C PHE A 1172 -37.62 -11.70 -7.27
N GLN A 1173 -36.34 -11.88 -6.96
CA GLN A 1173 -35.88 -11.70 -5.59
C GLN A 1173 -34.57 -10.92 -5.55
N THR A 1174 -34.33 -10.09 -6.55
CA THR A 1174 -33.21 -9.17 -6.56
C THR A 1174 -33.73 -7.78 -6.90
N VAL A 1175 -32.96 -6.76 -6.56
CA VAL A 1175 -33.36 -5.39 -6.87
C VAL A 1175 -33.32 -5.18 -8.37
N PRO A 1176 -32.20 -5.45 -9.06
CA PRO A 1176 -32.21 -5.24 -10.52
C PRO A 1176 -33.18 -6.14 -11.24
N GLY A 1177 -33.24 -7.42 -10.87
CA GLY A 1177 -34.11 -8.34 -11.57
C GLY A 1177 -35.57 -8.01 -11.43
N LEU A 1178 -35.99 -7.51 -10.26
CA LEU A 1178 -37.40 -7.21 -10.05
C LEU A 1178 -37.80 -5.84 -10.58
N THR A 1179 -36.89 -4.86 -10.51
CA THR A 1179 -37.20 -3.58 -11.12
C THR A 1179 -37.14 -3.66 -12.65
N GLY A 1180 -36.36 -4.59 -13.20
CA GLY A 1180 -36.28 -4.71 -14.64
C GLY A 1180 -37.58 -5.18 -15.27
N VAL A 1181 -38.27 -6.10 -14.61
CA VAL A 1181 -39.55 -6.58 -15.14
C VAL A 1181 -40.59 -5.47 -15.11
N LEU A 1182 -40.60 -4.68 -14.04
CA LEU A 1182 -41.53 -3.55 -13.97
C LEU A 1182 -41.19 -2.50 -15.02
N LEU A 1183 -39.91 -2.28 -15.28
CA LEU A 1183 -39.52 -1.37 -16.35
C LEU A 1183 -40.00 -1.87 -17.71
N LEU A 1184 -39.89 -3.18 -17.94
CA LEU A 1184 -40.36 -3.72 -19.21
C LEU A 1184 -41.86 -3.54 -19.36
N LEU A 1185 -42.62 -3.73 -18.29
CA LEU A 1185 -44.06 -3.56 -18.36
C LEU A 1185 -44.44 -2.10 -18.60
N ALA A 1186 -43.80 -1.18 -17.87
CA ALA A 1186 -44.07 0.24 -18.08
C ALA A 1186 -43.77 0.66 -19.51
N LEU A 1187 -42.65 0.21 -20.07
CA LEU A 1187 -42.33 0.56 -21.45
C LEU A 1187 -43.31 -0.08 -22.42
N ALA A 1188 -43.73 -1.31 -22.16
CA ALA A 1188 -44.66 -1.98 -23.07
C ALA A 1188 -45.99 -1.27 -23.12
N ILE A 1189 -46.39 -0.60 -22.05
CA ILE A 1189 -47.63 0.17 -22.07
C ILE A 1189 -47.39 1.55 -22.68
N MET A 1190 -46.35 2.23 -22.23
CA MET A 1190 -46.07 3.59 -22.65
C MET A 1190 -45.80 3.69 -24.14
N TYR A 1191 -45.24 2.63 -24.74
CA TYR A 1191 -44.94 2.68 -26.16
C TYR A 1191 -46.11 2.27 -27.04
N VAL A 1192 -46.94 1.34 -26.58
CA VAL A 1192 -48.07 0.89 -27.40
C VAL A 1192 -49.17 1.94 -27.40
N PHE A 1193 -49.39 2.59 -26.25
CA PHE A 1193 -50.44 3.61 -26.23
C PHE A 1193 -50.01 4.89 -26.91
N ALA A 1194 -48.73 5.26 -26.82
CA ALA A 1194 -48.21 6.43 -27.53
C ALA A 1194 -47.80 6.07 -28.95
N SER A 1195 -48.71 5.42 -29.68
CA SER A 1195 -48.47 5.00 -31.04
C SER A 1195 -49.39 5.77 -31.98
N HIS A 1196 -48.89 6.02 -33.20
CA HIS A 1196 -49.65 6.82 -34.14
C HIS A 1196 -50.99 6.20 -34.50
N HIS A 1197 -51.16 4.89 -34.26
CA HIS A 1197 -52.44 4.26 -34.54
C HIS A 1197 -53.45 4.47 -33.42
N PHE A 1198 -52.98 4.62 -32.18
CA PHE A 1198 -53.86 4.85 -31.04
C PHE A 1198 -53.85 6.28 -30.54
N ARG A 1199 -52.73 7.00 -30.69
CA ARG A 1199 -52.70 8.40 -30.35
C ARG A 1199 -53.65 9.21 -31.23
N ARG A 1200 -53.84 8.77 -32.47
CA ARG A 1200 -54.75 9.44 -33.40
C ARG A 1200 -56.21 9.10 -33.13
N ARG A 1201 -56.49 8.03 -32.39
CA ARG A 1201 -57.85 7.60 -32.14
C ARG A 1201 -58.36 7.92 -30.74
N SER A 1202 -57.47 8.11 -29.77
CA SER A 1202 -57.90 8.44 -28.41
C SER A 1202 -56.76 9.18 -27.72
N PHE A 1203 -56.94 10.48 -27.50
CA PHE A 1203 -55.87 11.27 -26.91
C PHE A 1203 -55.83 11.14 -25.40
N ARG A 1204 -56.95 10.85 -24.75
CA ARG A 1204 -56.95 10.75 -23.29
C ARG A 1204 -56.17 9.53 -22.83
N GLY A 1205 -56.34 8.40 -23.51
CA GLY A 1205 -55.56 7.22 -23.15
C GLY A 1205 -54.07 7.44 -23.31
N PHE A 1206 -53.67 8.01 -24.45
CA PHE A 1206 -52.27 8.35 -24.66
C PHE A 1206 -51.77 9.30 -23.57
N TRP A 1207 -52.56 10.32 -23.24
CA TRP A 1207 -52.10 11.32 -22.28
C TRP A 1207 -51.96 10.74 -20.89
N LEU A 1208 -52.84 9.82 -20.51
CA LEU A 1208 -52.76 9.21 -19.19
C LEU A 1208 -51.59 8.25 -19.09
N THR A 1209 -51.45 7.37 -20.08
CA THR A 1209 -50.37 6.39 -20.04
C THR A 1209 -49.00 7.04 -20.21
N HIS A 1210 -48.92 8.17 -20.92
CA HIS A 1210 -47.63 8.79 -21.17
C HIS A 1210 -47.05 9.45 -19.93
N HIS A 1211 -47.79 9.51 -18.83
CA HIS A 1211 -47.26 10.02 -17.58
C HIS A 1211 -46.49 8.97 -16.80
N LEU A 1212 -46.28 7.80 -17.38
CA LEU A 1212 -45.48 6.77 -16.74
C LEU A 1212 -44.01 7.08 -16.73
N TYR A 1213 -43.56 8.20 -17.30
CA TYR A 1213 -42.14 8.49 -17.30
C TYR A 1213 -41.65 8.85 -15.91
N ILE A 1214 -42.54 9.36 -15.05
CA ILE A 1214 -42.15 9.61 -13.66
C ILE A 1214 -41.83 8.30 -12.96
N PHE A 1215 -42.75 7.35 -13.03
CA PHE A 1215 -42.51 6.01 -12.54
C PHE A 1215 -41.28 5.38 -13.20
N LEU A 1216 -41.03 5.71 -14.46
CA LEU A 1216 -39.91 5.14 -15.18
C LEU A 1216 -38.58 5.63 -14.61
N TYR A 1217 -38.46 6.93 -14.38
CA TYR A 1217 -37.20 7.45 -13.85
C TYR A 1217 -37.00 7.05 -12.39
N ILE A 1218 -38.10 6.89 -11.64
CA ILE A 1218 -37.99 6.35 -10.29
C ILE A 1218 -37.41 4.94 -10.32
N LEU A 1219 -38.00 4.07 -11.15
CA LEU A 1219 -37.50 2.71 -11.28
C LEU A 1219 -36.08 2.68 -11.83
N LEU A 1220 -35.73 3.62 -12.70
CA LEU A 1220 -34.38 3.63 -13.26
C LEU A 1220 -33.35 4.05 -12.23
N ILE A 1221 -33.75 4.84 -11.24
CA ILE A 1221 -32.82 5.20 -10.18
C ILE A 1221 -32.68 4.06 -9.17
N ILE A 1222 -33.77 3.33 -8.91
CA ILE A 1222 -33.69 2.17 -8.03
C ILE A 1222 -32.93 1.04 -8.70
N HIS A 1223 -33.11 0.87 -10.01
CA HIS A 1223 -32.57 -0.27 -10.74
C HIS A 1223 -31.05 -0.32 -10.65
N GLY A 1224 -30.40 0.82 -10.86
CA GLY A 1224 -28.94 0.85 -10.85
C GLY A 1224 -28.32 0.73 -9.49
N SER A 1225 -29.07 1.01 -8.42
CA SER A 1225 -28.56 0.88 -7.07
C SER A 1225 -28.31 -0.59 -6.76
N PHE A 1226 -27.87 -0.87 -5.53
CA PHE A 1226 -27.43 -2.20 -5.15
C PHE A 1226 -26.33 -2.67 -6.11
N ALA A 1227 -25.21 -1.96 -6.04
CA ALA A 1227 -24.14 -2.12 -7.01
C ALA A 1227 -23.70 -3.57 -7.09
N LEU A 1228 -24.03 -4.22 -8.20
CA LEU A 1228 -23.76 -5.64 -8.41
C LEU A 1228 -22.54 -5.85 -9.28
N ILE A 1229 -22.50 -5.22 -10.45
CA ILE A 1229 -21.36 -5.29 -11.34
C ILE A 1229 -20.50 -4.04 -11.25
N GLN A 1230 -21.13 -2.87 -11.19
CA GLN A 1230 -20.43 -1.60 -11.03
C GLN A 1230 -21.27 -0.68 -10.17
N MET A 1231 -20.66 0.42 -9.76
CA MET A 1231 -21.39 1.44 -9.02
C MET A 1231 -22.33 2.20 -9.95
N PRO A 1232 -23.44 2.72 -9.43
CA PRO A 1232 -24.43 3.36 -10.30
C PRO A 1232 -23.88 4.60 -10.97
N ARG A 1233 -24.40 4.88 -12.16
CA ARG A 1233 -24.03 6.05 -12.92
C ARG A 1233 -25.22 6.81 -13.50
N PHE A 1234 -26.43 6.30 -13.35
CA PHE A 1234 -27.56 6.92 -14.04
C PHE A 1234 -27.86 8.31 -13.50
N HIS A 1235 -27.71 8.51 -12.20
CA HIS A 1235 -27.98 9.84 -11.64
C HIS A 1235 -27.02 10.88 -12.20
N ILE A 1236 -25.81 10.48 -12.56
CA ILE A 1236 -24.88 11.39 -13.21
C ILE A 1236 -25.43 11.82 -14.57
N PHE A 1237 -25.98 10.88 -15.33
CA PHE A 1237 -26.60 11.22 -16.61
C PHE A 1237 -27.86 12.04 -16.43
N PHE A 1238 -28.54 11.89 -15.29
CA PHE A 1238 -29.88 12.39 -15.11
C PHE A 1238 -29.96 13.73 -14.40
N LEU A 1239 -28.92 14.16 -13.71
CA LEU A 1239 -28.97 15.42 -12.96
C LEU A 1239 -29.30 16.59 -13.87
N VAL A 1240 -28.47 16.84 -14.88
CA VAL A 1240 -28.61 18.06 -15.68
C VAL A 1240 -29.95 18.12 -16.42
N PRO A 1241 -30.32 17.13 -17.24
CA PRO A 1241 -31.57 17.27 -18.00
C PRO A 1241 -32.80 17.36 -17.11
N ALA A 1242 -32.81 16.65 -15.98
CA ALA A 1242 -33.94 16.75 -15.06
C ALA A 1242 -34.07 18.15 -14.49
N ILE A 1243 -32.94 18.78 -14.16
CA ILE A 1243 -32.98 20.14 -13.63
C ILE A 1243 -33.49 21.11 -14.69
N ILE A 1244 -32.97 21.03 -15.91
CA ILE A 1244 -33.45 21.91 -16.97
C ILE A 1244 -34.93 21.69 -17.21
N TYR A 1245 -35.38 20.44 -17.21
CA TYR A 1245 -36.77 20.13 -17.49
C TYR A 1245 -37.69 20.65 -16.40
N VAL A 1246 -37.34 20.43 -15.13
CA VAL A 1246 -38.21 20.87 -14.05
C VAL A 1246 -38.19 22.39 -13.94
N GLY A 1247 -37.08 23.03 -14.28
CA GLY A 1247 -37.07 24.48 -14.32
C GLY A 1247 -37.98 25.03 -15.40
N ASP A 1248 -37.88 24.46 -16.61
CA ASP A 1248 -38.79 24.85 -17.68
C ASP A 1248 -40.24 24.55 -17.33
N LYS A 1249 -40.47 23.52 -16.52
CA LYS A 1249 -41.83 23.20 -16.12
C LYS A 1249 -42.36 24.21 -15.10
N LEU A 1250 -41.51 24.66 -14.18
CA LEU A 1250 -41.93 25.66 -13.22
C LEU A 1250 -42.15 27.01 -13.87
N VAL A 1251 -41.33 27.35 -14.88
CA VAL A 1251 -41.53 28.59 -15.61
C VAL A 1251 -42.86 28.57 -16.34
N SER A 1252 -43.22 27.44 -16.93
CA SER A 1252 -44.48 27.30 -17.64
C SER A 1252 -45.67 27.13 -16.70
N LEU A 1253 -45.49 27.33 -15.41
CA LEU A 1253 -46.58 27.27 -14.44
C LEU A 1253 -47.11 28.65 -14.09
N SER A 1254 -46.24 29.66 -14.00
CA SER A 1254 -46.70 31.00 -13.71
C SER A 1254 -47.44 31.60 -14.90
N ARG A 1255 -46.94 31.37 -16.11
CA ARG A 1255 -47.58 31.90 -17.31
C ARG A 1255 -48.88 31.18 -17.61
N ALA B 3 9.69 37.26 12.51
CA ALA B 3 9.54 36.72 13.86
C ALA B 3 10.86 36.76 14.60
N LEU B 4 11.21 35.65 15.25
CA LEU B 4 12.45 35.58 16.01
C LEU B 4 12.98 34.16 15.93
N GLY B 5 14.13 33.98 15.29
CA GLY B 5 14.78 32.70 15.28
C GLY B 5 16.04 32.69 16.14
N HIS B 6 15.94 32.09 17.33
CA HIS B 6 17.09 31.96 18.22
C HIS B 6 17.25 30.56 18.78
N THR B 7 16.29 29.67 18.57
CA THR B 7 16.34 28.29 19.03
C THR B 7 16.14 27.37 17.83
N LEU B 8 16.03 26.08 18.11
CA LEU B 8 15.72 25.09 17.10
C LEU B 8 14.84 24.02 17.74
N PRO B 9 13.58 23.87 17.30
CA PRO B 9 12.94 24.61 16.21
C PRO B 9 12.58 26.04 16.59
N PHE B 10 12.09 26.82 15.62
CA PHE B 10 11.74 28.21 15.90
C PHE B 10 10.46 28.30 16.72
N TYR B 11 9.44 27.55 16.34
CA TYR B 11 8.18 27.50 17.08
C TYR B 11 8.20 26.26 17.95
N THR B 12 8.53 26.43 19.23
CA THR B 12 8.55 25.34 20.19
C THR B 12 7.24 25.38 20.98
N GLY B 13 6.29 24.57 20.56
CA GLY B 13 5.01 24.49 21.24
C GLY B 13 4.25 23.27 20.81
N THR B 14 3.28 22.89 21.63
CA THR B 14 2.45 21.74 21.32
C THR B 14 1.49 22.08 20.19
N LYS B 15 1.40 21.20 19.20
CA LYS B 15 0.52 21.43 18.08
C LYS B 15 -0.91 21.01 18.45
N PRO B 16 -1.90 21.84 18.17
CA PRO B 16 -3.25 21.57 18.67
C PRO B 16 -4.00 20.55 17.82
N THR B 17 -5.15 20.14 18.34
CA THR B 17 -6.08 19.26 17.65
C THR B 17 -7.47 19.87 17.70
N PHE B 18 -8.24 19.62 16.65
CA PHE B 18 -9.57 20.21 16.58
C PHE B 18 -10.49 19.53 17.60
N PRO B 19 -11.26 20.30 18.36
CA PRO B 19 -12.03 19.68 19.46
C PRO B 19 -13.08 18.69 19.01
N MET B 20 -13.93 19.06 18.07
CA MET B 20 -15.08 18.26 17.69
C MET B 20 -14.95 17.76 16.26
N ASP B 21 -16.01 17.11 15.78
CA ASP B 21 -16.04 16.65 14.40
C ASP B 21 -16.08 17.83 13.44
N THR B 22 -15.37 17.70 12.32
CA THR B 22 -15.26 18.82 11.40
C THR B 22 -16.51 18.97 10.54
N THR B 23 -17.00 17.88 9.97
CA THR B 23 -18.16 17.94 9.10
C THR B 23 -19.45 18.28 9.84
N LEU B 24 -19.41 18.43 11.15
CA LEU B 24 -20.53 18.94 11.92
C LEU B 24 -20.35 20.40 12.30
N ALA B 25 -19.12 20.79 12.65
CA ALA B 25 -18.85 22.20 12.90
C ALA B 25 -19.07 23.03 11.66
N VAL B 26 -18.78 22.48 10.48
CA VAL B 26 -19.03 23.20 9.24
C VAL B 26 -20.51 23.52 9.10
N ILE B 27 -21.37 22.53 9.34
CA ILE B 27 -22.81 22.72 9.21
C ILE B 27 -23.31 23.74 10.22
N ILE B 28 -22.85 23.62 11.47
CA ILE B 28 -23.30 24.54 12.51
C ILE B 28 -22.90 25.97 12.17
N THR B 29 -21.66 26.16 11.71
CA THR B 29 -21.22 27.52 11.39
C THR B 29 -21.96 28.08 10.19
N ILE B 30 -22.22 27.25 9.17
CA ILE B 30 -22.93 27.74 7.99
C ILE B 30 -24.32 28.23 8.37
N PHE B 31 -25.06 27.43 9.13
CA PHE B 31 -26.42 27.83 9.45
C PHE B 31 -26.47 28.94 10.49
N LEU B 32 -25.48 29.03 11.38
CA LEU B 32 -25.42 30.19 12.25
C LEU B 32 -25.13 31.47 11.46
N THR B 33 -24.29 31.37 10.43
CA THR B 33 -24.01 32.52 9.59
C THR B 33 -25.28 32.99 8.87
N ALA B 34 -26.04 32.05 8.31
CA ALA B 34 -27.28 32.41 7.65
C ALA B 34 -28.26 33.05 8.62
N LEU B 35 -28.34 32.51 9.85
CA LEU B 35 -29.22 33.09 10.84
C LEU B 35 -28.81 34.51 11.19
N VAL B 36 -27.50 34.76 11.32
CA VAL B 36 -27.02 36.10 11.63
C VAL B 36 -27.35 37.07 10.49
N THR B 37 -27.19 36.62 9.25
CA THR B 37 -27.52 37.47 8.11
C THR B 37 -28.99 37.88 8.14
N PHE B 38 -29.88 36.91 8.37
CA PHE B 38 -31.30 37.24 8.38
C PHE B 38 -31.67 38.09 9.59
N ILE B 39 -30.98 37.93 10.72
CA ILE B 39 -31.21 38.81 11.86
C ILE B 39 -30.80 40.24 11.52
N ILE B 40 -29.72 40.39 10.75
CA ILE B 40 -29.29 41.72 10.33
C ILE B 40 -30.33 42.35 9.42
N ILE B 41 -30.89 41.58 8.50
CA ILE B 41 -31.92 42.09 7.59
C ILE B 41 -33.24 42.36 8.32
N LEU B 42 -33.50 41.68 9.43
CA LEU B 42 -34.81 41.73 10.07
C LEU B 42 -35.34 43.14 10.34
N PRO B 43 -34.57 44.11 10.86
CA PRO B 43 -35.16 45.43 11.14
C PRO B 43 -35.64 46.17 9.91
N GLY B 44 -35.46 45.58 8.73
CA GLY B 44 -35.92 46.20 7.51
C GLY B 44 -37.20 45.60 6.96
N ILE B 45 -38.02 45.04 7.85
CA ILE B 45 -39.29 44.45 7.48
C ILE B 45 -40.38 45.07 8.35
N ARG B 46 -41.60 45.07 7.82
CA ARG B 46 -42.74 45.64 8.53
C ARG B 46 -42.88 45.01 9.91
N GLY B 47 -43.45 45.77 10.84
CA GLY B 47 -43.52 45.33 12.23
C GLY B 47 -44.44 44.14 12.44
N LYS B 48 -45.48 44.01 11.63
CA LYS B 48 -46.45 42.94 11.85
C LYS B 48 -45.88 41.58 11.47
N THR B 49 -45.34 41.48 10.25
CA THR B 49 -44.86 40.20 9.73
C THR B 49 -43.47 39.83 10.24
N ARG B 50 -42.96 40.51 11.27
CA ARG B 50 -41.64 40.16 11.79
C ARG B 50 -41.64 38.76 12.37
N LEU B 51 -42.62 38.43 13.22
CA LEU B 51 -42.68 37.08 13.76
C LEU B 51 -42.99 36.06 12.68
N PHE B 52 -43.87 36.41 11.74
CA PHE B 52 -44.22 35.48 10.68
C PHE B 52 -43.03 35.17 9.79
N TRP B 53 -42.08 36.09 9.67
CA TRP B 53 -40.87 35.79 8.92
C TRP B 53 -39.84 35.07 9.77
N LEU B 54 -39.72 35.47 11.03
CA LEU B 54 -38.73 34.87 11.91
C LEU B 54 -38.97 33.38 12.08
N LEU B 55 -40.21 32.99 12.41
CA LEU B 55 -40.50 31.57 12.58
C LEU B 55 -40.35 30.82 11.26
N ARG B 56 -40.87 31.39 10.17
CA ARG B 56 -40.85 30.70 8.89
C ARG B 56 -39.43 30.49 8.39
N VAL B 57 -38.49 31.36 8.74
CA VAL B 57 -37.12 31.16 8.32
C VAL B 57 -36.32 30.31 9.30
N VAL B 58 -36.61 30.42 10.60
CA VAL B 58 -35.87 29.67 11.59
C VAL B 58 -36.18 28.18 11.47
N THR B 59 -37.46 27.83 11.38
CA THR B 59 -37.80 26.41 11.30
C THR B 59 -37.35 25.81 9.97
N SER B 60 -37.48 26.55 8.88
CA SER B 60 -37.02 26.03 7.60
C SER B 60 -35.54 25.73 7.64
N LEU B 61 -34.74 26.65 8.18
CA LEU B 61 -33.30 26.45 8.30
C LEU B 61 -32.97 25.30 9.25
N PHE B 62 -33.67 25.21 10.37
CA PHE B 62 -33.42 24.14 11.32
C PHE B 62 -33.69 22.77 10.71
N ILE B 63 -34.79 22.64 9.98
CA ILE B 63 -35.11 21.37 9.34
C ILE B 63 -34.05 21.03 8.28
N GLY B 64 -33.68 22.01 7.47
CA GLY B 64 -32.67 21.75 6.46
C GLY B 64 -31.33 21.37 7.04
N ALA B 65 -31.00 21.89 8.23
CA ALA B 65 -29.73 21.58 8.86
C ALA B 65 -29.75 20.20 9.51
N VAL B 66 -30.88 19.82 10.09
CA VAL B 66 -30.99 18.51 10.72
C VAL B 66 -30.93 17.40 9.68
N ILE B 67 -31.63 17.57 8.56
CA ILE B 67 -31.59 16.55 7.51
C ILE B 67 -30.17 16.31 7.03
N LEU B 68 -29.33 17.33 7.05
CA LEU B 68 -27.98 17.22 6.53
C LEU B 68 -26.99 16.76 7.59
N ALA B 69 -27.21 17.11 8.86
CA ALA B 69 -26.30 16.71 9.92
C ALA B 69 -26.54 15.28 10.37
N VAL B 70 -27.79 14.82 10.31
CA VAL B 70 -28.10 13.45 10.69
C VAL B 70 -27.51 12.47 9.68
N ASN B 71 -27.36 12.88 8.43
CA ASN B 71 -26.81 11.98 7.41
C ASN B 71 -25.35 11.65 7.71
N PHE B 72 -24.55 12.66 8.01
CA PHE B 72 -23.13 12.46 8.28
C PHE B 72 -22.86 12.13 9.74
N SER B 73 -23.88 12.08 10.58
CA SER B 73 -23.69 11.71 11.97
C SER B 73 -23.38 10.23 12.08
N SER B 74 -22.83 9.85 13.23
CA SER B 74 -22.49 8.47 13.52
C SER B 74 -23.07 8.05 14.85
N GLU B 75 -24.28 8.50 15.15
CA GLU B 75 -24.92 8.20 16.41
C GLU B 75 -26.31 7.65 16.18
N TRP B 76 -26.43 6.74 15.22
CA TRP B 76 -27.71 6.09 14.99
C TRP B 76 -27.94 4.98 16.01
N SER B 77 -26.99 4.08 16.18
CA SER B 77 -27.03 3.10 17.25
C SER B 77 -25.73 3.20 18.04
N VAL B 78 -25.83 3.34 19.35
CA VAL B 78 -24.68 3.63 20.20
C VAL B 78 -24.66 2.67 21.38
N GLY B 79 -23.45 2.38 21.85
CA GLY B 79 -23.28 1.56 23.03
C GLY B 79 -22.08 2.03 23.82
N HIS B 80 -22.03 1.62 25.09
CA HIS B 80 -21.03 2.14 26.00
C HIS B 80 -20.92 1.21 27.21
N VAL B 81 -19.70 1.02 27.68
CA VAL B 81 -19.45 0.17 28.85
C VAL B 81 -18.08 0.53 29.41
N ASN B 82 -17.90 0.27 30.71
CA ASN B 82 -16.64 0.49 31.40
C ASN B 82 -16.06 -0.86 31.79
N ALA B 83 -14.87 -1.17 31.29
CA ALA B 83 -14.29 -2.49 31.47
C ALA B 83 -12.79 -2.39 31.70
N ASN B 84 -12.21 -3.48 32.20
CA ASN B 84 -10.76 -3.64 32.29
C ASN B 84 -10.32 -4.58 31.18
N THR B 85 -9.45 -4.10 30.30
CA THR B 85 -9.02 -4.87 29.15
C THR B 85 -7.50 -4.82 29.02
N THR B 86 -6.99 -5.66 28.12
CA THR B 86 -5.59 -5.55 27.75
C THR B 86 -5.39 -4.32 26.87
N TYR B 87 -4.14 -3.89 26.74
CA TYR B 87 -3.85 -2.66 26.01
C TYR B 87 -3.08 -2.92 24.73
N LYS B 88 -1.90 -3.52 24.82
CA LYS B 88 -1.02 -3.60 23.66
C LYS B 88 -0.28 -4.92 23.70
N ALA B 89 0.51 -5.17 22.65
CA ALA B 89 1.28 -6.39 22.55
C ALA B 89 2.60 -6.24 23.31
N PHE B 90 3.16 -7.38 23.73
CA PHE B 90 4.41 -7.43 24.47
C PHE B 90 4.30 -6.71 25.81
N SER B 91 3.13 -6.80 26.43
CA SER B 91 2.91 -6.20 27.74
C SER B 91 1.79 -6.93 28.48
N PRO B 92 2.05 -7.46 29.66
CA PRO B 92 1.01 -8.18 30.39
C PRO B 92 0.13 -7.27 31.23
N LYS B 93 0.17 -5.96 30.97
CA LYS B 93 -0.52 -4.97 31.77
C LYS B 93 -1.93 -4.71 31.23
N TRP B 94 -2.88 -4.51 32.15
CA TRP B 94 -4.26 -4.22 31.81
C TRP B 94 -4.58 -2.76 32.13
N VAL B 95 -5.56 -2.21 31.42
CA VAL B 95 -5.99 -0.83 31.62
C VAL B 95 -7.47 -0.82 31.93
N SER B 96 -7.91 0.28 32.54
CA SER B 96 -9.31 0.51 32.87
C SER B 96 -9.84 1.61 31.97
N VAL B 97 -10.73 1.25 31.05
CA VAL B 97 -11.12 2.12 29.95
C VAL B 97 -12.64 2.26 29.92
N ASP B 98 -13.10 3.11 29.01
CA ASP B 98 -14.52 3.31 28.69
C ASP B 98 -14.68 3.04 27.21
N VAL B 99 -15.04 1.81 26.86
CA VAL B 99 -15.21 1.42 25.46
C VAL B 99 -16.58 1.84 24.98
N GLY B 100 -16.66 2.22 23.71
CA GLY B 100 -17.93 2.66 23.15
C GLY B 100 -18.01 2.36 21.67
N LEU B 101 -19.24 2.23 21.18
CA LEU B 101 -19.53 2.02 19.78
C LEU B 101 -20.44 3.13 19.28
N GLN B 102 -20.27 3.50 18.01
CA GLN B 102 -21.10 4.53 17.40
C GLN B 102 -21.29 4.15 15.93
N ILE B 103 -22.40 3.52 15.62
CA ILE B 103 -22.65 2.95 14.30
C ILE B 103 -23.48 3.95 13.51
N GLY B 104 -22.90 4.50 12.46
CA GLY B 104 -23.58 5.43 11.58
C GLY B 104 -24.17 4.75 10.38
N LEU B 105 -24.29 5.50 9.29
CA LEU B 105 -24.83 4.95 8.06
C LEU B 105 -23.76 4.42 7.13
N GLY B 106 -22.56 4.97 7.20
CA GLY B 106 -21.50 4.53 6.30
C GLY B 106 -20.21 4.23 7.03
N GLY B 107 -20.29 3.71 8.24
CA GLY B 107 -19.12 3.38 9.01
C GLY B 107 -19.44 3.32 10.48
N VAL B 108 -18.39 3.05 11.26
CA VAL B 108 -18.51 2.91 12.70
C VAL B 108 -17.32 3.61 13.35
N ASN B 109 -17.57 4.30 14.46
CA ASN B 109 -16.52 4.94 15.23
C ASN B 109 -16.38 4.22 16.56
N ILE B 110 -15.16 3.82 16.90
CA ILE B 110 -14.86 3.08 18.12
C ILE B 110 -13.99 3.97 19.00
N THR B 111 -14.39 4.11 20.27
CA THR B 111 -13.72 4.99 21.20
C THR B 111 -13.20 4.18 22.39
N LEU B 112 -11.89 4.24 22.61
CA LEU B 112 -11.26 3.69 23.81
C LEU B 112 -10.68 4.85 24.61
N THR B 113 -11.12 5.01 25.84
CA THR B 113 -10.68 6.13 26.67
C THR B 113 -10.49 5.67 28.10
N GLY B 114 -9.29 5.82 28.63
CA GLY B 114 -9.02 5.39 29.99
C GLY B 114 -9.86 6.16 30.99
N THR B 115 -10.05 5.55 32.16
CA THR B 115 -10.81 6.26 33.19
C THR B 115 -9.91 7.34 33.80
N PRO B 116 -8.64 7.05 34.14
CA PRO B 116 -7.63 8.10 34.05
C PRO B 116 -7.03 8.04 32.65
N VAL B 117 -6.89 9.18 31.98
CA VAL B 117 -6.37 9.15 30.63
C VAL B 117 -4.91 8.73 30.59
N GLN B 118 -4.18 8.92 31.69
CA GLN B 118 -2.76 8.58 31.77
C GLN B 118 -2.62 7.40 32.72
N GLN B 119 -2.38 6.20 32.16
CA GLN B 119 -2.26 5.01 32.99
C GLN B 119 -0.91 4.34 32.90
N LEU B 120 -0.45 3.99 31.70
CA LEU B 120 0.80 3.27 31.52
C LEU B 120 1.88 4.15 30.92
N ASN B 121 1.95 5.40 31.38
CA ASN B 121 2.79 6.43 30.77
C ASN B 121 2.36 6.72 29.33
N GLU B 122 1.08 6.51 29.04
CA GLU B 122 0.53 6.75 27.72
C GLU B 122 -0.72 7.63 27.85
N THR B 123 -1.31 7.95 26.71
CA THR B 123 -2.53 8.76 26.66
C THR B 123 -3.57 7.97 25.88
N ILE B 124 -4.57 7.45 26.56
CA ILE B 124 -5.56 6.55 25.97
C ILE B 124 -6.80 7.38 25.71
N ASN B 125 -6.89 7.94 24.50
CA ASN B 125 -8.04 8.74 24.09
C ASN B 125 -8.38 8.49 22.63
N TYR B 126 -8.43 7.23 22.22
CA TYR B 126 -8.61 6.89 20.82
C TYR B 126 -10.02 7.17 20.33
N ASN B 127 -10.14 7.35 19.02
CA ASN B 127 -11.45 7.45 18.36
C ASN B 127 -11.24 7.07 16.90
N GLU B 128 -11.54 5.81 16.56
CA GLU B 128 -11.18 5.25 15.27
C GLU B 128 -12.41 5.01 14.40
N ALA B 129 -12.24 5.17 13.09
CA ALA B 129 -13.34 5.09 12.15
C ALA B 129 -13.04 4.08 11.05
N PHE B 130 -13.96 3.14 10.85
CA PHE B 130 -13.88 2.16 9.77
C PHE B 130 -15.14 2.28 8.93
N ALA B 131 -14.98 2.57 7.64
CA ALA B 131 -16.10 2.91 6.77
C ALA B 131 -16.40 1.77 5.80
N TRP B 132 -17.69 1.55 5.55
CA TRP B 132 -18.15 0.55 4.59
C TRP B 132 -19.00 1.16 3.49
N ARG B 133 -18.80 2.44 3.20
CA ARG B 133 -19.53 3.09 2.14
C ARG B 133 -19.22 2.41 0.80
N LEU B 134 -19.99 2.79 -0.22
CA LEU B 134 -19.85 2.13 -1.52
C LEU B 134 -18.51 2.41 -2.17
N GLY B 135 -17.85 3.52 -1.83
CA GLY B 135 -16.55 3.84 -2.36
C GLY B 135 -15.37 3.40 -1.53
N ARG B 136 -15.60 2.66 -0.44
CA ARG B 136 -14.56 2.26 0.49
C ARG B 136 -14.51 0.74 0.59
N SER B 137 -13.47 0.25 1.27
CA SER B 137 -13.30 -1.17 1.52
C SER B 137 -12.98 -1.36 3.00
N TYR B 138 -13.88 -2.04 3.72
CA TYR B 138 -13.66 -2.27 5.14
C TYR B 138 -12.47 -3.18 5.38
N ALA B 139 -12.25 -4.17 4.51
CA ALA B 139 -11.19 -5.14 4.74
C ALA B 139 -9.82 -4.51 4.64
N GLU B 140 -9.60 -3.62 3.66
CA GLU B 140 -8.31 -2.96 3.55
C GLU B 140 -8.06 -2.02 4.71
N GLU B 141 -9.11 -1.33 5.17
CA GLU B 141 -8.95 -0.45 6.32
C GLU B 141 -8.63 -1.24 7.58
N TYR B 142 -9.26 -2.40 7.75
CA TYR B 142 -8.97 -3.22 8.92
C TYR B 142 -7.56 -3.80 8.85
N ALA B 143 -7.12 -4.20 7.66
CA ALA B 143 -5.76 -4.72 7.53
C ALA B 143 -4.74 -3.62 7.80
N LYS B 144 -5.03 -2.39 7.38
CA LYS B 144 -4.12 -1.29 7.64
C LYS B 144 -4.12 -0.90 9.11
N ALA B 145 -5.26 -1.02 9.79
CA ALA B 145 -5.33 -0.77 11.21
C ALA B 145 -4.79 -1.93 12.03
N LEU B 146 -4.56 -3.07 11.42
CA LEU B 146 -3.90 -4.19 12.09
C LEU B 146 -2.41 -4.13 11.93
N GLU B 147 -1.92 -3.66 10.77
CA GLU B 147 -0.50 -3.43 10.59
C GLU B 147 0.01 -2.38 11.57
N LYS B 148 -0.50 -1.15 11.44
CA LYS B 148 -0.32 -0.15 12.49
C LYS B 148 -1.04 -0.62 13.75
N GLY B 149 -0.30 -0.83 14.82
CA GLY B 149 -0.88 -1.63 15.89
C GLY B 149 -1.73 -0.87 16.88
N LEU B 150 -3.04 -0.85 16.65
CA LEU B 150 -3.97 -0.22 17.57
C LEU B 150 -4.14 -1.10 18.80
N PRO B 151 -4.70 -0.56 19.88
CA PRO B 151 -4.92 -1.39 21.07
C PRO B 151 -5.82 -2.58 20.77
N ASP B 152 -5.80 -3.55 21.69
CA ASP B 152 -6.45 -4.83 21.43
C ASP B 152 -7.96 -4.71 21.33
N PRO B 153 -8.68 -4.03 22.24
CA PRO B 153 -10.14 -4.00 22.11
C PRO B 153 -10.63 -3.25 20.89
N VAL B 154 -9.89 -2.25 20.43
CA VAL B 154 -10.28 -1.55 19.20
C VAL B 154 -10.33 -2.51 18.03
N LEU B 155 -9.31 -3.37 17.91
CA LEU B 155 -9.27 -4.31 16.80
C LEU B 155 -10.34 -5.38 16.93
N TYR B 156 -10.67 -5.79 18.15
CA TYR B 156 -11.75 -6.75 18.37
C TYR B 156 -13.08 -6.21 17.86
N LEU B 157 -13.48 -5.04 18.37
CA LEU B 157 -14.73 -4.45 17.91
C LEU B 157 -14.69 -4.10 16.44
N ALA B 158 -13.50 -3.78 15.90
CA ALA B 158 -13.41 -3.42 14.50
C ALA B 158 -13.56 -4.62 13.59
N GLU B 159 -13.15 -5.80 14.05
CA GLU B 159 -13.29 -7.00 13.24
C GLU B 159 -14.64 -7.65 13.39
N LYS B 160 -15.41 -7.29 14.41
CA LYS B 160 -16.79 -7.79 14.49
C LYS B 160 -17.59 -7.41 13.25
N PHE B 161 -17.27 -6.29 12.60
CA PHE B 161 -18.00 -5.79 11.45
C PHE B 161 -17.32 -6.09 10.13
N THR B 162 -16.33 -6.96 10.11
CA THR B 162 -15.52 -7.17 8.94
C THR B 162 -16.23 -8.12 7.98
N PRO B 163 -15.93 -8.05 6.68
CA PRO B 163 -16.57 -8.95 5.72
C PRO B 163 -16.22 -10.41 5.99
N ARG B 164 -17.22 -11.27 5.89
CA ARG B 164 -17.06 -12.70 6.11
C ARG B 164 -16.57 -12.99 7.53
N SER B 165 -17.38 -12.58 8.48
CA SER B 165 -17.23 -12.93 9.88
C SER B 165 -18.36 -13.85 10.32
N PRO B 166 -18.13 -14.69 11.33
CA PRO B 166 -19.21 -15.58 11.78
C PRO B 166 -20.50 -14.85 12.14
N CYS B 167 -20.43 -13.56 12.47
CA CYS B 167 -21.61 -12.74 12.72
C CYS B 167 -21.77 -11.82 11.53
N GLY B 168 -22.78 -12.08 10.71
CA GLY B 168 -22.91 -11.37 9.45
C GLY B 168 -23.47 -9.97 9.56
N LEU B 169 -22.68 -9.04 10.10
CA LEU B 169 -23.11 -7.66 10.23
C LEU B 169 -22.77 -6.80 9.02
N TYR B 170 -21.76 -7.17 8.25
CA TYR B 170 -21.26 -6.31 7.20
C TYR B 170 -22.33 -6.04 6.14
N ASN B 171 -22.88 -7.10 5.54
CA ASN B 171 -23.84 -6.91 4.45
C ASN B 171 -25.07 -6.15 4.93
N GLN B 172 -25.61 -6.54 6.09
CA GLN B 172 -26.83 -5.91 6.58
C GLN B 172 -26.61 -4.44 6.85
N TYR B 173 -25.59 -4.09 7.63
CA TYR B 173 -25.35 -2.69 7.92
C TYR B 173 -25.00 -1.90 6.67
N ARG B 174 -24.30 -2.51 5.72
CA ARG B 174 -23.93 -1.81 4.50
C ARG B 174 -25.17 -1.44 3.68
N LEU B 175 -26.04 -2.42 3.43
CA LEU B 175 -27.22 -2.17 2.62
C LEU B 175 -28.17 -1.20 3.31
N ALA B 176 -28.41 -1.41 4.61
CA ALA B 176 -29.33 -0.54 5.32
C ALA B 176 -28.81 0.89 5.36
N GLY B 177 -27.52 1.08 5.60
CA GLY B 177 -26.98 2.42 5.58
C GLY B 177 -27.05 3.06 4.22
N HIS B 178 -26.81 2.27 3.17
CA HIS B 178 -26.87 2.81 1.82
C HIS B 178 -28.25 3.36 1.49
N TYR B 179 -29.29 2.59 1.78
CA TYR B 179 -30.63 3.03 1.41
C TYR B 179 -31.17 4.10 2.35
N ALA B 180 -30.79 4.08 3.62
CA ALA B 180 -31.17 5.17 4.50
C ALA B 180 -30.54 6.49 4.07
N SER B 181 -29.27 6.44 3.64
CA SER B 181 -28.63 7.66 3.16
C SER B 181 -29.28 8.16 1.88
N ALA B 182 -29.68 7.26 0.98
CA ALA B 182 -30.38 7.68 -0.22
C ALA B 182 -31.69 8.37 0.11
N MET B 183 -32.48 7.79 1.03
CA MET B 183 -33.73 8.42 1.42
C MET B 183 -33.50 9.79 2.03
N LEU B 184 -32.43 9.95 2.80
CA LEU B 184 -32.16 11.25 3.40
C LEU B 184 -31.79 12.28 2.34
N TRP B 185 -31.05 11.88 1.30
CA TRP B 185 -30.75 12.81 0.23
C TRP B 185 -32.01 13.23 -0.52
N VAL B 186 -32.93 12.29 -0.74
CA VAL B 186 -34.19 12.64 -1.39
C VAL B 186 -34.98 13.61 -0.52
N ALA B 187 -34.96 13.41 0.80
CA ALA B 187 -35.67 14.33 1.68
C ALA B 187 -35.06 15.73 1.65
N PHE B 188 -33.74 15.81 1.52
CA PHE B 188 -33.09 17.11 1.40
C PHE B 188 -33.50 17.81 0.11
N LEU B 189 -33.57 17.06 -0.98
CA LEU B 189 -34.03 17.65 -2.24
C LEU B 189 -35.46 18.15 -2.13
N CYS B 190 -36.33 17.39 -1.46
CA CYS B 190 -37.70 17.83 -1.26
C CYS B 190 -37.76 19.07 -0.39
N TRP B 191 -36.85 19.22 0.57
CA TRP B 191 -36.83 20.43 1.38
C TRP B 191 -36.43 21.64 0.55
N LEU B 192 -35.44 21.48 -0.33
CA LEU B 192 -35.07 22.56 -1.24
C LEU B 192 -36.26 22.98 -2.09
N LEU B 193 -36.94 22.01 -2.70
CA LEU B 193 -38.08 22.34 -3.55
C LEU B 193 -39.22 22.94 -2.75
N ALA B 194 -39.39 22.55 -1.49
CA ALA B 194 -40.43 23.15 -0.68
C ALA B 194 -40.13 24.62 -0.42
N ASN B 195 -38.88 24.95 -0.12
CA ASN B 195 -38.52 26.35 0.08
C ASN B 195 -38.65 27.15 -1.20
N VAL B 196 -38.36 26.55 -2.34
CA VAL B 196 -38.52 27.26 -3.61
C VAL B 196 -39.99 27.52 -3.90
N MET B 197 -40.80 26.46 -3.91
CA MET B 197 -42.22 26.59 -4.23
C MET B 197 -43.03 27.19 -3.10
N LEU B 198 -42.40 27.60 -2.01
CA LEU B 198 -43.06 28.44 -1.02
C LEU B 198 -42.76 29.91 -1.19
N SER B 199 -41.60 30.26 -1.75
CA SER B 199 -41.26 31.66 -1.98
C SER B 199 -42.25 32.29 -2.95
N MET B 200 -42.25 31.81 -4.19
CA MET B 200 -43.32 32.19 -5.11
C MET B 200 -44.64 31.65 -4.58
N PRO B 201 -45.73 32.37 -4.77
CA PRO B 201 -46.98 31.97 -4.09
C PRO B 201 -47.56 30.71 -4.70
N VAL B 202 -47.29 29.59 -4.03
CA VAL B 202 -47.96 28.31 -4.29
C VAL B 202 -48.15 27.65 -2.94
N LEU B 203 -49.36 27.73 -2.39
CA LEU B 203 -49.58 27.17 -1.06
C LEU B 203 -49.77 25.67 -1.09
N VAL B 204 -50.54 25.17 -2.06
CA VAL B 204 -50.84 23.74 -2.13
C VAL B 204 -49.56 22.95 -2.32
N TYR B 205 -48.75 23.33 -3.31
CA TYR B 205 -47.58 22.53 -3.64
C TYR B 205 -46.52 22.60 -2.55
N GLY B 206 -46.39 23.74 -1.86
CA GLY B 206 -45.47 23.79 -0.74
C GLY B 206 -45.93 22.90 0.41
N GLY B 207 -47.20 23.00 0.77
CA GLY B 207 -47.75 22.14 1.79
C GLY B 207 -47.72 20.66 1.43
N HIS B 208 -47.61 20.35 0.15
CA HIS B 208 -47.51 18.96 -0.27
C HIS B 208 -46.07 18.48 -0.41
N MET B 209 -45.12 19.38 -0.56
CA MET B 209 -43.72 18.97 -0.53
C MET B 209 -43.21 18.80 0.89
N LEU B 210 -43.80 19.50 1.85
CA LEU B 210 -43.42 19.27 3.26
C LEU B 210 -43.76 17.84 3.69
N LEU B 211 -44.90 17.32 3.23
CA LEU B 211 -45.26 15.94 3.55
C LEU B 211 -44.23 14.95 3.01
N ALA B 212 -43.71 15.21 1.80
CA ALA B 212 -42.67 14.35 1.26
C ALA B 212 -41.38 14.47 2.06
N THR B 213 -41.03 15.70 2.46
CA THR B 213 -39.85 15.89 3.30
C THR B 213 -39.95 15.08 4.58
N GLY B 214 -41.16 14.92 5.12
CA GLY B 214 -41.33 14.09 6.31
C GLY B 214 -41.35 12.60 6.04
N LEU B 215 -42.03 12.21 4.95
CA LEU B 215 -42.17 10.79 4.65
C LEU B 215 -40.85 10.15 4.28
N PHE B 216 -39.93 10.89 3.66
CA PHE B 216 -38.65 10.28 3.33
C PHE B 216 -37.75 10.14 4.55
N GLN B 217 -37.88 11.03 5.54
CA GLN B 217 -37.18 10.81 6.79
C GLN B 217 -37.70 9.57 7.50
N LEU B 218 -39.02 9.40 7.54
CA LEU B 218 -39.57 8.20 8.17
C LEU B 218 -39.18 6.95 7.39
N LEU B 219 -39.02 7.05 6.08
CA LEU B 219 -38.56 5.89 5.32
C LEU B 219 -37.11 5.56 5.65
N ALA B 220 -36.27 6.57 5.89
CA ALA B 220 -34.91 6.31 6.33
C ALA B 220 -34.90 5.58 7.67
N LEU B 221 -35.79 5.98 8.58
CA LEU B 221 -35.91 5.26 9.85
C LEU B 221 -36.30 3.81 9.62
N PHE B 222 -37.27 3.57 8.72
CA PHE B 222 -37.68 2.20 8.44
C PHE B 222 -36.52 1.37 7.89
N PHE B 223 -35.70 1.96 7.02
CA PHE B 223 -34.59 1.22 6.45
C PHE B 223 -33.55 0.87 7.51
N PHE B 224 -33.19 1.83 8.35
CA PHE B 224 -32.15 1.55 9.33
C PHE B 224 -32.64 0.66 10.47
N SER B 225 -33.94 0.64 10.74
CA SER B 225 -34.42 -0.20 11.84
C SER B 225 -34.46 -1.68 11.50
N MET B 226 -34.02 -2.07 10.31
CA MET B 226 -33.92 -3.47 9.93
C MET B 226 -32.59 -4.09 10.34
N THR B 227 -31.84 -3.44 11.22
CA THR B 227 -30.56 -3.95 11.70
C THR B 227 -30.58 -4.35 13.16
N THR B 228 -31.49 -3.80 13.95
CA THR B 228 -31.48 -4.03 15.39
C THR B 228 -31.72 -5.49 15.72
N SER B 229 -32.38 -6.23 14.84
CA SER B 229 -32.66 -7.64 15.07
C SER B 229 -31.48 -8.54 14.71
N LEU B 230 -30.33 -7.97 14.42
CA LEU B 230 -29.17 -8.73 13.98
C LEU B 230 -27.97 -8.61 14.91
N ILE B 231 -27.68 -7.42 15.42
CA ILE B 231 -26.56 -7.26 16.35
C ILE B 231 -26.94 -7.66 17.77
N SER B 232 -28.20 -7.99 18.02
CA SER B 232 -28.61 -8.37 19.37
C SER B 232 -28.00 -9.70 19.80
N PRO B 233 -28.05 -10.78 19.00
CA PRO B 233 -27.50 -12.04 19.49
C PRO B 233 -25.98 -12.13 19.45
N CYS B 234 -25.30 -11.34 18.63
CA CYS B 234 -23.85 -11.48 18.52
C CYS B 234 -23.17 -10.91 19.75
N PRO B 235 -22.26 -11.67 20.38
CA PRO B 235 -21.67 -11.21 21.64
C PRO B 235 -20.60 -10.15 21.42
N LEU B 236 -20.63 -9.14 22.28
CA LEU B 236 -19.63 -8.09 22.28
C LEU B 236 -18.95 -8.04 23.64
N ARG B 237 -18.53 -9.19 24.15
CA ARG B 237 -17.90 -9.26 25.46
C ARG B 237 -16.50 -8.67 25.42
N LEU B 238 -16.20 -7.80 26.38
CA LEU B 238 -14.87 -7.20 26.53
C LEU B 238 -14.41 -7.48 27.96
N GLY B 239 -13.81 -8.64 28.18
CA GLY B 239 -13.43 -9.03 29.51
C GLY B 239 -14.62 -9.41 30.36
N THR B 240 -14.82 -8.70 31.47
CA THR B 240 -15.92 -8.97 32.39
C THR B 240 -17.16 -8.14 32.09
N ALA B 241 -17.17 -7.39 31.00
CA ALA B 241 -18.27 -6.49 30.68
C ALA B 241 -18.84 -6.81 29.31
N VAL B 242 -20.16 -6.69 29.18
CA VAL B 242 -20.85 -6.86 27.92
C VAL B 242 -21.25 -5.49 27.39
N LEU B 243 -21.31 -5.38 26.08
CA LEU B 243 -21.62 -4.11 25.42
C LEU B 243 -22.93 -4.25 24.68
N HIS B 244 -23.91 -3.44 25.08
CA HIS B 244 -25.24 -3.43 24.46
C HIS B 244 -25.43 -2.12 23.73
N THR B 245 -25.93 -2.20 22.50
CA THR B 245 -26.19 -1.02 21.68
C THR B 245 -27.69 -0.77 21.59
N HIS B 246 -28.07 0.50 21.69
CA HIS B 246 -29.46 0.90 21.52
C HIS B 246 -29.55 2.04 20.52
N HIS B 247 -30.72 2.64 20.37
CA HIS B 247 -30.92 3.68 19.37
C HIS B 247 -30.31 4.99 19.84
N GLY B 248 -29.49 5.59 18.99
CA GLY B 248 -28.77 6.79 19.35
C GLY B 248 -29.60 8.05 19.18
N PRO B 249 -28.95 9.21 19.32
CA PRO B 249 -29.69 10.46 19.17
C PRO B 249 -30.12 10.76 17.74
N ALA B 250 -29.35 10.34 16.73
CA ALA B 250 -29.72 10.66 15.36
C ALA B 250 -31.03 9.99 14.97
N PHE B 251 -31.29 8.81 15.52
CA PHE B 251 -32.55 8.13 15.25
C PHE B 251 -33.74 8.96 15.72
N TRP B 252 -33.72 9.38 16.98
CA TRP B 252 -34.85 10.12 17.53
C TRP B 252 -34.93 11.53 16.96
N ILE B 253 -33.80 12.12 16.60
CA ILE B 253 -33.83 13.43 15.95
C ILE B 253 -34.53 13.35 14.61
N THR B 254 -34.20 12.32 13.82
CA THR B 254 -34.87 12.14 12.53
C THR B 254 -36.35 11.89 12.71
N LEU B 255 -36.71 11.09 13.72
CA LEU B 255 -38.13 10.85 14.00
C LEU B 255 -38.85 12.16 14.33
N ALA B 256 -38.24 12.99 15.17
CA ALA B 256 -38.90 14.22 15.60
C ALA B 256 -39.09 15.18 14.44
N THR B 257 -38.05 15.39 13.63
CA THR B 257 -38.19 16.31 12.51
C THR B 257 -39.10 15.76 11.42
N GLY B 258 -39.13 14.44 11.25
CA GLY B 258 -40.07 13.86 10.30
C GLY B 258 -41.51 14.10 10.70
N LEU B 259 -41.83 13.85 11.97
CA LEU B 259 -43.18 14.14 12.43
C LEU B 259 -43.50 15.62 12.38
N LEU B 260 -42.50 16.48 12.61
CA LEU B 260 -42.73 17.92 12.50
C LEU B 260 -43.08 18.32 11.08
N CYS B 261 -42.30 17.86 10.10
CA CYS B 261 -42.58 18.19 8.71
C CYS B 261 -43.95 17.65 8.29
N ILE B 262 -44.30 16.44 8.73
CA ILE B 262 -45.60 15.89 8.37
C ILE B 262 -46.72 16.73 8.97
N LEU B 263 -46.55 17.16 10.22
CA LEU B 263 -47.57 18.00 10.85
C LEU B 263 -47.72 19.33 10.13
N LEU B 264 -46.61 19.95 9.74
CA LEU B 264 -46.70 21.22 9.02
C LEU B 264 -47.38 21.05 7.68
N GLY B 265 -47.05 19.98 6.95
CA GLY B 265 -47.71 19.74 5.68
C GLY B 265 -49.20 19.55 5.82
N LEU B 266 -49.62 18.79 6.83
CA LEU B 266 -51.06 18.58 7.04
C LEU B 266 -51.75 19.87 7.44
N VAL B 267 -51.11 20.67 8.29
CA VAL B 267 -51.72 21.93 8.69
C VAL B 267 -51.88 22.86 7.49
N MET B 268 -50.87 22.91 6.62
CA MET B 268 -50.98 23.77 5.44
C MET B 268 -52.08 23.29 4.51
N ALA B 269 -52.19 21.98 4.30
CA ALA B 269 -53.24 21.47 3.42
C ALA B 269 -54.62 21.78 3.97
N VAL B 270 -54.82 21.54 5.27
CA VAL B 270 -56.13 21.79 5.87
C VAL B 270 -56.46 23.28 5.81
N ALA B 271 -55.52 24.13 6.21
CA ALA B 271 -55.76 25.57 6.17
C ALA B 271 -55.89 26.10 4.75
N HIS B 272 -55.45 25.35 3.75
CA HIS B 272 -55.70 25.75 2.37
C HIS B 272 -57.08 25.33 1.90
N ARG B 273 -57.61 24.23 2.45
CA ARG B 273 -58.92 23.76 2.02
C ARG B 273 -60.02 24.66 2.55
N MET B 274 -60.15 24.75 3.89
CA MET B 274 -61.33 25.42 4.45
C MET B 274 -61.29 26.93 4.25
N GLN B 275 -60.31 27.68 4.79
CA GLN B 275 -60.34 29.11 4.47
C GLN B 275 -59.52 29.46 3.24
N ASN C 8 28.37 -15.35 -22.19
CA ASN C 8 29.76 -14.94 -22.23
C ASN C 8 30.57 -15.69 -21.19
N SER C 9 31.31 -14.94 -20.37
CA SER C 9 32.17 -15.52 -19.35
C SER C 9 31.58 -15.39 -17.95
N ILE C 10 30.44 -14.74 -17.80
CA ILE C 10 29.81 -14.56 -16.50
C ILE C 10 28.85 -15.73 -16.32
N SER C 11 29.32 -16.77 -15.62
CA SER C 11 28.59 -18.01 -15.48
C SER C 11 27.88 -18.12 -14.14
N TRP C 12 27.62 -17.01 -13.47
CA TRP C 12 26.92 -17.00 -12.21
C TRP C 12 25.87 -15.89 -12.26
N GLU C 13 25.18 -15.69 -11.14
CA GLU C 13 24.18 -14.64 -11.02
C GLU C 13 24.84 -13.46 -10.34
N VAL C 14 25.08 -12.38 -11.09
CA VAL C 14 25.79 -11.24 -10.53
C VAL C 14 25.00 -10.63 -9.39
N GLN C 15 25.72 -10.22 -8.35
CA GLN C 15 25.08 -9.72 -7.14
C GLN C 15 24.58 -8.30 -7.35
N ARG C 16 23.37 -8.03 -6.87
CA ARG C 16 22.80 -6.71 -6.96
C ARG C 16 23.54 -5.74 -6.04
N PHE C 17 23.40 -4.45 -6.32
CA PHE C 17 24.08 -3.44 -5.53
C PHE C 17 23.25 -2.98 -4.35
N ASP C 18 21.94 -3.06 -4.43
CA ASP C 18 21.06 -2.55 -3.38
C ASP C 18 20.58 -3.64 -2.43
N GLY C 19 21.02 -4.88 -2.59
CA GLY C 19 20.71 -5.91 -1.63
C GLY C 19 19.36 -6.58 -1.79
N TRP C 20 18.59 -6.23 -2.79
CA TRP C 20 17.32 -6.88 -3.02
C TRP C 20 17.52 -8.28 -3.58
N TYR C 21 16.51 -9.13 -3.38
CA TYR C 21 16.47 -10.48 -3.95
C TYR C 21 17.69 -11.30 -3.56
N ASN C 22 18.24 -11.04 -2.38
CA ASN C 22 19.29 -11.92 -1.86
C ASN C 22 18.69 -13.15 -1.20
N ASN C 23 17.51 -13.02 -0.62
CA ASN C 23 16.81 -14.12 0.01
C ASN C 23 15.62 -14.52 -0.86
N LEU C 24 15.37 -15.83 -0.95
CA LEU C 24 14.28 -16.29 -1.81
C LEU C 24 12.93 -15.92 -1.24
N MET C 25 12.77 -16.00 0.08
CA MET C 25 11.47 -15.80 0.70
C MET C 25 11.22 -14.34 1.07
N GLU C 26 12.16 -13.71 1.76
CA GLU C 26 12.05 -12.30 2.14
C GLU C 26 12.95 -11.49 1.22
N HIS C 27 12.36 -10.89 0.19
CA HIS C 27 13.15 -10.18 -0.81
C HIS C 27 13.78 -8.92 -0.24
N ARG C 28 13.16 -8.31 0.76
CA ARG C 28 13.57 -7.02 1.25
C ARG C 28 14.63 -7.09 2.34
N TRP C 29 14.99 -8.28 2.79
CA TRP C 29 16.01 -8.41 3.83
C TRP C 29 17.35 -7.89 3.32
N GLY C 30 17.99 -7.05 4.13
CA GLY C 30 19.30 -6.52 3.79
C GLY C 30 19.30 -5.40 2.79
N SER C 31 18.18 -5.10 2.15
CA SER C 31 18.16 -4.04 1.15
C SER C 31 18.43 -2.69 1.80
N LYS C 32 18.68 -1.69 0.96
CA LYS C 32 18.95 -0.36 1.45
C LYS C 32 17.65 0.37 1.78
N GLY C 33 17.67 1.14 2.86
CA GLY C 33 16.46 1.80 3.30
C GLY C 33 15.51 0.93 4.07
N SER C 34 15.98 -0.22 4.57
CA SER C 34 15.13 -1.14 5.29
C SER C 34 15.22 -0.88 6.80
N ARG C 35 14.22 -1.39 7.52
CA ARG C 35 14.13 -1.18 8.95
C ARG C 35 15.33 -1.76 9.68
N LEU C 36 15.60 -1.21 10.86
CA LEU C 36 16.50 -1.81 11.83
C LEU C 36 15.65 -2.59 12.83
N GLN C 37 15.91 -3.89 12.94
CA GLN C 37 15.07 -4.77 13.74
C GLN C 37 15.71 -4.98 15.10
N ARG C 38 15.02 -4.54 16.14
CA ARG C 38 15.59 -4.45 17.48
C ARG C 38 15.48 -5.77 18.23
N LEU C 39 16.24 -5.87 19.31
CA LEU C 39 16.29 -7.08 20.14
C LEU C 39 15.38 -6.98 21.36
N VAL C 40 15.16 -5.78 21.88
CA VAL C 40 14.29 -5.54 23.03
C VAL C 40 13.24 -4.55 22.58
N PRO C 41 11.99 -4.64 23.04
CA PRO C 41 10.98 -3.66 22.66
C PRO C 41 11.42 -2.23 22.95
N ALA C 42 10.96 -1.30 22.12
CA ALA C 42 11.41 0.07 22.19
C ALA C 42 11.01 0.72 23.50
N SER C 43 11.95 1.43 24.12
CA SER C 43 11.71 2.11 25.39
C SER C 43 11.70 3.61 25.11
N TYR C 44 10.53 4.12 24.76
CA TYR C 44 10.30 5.54 24.55
C TYR C 44 9.59 6.13 25.76
N ALA C 45 9.35 7.44 25.73
CA ALA C 45 8.74 8.11 26.87
C ALA C 45 7.25 7.83 26.95
N ASP C 46 6.56 7.81 25.82
CA ASP C 46 5.15 7.51 25.75
C ASP C 46 4.86 6.15 25.15
N GLY C 47 5.87 5.36 24.85
CA GLY C 47 5.69 4.10 24.16
C GLY C 47 5.85 4.18 22.67
N VAL C 48 5.73 5.37 22.07
CA VAL C 48 5.87 5.56 20.63
C VAL C 48 6.68 6.83 20.39
N TYR C 49 7.83 6.69 19.76
CA TYR C 49 8.53 7.77 19.07
C TYR C 49 9.01 8.93 19.92
N GLN C 50 8.72 8.97 21.22
CA GLN C 50 9.15 10.12 22.01
C GLN C 50 10.29 9.73 22.94
N PRO C 51 11.45 10.36 22.84
CA PRO C 51 12.63 9.90 23.59
C PRO C 51 12.54 10.22 25.07
N LEU C 52 13.29 9.45 25.85
CA LEU C 52 13.51 9.81 27.23
C LEU C 52 14.42 11.03 27.30
N LYS C 53 14.29 11.81 28.37
CA LYS C 53 14.87 13.14 28.38
C LYS C 53 15.54 13.40 29.73
N GLU C 54 15.93 14.66 29.92
CA GLU C 54 16.85 15.15 30.94
C GLU C 54 16.31 15.20 32.36
N PRO C 55 15.01 15.39 32.60
CA PRO C 55 14.52 15.25 33.98
C PRO C 55 14.56 13.81 34.47
N TYR C 56 14.36 12.84 33.58
CA TYR C 56 14.33 11.43 33.92
C TYR C 56 15.71 10.78 33.88
N LEU C 57 16.50 11.09 32.86
CA LEU C 57 17.86 10.66 32.64
C LEU C 57 18.82 11.84 32.74
N PRO C 58 20.08 11.64 33.12
CA PRO C 58 20.98 12.78 33.34
C PRO C 58 21.28 13.52 32.04
N ASN C 59 21.98 14.63 32.20
CA ASN C 59 22.33 15.48 31.09
C ASN C 59 23.48 14.86 30.30
N PRO C 60 23.38 14.79 28.96
CA PRO C 60 24.46 14.15 28.20
C PRO C 60 25.81 14.83 28.38
N ARG C 61 25.87 16.15 28.21
CA ARG C 61 27.15 16.83 28.36
C ARG C 61 27.67 16.76 29.79
N HIS C 62 26.77 16.64 30.76
CA HIS C 62 27.21 16.49 32.13
C HIS C 62 27.63 15.08 32.46
N LEU C 63 27.13 14.09 31.72
CA LEU C 63 27.56 12.71 31.89
C LEU C 63 28.90 12.45 31.19
N SER C 64 29.14 13.09 30.06
CA SER C 64 30.40 12.92 29.34
C SER C 64 31.60 13.48 30.09
N ASN C 65 31.39 14.35 31.07
CA ASN C 65 32.50 14.92 31.82
C ASN C 65 32.88 14.14 33.05
N ARG C 66 31.98 13.29 33.56
CA ARG C 66 32.21 12.59 34.81
C ARG C 66 32.78 11.20 34.64
N VAL C 67 32.48 10.52 33.55
CA VAL C 67 32.97 9.16 33.31
C VAL C 67 33.99 9.13 32.16
N MET C 68 33.60 9.63 30.99
CA MET C 68 34.41 9.49 29.78
C MET C 68 35.29 10.73 29.60
N ARG C 69 36.32 10.82 30.44
CA ARG C 69 37.23 11.94 30.37
C ARG C 69 38.54 11.57 31.06
N GLY C 70 39.66 11.83 30.37
CA GLY C 70 40.95 11.53 30.95
C GLY C 70 42.05 11.77 29.94
N SER C 71 43.25 11.33 30.30
CA SER C 71 44.44 11.57 29.48
C SER C 71 44.42 10.68 28.24
N ALA C 72 45.51 10.73 27.47
CA ALA C 72 45.58 10.03 26.20
C ALA C 72 46.78 9.10 26.05
N GLY C 73 47.62 8.96 27.06
CA GLY C 73 48.78 8.10 26.93
C GLY C 73 48.57 6.70 27.47
N GLN C 74 47.39 6.13 27.23
CA GLN C 74 47.04 4.84 27.79
C GLN C 74 47.18 3.76 26.73
N PRO C 75 48.18 2.88 26.81
CA PRO C 75 48.32 1.83 25.81
C PRO C 75 47.25 0.76 25.95
N SER C 76 47.04 0.03 24.86
CA SER C 76 46.06 -1.05 24.87
C SER C 76 46.62 -2.26 25.59
N LEU C 77 45.72 -3.10 26.10
CA LEU C 77 46.13 -4.31 26.80
C LEU C 77 46.62 -5.38 25.83
N ARG C 78 45.96 -5.50 24.68
CA ARG C 78 46.25 -6.54 23.71
C ARG C 78 47.22 -6.10 22.62
N ASN C 79 47.75 -4.88 22.72
CA ASN C 79 48.64 -4.31 21.71
C ASN C 79 47.96 -4.21 20.35
N ARG C 80 46.68 -3.88 20.34
CA ARG C 80 46.01 -3.67 19.07
C ARG C 80 46.54 -2.41 18.40
N THR C 81 46.51 -2.40 17.08
CA THR C 81 47.07 -1.30 16.30
C THR C 81 45.95 -0.44 15.71
N VAL C 82 46.32 0.79 15.35
CA VAL C 82 45.35 1.76 14.86
C VAL C 82 44.74 1.31 13.54
N LEU C 83 45.50 0.54 12.76
CA LEU C 83 44.98 0.03 11.49
C LEU C 83 43.77 -0.86 11.73
N GLY C 84 43.76 -1.61 12.83
CA GLY C 84 42.60 -2.42 13.16
C GLY C 84 41.38 -1.57 13.52
N VAL C 85 41.59 -0.51 14.29
CA VAL C 85 40.50 0.37 14.68
C VAL C 85 39.83 0.96 13.44
N PHE C 86 40.62 1.50 12.53
CA PHE C 86 40.01 2.15 11.38
C PHE C 86 39.56 1.18 10.30
N PHE C 87 40.14 -0.03 10.24
CA PHE C 87 39.53 -1.08 9.43
C PHE C 87 38.16 -1.45 9.97
N GLY C 88 38.00 -1.44 11.28
CA GLY C 88 36.69 -1.68 11.86
C GLY C 88 35.70 -0.59 11.53
N TYR C 89 36.15 0.67 11.56
CA TYR C 89 35.30 1.77 11.13
C TYR C 89 34.86 1.60 9.68
N HIS C 90 35.76 1.12 8.83
CA HIS C 90 35.40 0.89 7.43
C HIS C 90 34.37 -0.21 7.29
N VAL C 91 34.56 -1.32 8.01
CA VAL C 91 33.60 -2.42 7.95
C VAL C 91 32.22 -1.96 8.41
N LEU C 92 32.17 -1.17 9.47
CA LEU C 92 30.88 -0.73 9.98
C LEU C 92 30.24 0.29 9.04
N SER C 93 31.04 1.06 8.31
CA SER C 93 30.47 1.88 7.25
C SER C 93 29.87 1.02 6.15
N ASP C 94 30.41 -0.18 5.96
CA ASP C 94 29.81 -1.12 5.01
C ASP C 94 28.47 -1.62 5.51
N LEU C 95 28.35 -1.87 6.82
CA LEU C 95 27.16 -2.54 7.36
C LEU C 95 26.01 -1.59 7.68
N VAL C 96 26.27 -0.57 8.48
CA VAL C 96 25.20 0.25 9.04
C VAL C 96 25.53 1.73 8.89
N SER C 97 24.51 2.54 8.63
CA SER C 97 24.64 4.00 8.58
C SER C 97 23.32 4.60 9.00
N VAL C 98 23.30 5.31 10.12
CA VAL C 98 22.05 5.80 10.69
C VAL C 98 22.16 7.28 11.05
N GLU C 99 23.08 8.00 10.42
CA GLU C 99 23.38 9.37 10.82
C GLU C 99 22.79 10.42 9.90
N THR C 100 21.86 10.06 9.02
CA THR C 100 21.23 11.04 8.15
C THR C 100 19.95 11.54 8.78
N PRO C 101 19.79 12.85 8.99
CA PRO C 101 18.56 13.35 9.63
C PRO C 101 17.34 13.12 8.77
N GLY C 102 16.21 12.92 9.44
CA GLY C 102 14.99 12.56 8.75
C GLY C 102 13.91 13.62 8.85
N CYS C 103 12.91 13.51 7.98
CA CYS C 103 11.79 14.43 7.84
C CYS C 103 10.53 13.90 8.51
N PRO C 104 9.78 14.73 9.23
CA PRO C 104 9.99 16.17 9.47
C PRO C 104 11.18 16.42 10.39
N ALA C 105 11.72 17.64 10.36
CA ALA C 105 12.85 17.95 11.20
C ALA C 105 12.47 17.91 12.66
N GLU C 106 13.12 17.03 13.41
CA GLU C 106 12.92 16.92 14.85
C GLU C 106 14.25 17.09 15.54
N PHE C 107 14.24 17.83 16.64
CA PHE C 107 15.47 18.16 17.35
C PHE C 107 15.42 17.62 18.77
N LEU C 108 16.55 17.09 19.22
CA LEU C 108 16.73 16.62 20.58
C LEU C 108 18.01 17.25 21.08
N ASN C 109 17.92 18.49 21.56
CA ASN C 109 19.09 19.33 21.75
C ASN C 109 19.87 18.93 23.00
N ILE C 110 21.06 19.49 23.11
CA ILE C 110 21.99 19.21 24.19
C ILE C 110 22.21 20.51 24.95
N TYR C 111 21.68 20.59 26.17
CA TYR C 111 21.76 21.81 26.96
C TYR C 111 23.07 21.82 27.73
N ILE C 112 23.97 22.71 27.36
CA ILE C 112 25.28 22.82 27.98
C ILE C 112 25.12 23.36 29.39
N PRO C 113 25.61 22.66 30.42
CA PRO C 113 25.51 23.21 31.78
C PRO C 113 26.27 24.51 31.92
N HIS C 114 25.79 25.35 32.83
CA HIS C 114 26.37 26.67 33.04
C HIS C 114 27.81 26.59 33.50
N GLY C 115 28.74 27.03 32.66
CA GLY C 115 30.13 27.10 33.02
C GLY C 115 31.06 26.09 32.37
N ASP C 116 30.60 25.39 31.34
CA ASP C 116 31.44 24.40 30.65
C ASP C 116 32.65 25.09 30.04
N PRO C 117 33.87 24.71 30.42
CA PRO C 117 35.06 25.48 29.99
C PRO C 117 35.33 25.43 28.50
N VAL C 118 34.57 24.67 27.75
CA VAL C 118 34.78 24.51 26.31
C VAL C 118 33.67 25.19 25.52
N PHE C 119 32.42 24.79 25.73
CA PHE C 119 31.33 25.33 24.94
C PHE C 119 30.68 26.55 25.57
N ASP C 120 31.09 26.93 26.78
CA ASP C 120 30.55 28.13 27.44
C ASP C 120 31.65 28.75 28.29
N PRO C 121 32.71 29.23 27.66
CA PRO C 121 33.81 29.83 28.44
C PRO C 121 33.41 31.13 29.10
N ASP C 122 32.85 32.06 28.33
CA ASP C 122 32.25 33.28 28.87
C ASP C 122 30.90 32.89 29.45
N LYS C 123 30.82 32.78 30.77
CA LYS C 123 29.71 32.08 31.41
C LYS C 123 28.37 32.76 31.17
N ARG C 124 27.55 32.14 30.32
CA ARG C 124 26.18 32.55 30.07
C ARG C 124 25.25 31.41 30.49
N GLY C 125 23.97 31.56 30.17
CA GLY C 125 23.00 30.58 30.61
C GLY C 125 22.64 29.51 29.61
N ASN C 126 22.29 29.91 28.39
CA ASN C 126 21.71 29.00 27.41
C ASN C 126 22.67 28.87 26.23
N VAL C 127 23.35 27.73 26.15
CA VAL C 127 24.34 27.49 25.11
C VAL C 127 23.99 26.22 24.32
N VAL C 128 22.70 26.01 24.11
CA VAL C 128 22.16 24.83 23.44
C VAL C 128 22.95 24.42 22.21
N LEU C 129 23.34 23.14 22.14
CA LEU C 129 23.94 22.55 20.95
C LEU C 129 22.87 21.80 20.19
N PRO C 130 22.59 22.13 18.92
CA PRO C 130 21.53 21.42 18.20
C PRO C 130 21.88 19.97 17.93
N PHE C 131 20.85 19.15 17.81
CA PHE C 131 20.99 17.74 17.50
C PHE C 131 19.70 17.26 16.88
N GLN C 132 19.77 16.59 15.74
CA GLN C 132 18.60 16.26 14.96
C GLN C 132 18.40 14.76 14.91
N ARG C 133 17.17 14.32 15.14
CA ARG C 133 16.84 12.91 15.09
C ARG C 133 16.97 12.38 13.68
N SER C 134 17.25 11.07 13.58
CA SER C 134 17.59 10.44 12.31
C SER C 134 16.35 9.94 11.58
N ARG C 135 16.56 9.35 10.41
CA ARG C 135 15.48 8.94 9.54
C ARG C 135 14.85 7.66 10.04
N TRP C 136 13.54 7.55 9.85
CA TRP C 136 12.74 6.45 10.38
C TRP C 136 11.83 5.89 9.30
N ASP C 137 11.17 4.79 9.61
CA ASP C 137 10.30 4.10 8.66
C ASP C 137 8.88 4.59 8.81
N ARG C 138 8.25 4.90 7.68
CA ARG C 138 6.97 5.60 7.66
C ARG C 138 5.79 4.71 8.02
N ASN C 139 6.02 3.46 8.43
CA ASN C 139 4.93 2.57 8.81
C ASN C 139 4.99 2.17 10.27
N THR C 140 5.70 2.94 11.10
CA THR C 140 6.02 2.46 12.44
C THR C 140 5.84 3.47 13.57
N GLY C 141 5.43 4.71 13.30
CA GLY C 141 5.51 5.73 14.34
C GLY C 141 4.24 6.16 15.01
N GLN C 142 3.14 5.41 14.89
CA GLN C 142 1.84 5.92 15.29
C GLN C 142 1.27 5.30 16.56
N SER C 143 1.39 3.99 16.76
CA SER C 143 0.61 3.30 17.77
C SER C 143 1.50 2.48 18.68
N PRO C 144 1.02 2.12 19.87
CA PRO C 144 1.93 1.57 20.90
C PRO C 144 2.37 0.14 20.65
N SER C 145 1.60 -0.68 19.95
CA SER C 145 2.03 -2.03 19.64
C SER C 145 2.84 -2.09 18.35
N ASN C 146 3.41 -0.97 17.92
CA ASN C 146 4.31 -0.87 16.78
C ASN C 146 5.09 0.43 16.89
N PRO C 147 6.06 0.54 17.81
CA PRO C 147 6.80 1.79 17.98
C PRO C 147 7.72 2.10 16.82
N ARG C 148 8.36 3.26 16.86
CA ARG C 148 9.11 3.77 15.71
C ARG C 148 10.37 2.96 15.47
N ASP C 149 10.66 2.69 14.20
CA ASP C 149 11.85 1.95 13.78
C ASP C 149 12.62 2.79 12.77
N GLN C 150 13.90 3.01 13.04
CA GLN C 150 14.73 3.78 12.13
C GLN C 150 15.13 2.90 10.94
N SER C 151 15.59 3.57 9.88
CA SER C 151 15.92 2.89 8.64
C SER C 151 17.41 2.98 8.37
N ASN C 152 17.94 1.97 7.68
CA ASN C 152 19.35 1.85 7.41
C ASN C 152 19.65 2.39 6.01
N GLN C 153 20.63 3.27 5.91
CA GLN C 153 20.89 3.96 4.65
C GLN C 153 21.74 3.15 3.68
N VAL C 154 22.36 2.06 4.13
CA VAL C 154 23.16 1.22 3.24
C VAL C 154 22.61 -0.20 3.26
N THR C 155 23.24 -1.10 2.51
CA THR C 155 22.80 -2.48 2.49
C THR C 155 23.41 -3.24 3.66
N GLY C 156 22.56 -3.90 4.44
CA GLY C 156 22.99 -4.60 5.63
C GLY C 156 23.87 -5.80 5.38
N TRP C 157 24.00 -6.26 4.15
CA TRP C 157 24.90 -7.36 3.86
C TRP C 157 26.34 -6.89 3.89
N LEU C 158 27.26 -7.82 4.15
CA LEU C 158 28.68 -7.55 4.03
C LEU C 158 29.10 -7.82 2.59
N ASP C 159 28.62 -6.96 1.70
CA ASP C 159 28.71 -7.16 0.25
C ASP C 159 29.56 -6.09 -0.42
N GLY C 160 30.52 -5.52 0.30
CA GLY C 160 31.33 -4.47 -0.28
C GLY C 160 30.57 -3.24 -0.70
N SER C 161 29.48 -2.91 0.01
CA SER C 161 28.68 -1.73 -0.28
C SER C 161 29.36 -0.44 0.15
N ALA C 162 30.62 -0.51 0.55
CA ALA C 162 31.43 0.66 0.83
C ALA C 162 32.51 0.89 -0.19
N ILE C 163 32.66 -0.01 -1.16
CA ILE C 163 33.66 0.14 -2.20
C ILE C 163 32.95 0.49 -3.50
N TYR C 164 31.76 -0.07 -3.70
CA TYR C 164 31.06 0.06 -4.97
C TYR C 164 29.77 0.86 -4.90
N GLY C 165 29.20 1.07 -3.72
CA GLY C 165 27.95 1.82 -3.66
C GLY C 165 26.76 0.91 -3.41
N SER C 166 25.70 1.50 -2.88
CA SER C 166 24.50 0.77 -2.51
C SER C 166 23.41 0.84 -3.56
N SER C 167 23.75 1.23 -4.78
CA SER C 167 22.81 1.20 -5.89
C SER C 167 23.59 1.09 -7.18
N HIS C 168 22.88 0.71 -8.24
CA HIS C 168 23.53 0.56 -9.55
C HIS C 168 23.88 1.91 -10.15
N SER C 169 22.99 2.90 -10.01
CA SER C 169 23.26 4.23 -10.53
C SER C 169 24.40 4.90 -9.79
N TRP C 170 24.62 4.54 -8.53
CA TRP C 170 25.79 5.04 -7.80
C TRP C 170 27.06 4.41 -8.33
N SER C 171 27.06 3.09 -8.51
CA SER C 171 28.25 2.41 -9.01
C SER C 171 28.61 2.87 -10.41
N ASP C 172 27.63 3.31 -11.19
CA ASP C 172 27.91 3.78 -12.54
C ASP C 172 28.76 5.05 -12.54
N THR C 173 28.60 5.91 -11.53
CA THR C 173 29.38 7.12 -11.44
C THR C 173 30.77 6.90 -10.88
N LEU C 174 31.10 5.66 -10.52
CA LEU C 174 32.44 5.35 -10.02
C LEU C 174 33.31 4.63 -11.04
N ARG C 175 32.72 4.11 -12.11
CA ARG C 175 33.45 3.33 -13.11
C ARG C 175 33.91 4.21 -14.25
N SER C 176 35.01 3.79 -14.88
CA SER C 176 35.49 4.43 -16.09
C SER C 176 35.00 3.75 -17.35
N PHE C 177 34.48 2.53 -17.24
CA PHE C 177 33.95 1.77 -18.37
C PHE C 177 35.03 1.55 -19.42
N SER C 178 36.25 1.28 -18.96
CA SER C 178 37.36 0.99 -19.86
C SER C 178 38.39 0.21 -19.07
N GLY C 179 38.56 -1.07 -19.39
CA GLY C 179 39.46 -1.93 -18.66
C GLY C 179 38.86 -2.58 -17.44
N GLY C 180 37.58 -2.34 -17.16
CA GLY C 180 36.96 -2.91 -15.99
C GLY C 180 37.42 -2.30 -14.69
N GLN C 181 37.72 -1.00 -14.70
CA GLN C 181 38.32 -0.35 -13.55
C GLN C 181 37.39 0.72 -13.01
N LEU C 182 37.66 1.13 -11.78
CA LEU C 182 36.99 2.27 -11.19
C LEU C 182 37.65 3.55 -11.64
N ALA C 183 36.85 4.62 -11.74
CA ALA C 183 37.34 5.87 -12.33
C ALA C 183 38.45 6.46 -11.46
N SER C 184 39.39 7.11 -12.13
CA SER C 184 40.56 7.67 -11.48
C SER C 184 40.67 9.15 -11.84
N GLY C 185 41.70 9.79 -11.31
CA GLY C 185 41.94 11.19 -11.58
C GLY C 185 43.25 11.40 -12.30
N PRO C 186 43.79 12.62 -12.22
CA PRO C 186 45.13 12.87 -12.78
C PRO C 186 46.17 11.87 -12.32
N ASP C 187 46.10 11.44 -11.06
CA ASP C 187 46.99 10.43 -10.52
C ASP C 187 46.23 9.10 -10.49
N PRO C 188 46.73 8.04 -11.13
CA PRO C 188 46.00 6.78 -11.14
C PRO C 188 45.88 6.10 -9.78
N ALA C 189 46.39 6.71 -8.72
CA ALA C 189 46.34 6.14 -7.39
C ALA C 189 45.30 6.78 -6.50
N PHE C 190 44.46 7.66 -7.04
CA PHE C 190 43.43 8.34 -6.29
C PHE C 190 42.16 8.35 -7.11
N PRO C 191 41.00 8.30 -6.47
CA PRO C 191 39.73 8.38 -7.22
C PRO C 191 39.55 9.76 -7.83
N SER C 192 38.42 9.97 -8.51
CA SER C 192 38.11 11.24 -9.13
C SER C 192 37.04 11.95 -8.32
N ASP C 193 37.28 13.23 -8.02
CA ASP C 193 36.33 14.05 -7.28
C ASP C 193 35.43 14.88 -8.19
N SER C 194 35.19 14.39 -9.42
CA SER C 194 34.45 15.19 -10.40
C SER C 194 33.00 15.38 -9.98
N GLN C 195 32.28 14.29 -9.74
CA GLN C 195 30.90 14.40 -9.31
C GLN C 195 30.83 15.05 -7.94
N SER C 196 30.04 16.13 -7.84
CA SER C 196 30.08 16.99 -6.68
C SER C 196 28.71 17.43 -6.18
N SER C 197 27.63 16.97 -6.80
CA SER C 197 26.30 17.46 -6.46
C SER C 197 25.53 16.52 -5.56
N LEU C 198 25.37 15.25 -5.95
CA LEU C 198 24.54 14.32 -5.20
C LEU C 198 25.26 13.03 -4.85
N LEU C 199 26.59 13.02 -4.82
CA LEU C 199 27.32 11.81 -4.49
C LEU C 199 27.82 11.81 -3.05
N MET C 200 28.70 12.72 -2.70
CA MET C 200 29.43 12.62 -1.44
C MET C 200 28.91 13.65 -0.45
N TRP C 201 29.46 13.58 0.77
CA TRP C 201 29.05 14.45 1.87
C TRP C 201 30.01 15.63 1.92
N MET C 202 29.50 16.81 1.59
CA MET C 202 30.33 18.00 1.47
C MET C 202 30.39 18.80 2.76
N ALA C 203 30.73 18.15 3.86
CA ALA C 203 30.80 18.84 5.14
C ALA C 203 32.04 19.73 5.18
N PRO C 204 31.97 20.89 5.82
CA PRO C 204 33.12 21.80 5.84
C PRO C 204 34.23 21.29 6.74
N ASP C 205 35.43 21.79 6.49
CA ASP C 205 36.56 21.52 7.35
C ASP C 205 36.46 22.36 8.61
N PRO C 206 36.38 21.76 9.80
CA PRO C 206 36.19 22.57 11.01
C PRO C 206 37.35 23.47 11.34
N SER C 207 38.57 23.12 10.95
CA SER C 207 39.74 23.88 11.34
C SER C 207 40.03 25.07 10.42
N THR C 208 39.46 25.09 9.21
CA THR C 208 39.67 26.19 8.29
C THR C 208 38.40 26.74 7.66
N GLY C 209 37.30 25.99 7.65
CA GLY C 209 36.08 26.46 7.03
C GLY C 209 35.94 26.14 5.57
N GLN C 210 36.95 25.54 4.95
CA GLN C 210 36.86 25.16 3.55
C GLN C 210 35.72 24.19 3.33
N GLY C 211 34.99 24.37 2.23
CA GLY C 211 33.82 23.55 2.00
C GLY C 211 33.56 23.19 0.54
N GLY C 212 34.57 23.34 -0.29
CA GLY C 212 34.42 23.04 -1.70
C GLY C 212 34.45 21.56 -1.96
N PRO C 213 34.06 21.17 -3.17
CA PRO C 213 34.14 19.76 -3.56
C PRO C 213 35.50 19.35 -4.10
N ARG C 214 36.49 20.22 -4.10
CA ARG C 214 37.81 19.88 -4.62
C ARG C 214 38.60 19.14 -3.55
N GLY C 215 38.94 17.88 -3.82
CA GLY C 215 39.63 17.04 -2.87
C GLY C 215 38.74 16.08 -2.14
N VAL C 216 37.46 16.01 -2.47
CA VAL C 216 36.52 15.08 -1.85
C VAL C 216 36.39 13.91 -2.83
N TYR C 217 37.20 12.89 -2.59
CA TYR C 217 37.22 11.72 -3.45
C TYR C 217 35.85 11.04 -3.46
N ALA C 218 35.64 10.22 -4.48
CA ALA C 218 34.38 9.50 -4.65
C ALA C 218 34.60 8.05 -4.25
N PHE C 219 33.90 7.62 -3.21
CA PHE C 219 33.95 6.26 -2.70
C PHE C 219 32.54 5.66 -2.77
N GLY C 220 32.39 4.47 -2.20
CA GLY C 220 31.08 3.85 -2.14
C GLY C 220 30.30 4.26 -0.91
N ALA C 221 31.01 4.78 0.09
CA ALA C 221 30.40 5.27 1.32
C ALA C 221 30.29 6.78 1.25
N GLN C 222 29.10 7.30 1.56
CA GLN C 222 28.85 8.73 1.39
C GLN C 222 29.74 9.59 2.29
N ARG C 223 30.20 9.04 3.40
CA ARG C 223 31.00 9.79 4.36
C ARG C 223 32.39 9.19 4.52
N GLY C 224 33.03 8.85 3.40
CA GLY C 224 34.33 8.21 3.45
C GLY C 224 35.50 9.15 3.59
N ASN C 225 35.25 10.46 3.54
CA ASN C 225 36.29 11.47 3.67
C ASN C 225 36.33 12.07 5.07
N ARG C 226 35.74 11.38 6.06
CA ARG C 226 35.63 11.96 7.39
C ARG C 226 37.00 12.21 8.01
N GLU C 227 37.95 11.32 7.79
CA GLU C 227 39.30 11.45 8.29
C GLU C 227 40.27 10.92 7.24
N PRO C 228 41.52 11.37 7.26
CA PRO C 228 42.53 10.76 6.39
C PRO C 228 42.76 9.30 6.70
N PHE C 229 42.51 8.86 7.93
CA PHE C 229 42.77 7.49 8.33
C PHE C 229 41.67 6.55 7.88
N LEU C 230 40.44 7.05 7.74
CA LEU C 230 39.39 6.29 7.09
C LEU C 230 39.47 6.42 5.58
N GLN C 231 40.09 7.49 5.07
CA GLN C 231 40.33 7.61 3.64
C GLN C 231 41.40 6.63 3.17
N ALA C 232 42.39 6.34 4.01
CA ALA C 232 43.45 5.42 3.60
C ALA C 232 42.91 4.04 3.29
N LEU C 233 41.90 3.59 4.04
CA LEU C 233 41.32 2.28 3.77
C LEU C 233 40.52 2.27 2.48
N GLY C 234 39.78 3.34 2.22
CA GLY C 234 39.08 3.46 0.96
C GLY C 234 40.03 3.49 -0.23
N LEU C 235 41.15 4.19 -0.08
CA LEU C 235 42.15 4.21 -1.15
C LEU C 235 42.78 2.84 -1.34
N LEU C 236 42.98 2.11 -0.24
CA LEU C 236 43.49 0.75 -0.34
C LEU C 236 42.55 -0.13 -1.16
N TRP C 237 41.26 -0.10 -0.85
CA TRP C 237 40.33 -0.97 -1.54
C TRP C 237 39.98 -0.47 -2.93
N PHE C 238 40.26 0.79 -3.25
CA PHE C 238 40.15 1.27 -4.62
C PHE C 238 41.33 0.80 -5.45
N ARG C 239 42.54 0.96 -4.94
CA ARG C 239 43.72 0.50 -5.66
C ARG C 239 43.72 -1.01 -5.82
N TYR C 240 43.15 -1.75 -4.87
CA TYR C 240 43.16 -3.21 -5.00
C TYR C 240 42.24 -3.68 -6.12
N HIS C 241 41.07 -3.06 -6.26
CA HIS C 241 40.22 -3.40 -7.40
C HIS C 241 40.93 -3.07 -8.70
N ASN C 242 41.47 -1.86 -8.82
CA ASN C 242 42.17 -1.50 -10.04
C ASN C 242 43.39 -2.37 -10.30
N LEU C 243 43.87 -3.07 -9.27
CA LEU C 243 44.98 -4.02 -9.44
C LEU C 243 44.50 -5.40 -9.85
N CYS C 244 43.34 -5.84 -9.35
CA CYS C 244 42.81 -7.14 -9.75
C CYS C 244 42.28 -7.10 -11.19
N ALA C 245 41.52 -6.06 -11.52
CA ALA C 245 40.99 -5.93 -12.87
C ALA C 245 42.07 -5.67 -13.91
N ARG C 246 43.32 -5.51 -13.49
CA ARG C 246 44.43 -5.31 -14.40
C ARG C 246 45.28 -6.56 -14.57
N LYS C 247 45.07 -7.57 -13.73
CA LYS C 247 45.70 -8.86 -13.92
C LYS C 247 44.82 -9.82 -14.70
N LEU C 248 43.50 -9.61 -14.64
CA LEU C 248 42.60 -10.41 -15.46
C LEU C 248 42.73 -10.03 -16.93
N ALA C 249 42.85 -8.73 -17.22
CA ALA C 249 43.08 -8.27 -18.58
C ALA C 249 44.41 -8.74 -19.13
N GLN C 250 45.29 -9.27 -18.30
CA GLN C 250 46.56 -9.82 -18.77
C GLN C 250 46.46 -11.31 -19.03
N GLU C 251 45.49 -11.99 -18.42
CA GLU C 251 45.27 -13.41 -18.63
C GLU C 251 44.20 -13.69 -19.67
N HIS C 252 43.16 -12.88 -19.73
CA HIS C 252 42.07 -13.03 -20.68
C HIS C 252 42.01 -11.77 -21.53
N PRO C 253 42.89 -11.64 -22.53
CA PRO C 253 42.92 -10.42 -23.35
C PRO C 253 41.71 -10.24 -24.24
N HIS C 254 40.76 -11.16 -24.27
CA HIS C 254 39.59 -11.05 -25.11
C HIS C 254 38.33 -10.68 -24.33
N TRP C 255 38.43 -10.48 -23.03
CA TRP C 255 37.27 -10.09 -22.23
C TRP C 255 36.95 -8.63 -22.44
N GLY C 256 35.68 -8.30 -22.28
CA GLY C 256 35.21 -6.93 -22.41
C GLY C 256 35.53 -6.10 -21.19
N ASP C 257 34.68 -5.12 -20.93
CA ASP C 257 34.81 -4.29 -19.73
C ASP C 257 33.87 -4.75 -18.63
N GLU C 258 32.67 -5.19 -18.97
CA GLU C 258 31.75 -5.67 -17.95
C GLU C 258 32.23 -7.00 -17.38
N GLU C 259 32.85 -7.84 -18.19
CA GLU C 259 33.38 -9.10 -17.68
C GLU C 259 34.53 -8.85 -16.71
N LEU C 260 35.45 -7.94 -17.06
CA LEU C 260 36.56 -7.65 -16.17
C LEU C 260 36.08 -7.06 -14.86
N PHE C 261 35.13 -6.14 -14.92
CA PHE C 261 34.63 -5.53 -13.69
C PHE C 261 33.90 -6.55 -12.83
N GLN C 262 33.03 -7.36 -13.43
CA GLN C 262 32.26 -8.29 -12.61
C GLN C 262 33.10 -9.46 -12.14
N HIS C 263 34.27 -9.71 -12.73
CA HIS C 263 35.17 -10.72 -12.22
C HIS C 263 36.10 -10.19 -11.14
N ALA C 264 36.47 -8.90 -11.21
CA ALA C 264 37.30 -8.34 -10.17
C ALA C 264 36.48 -7.97 -8.94
N ARG C 265 35.24 -7.52 -9.15
CA ARG C 265 34.37 -7.20 -8.03
C ARG C 265 34.10 -8.41 -7.17
N LYS C 266 33.89 -9.56 -7.81
CA LYS C 266 33.63 -10.80 -7.07
C LYS C 266 34.79 -11.16 -6.18
N ARG C 267 36.01 -11.11 -6.71
CA ARG C 267 37.20 -11.46 -5.93
C ARG C 267 37.43 -10.46 -4.81
N VAL C 268 37.18 -9.17 -5.06
CA VAL C 268 37.41 -8.17 -4.04
C VAL C 268 36.41 -8.33 -2.90
N ILE C 269 35.13 -8.58 -3.22
CA ILE C 269 34.14 -8.79 -2.18
C ILE C 269 34.49 -10.02 -1.36
N ALA C 270 34.92 -11.10 -2.00
CA ALA C 270 35.26 -12.31 -1.25
C ALA C 270 36.46 -12.09 -0.33
N THR C 271 37.48 -11.40 -0.82
CA THR C 271 38.64 -11.13 0.03
C THR C 271 38.25 -10.22 1.20
N TYR C 272 37.41 -9.24 0.94
CA TYR C 272 36.94 -8.36 2.00
C TYR C 272 36.17 -9.14 3.06
N GLN C 273 35.29 -10.05 2.64
CA GLN C 273 34.54 -10.85 3.60
C GLN C 273 35.47 -11.73 4.42
N ASN C 274 36.42 -12.38 3.76
CA ASN C 274 37.35 -13.23 4.49
C ASN C 274 38.07 -12.45 5.58
N ILE C 275 38.61 -11.28 5.24
CA ILE C 275 39.36 -10.51 6.23
C ILE C 275 38.44 -10.02 7.34
N ALA C 276 37.36 -9.34 6.97
CA ALA C 276 36.45 -8.76 7.96
C ALA C 276 35.86 -9.80 8.90
N MET C 277 35.79 -11.06 8.50
CA MET C 277 35.18 -12.06 9.36
C MET C 277 36.17 -12.92 10.12
N TYR C 278 37.29 -13.30 9.51
CA TYR C 278 38.20 -14.24 10.13
C TYR C 278 39.54 -13.62 10.52
N GLU C 279 39.69 -12.32 10.40
CA GLU C 279 40.91 -11.70 10.89
C GLU C 279 40.64 -10.50 11.78
N TRP C 280 39.62 -9.70 11.48
CA TRP C 280 39.32 -8.56 12.32
C TRP C 280 38.45 -8.97 13.52
N LEU C 281 37.39 -9.71 13.28
CA LEU C 281 36.52 -10.14 14.37
C LEU C 281 37.26 -10.92 15.44
N PRO C 282 38.12 -11.90 15.12
CA PRO C 282 38.87 -12.58 16.18
C PRO C 282 39.80 -11.68 16.96
N SER C 283 40.10 -10.48 16.47
CA SER C 283 40.94 -9.54 17.21
C SER C 283 40.10 -8.57 18.03
N PHE C 284 38.96 -8.15 17.51
CA PHE C 284 38.09 -7.25 18.24
C PHE C 284 37.53 -7.92 19.49
N LEU C 285 37.04 -9.15 19.34
CA LEU C 285 36.38 -9.85 20.44
C LEU C 285 37.30 -10.77 21.20
N LYS C 286 38.44 -11.14 20.63
CA LYS C 286 39.31 -12.19 21.17
C LYS C 286 38.60 -13.53 21.22
N GLN C 287 37.62 -13.74 20.35
CA GLN C 287 36.89 -15.00 20.26
C GLN C 287 36.79 -15.38 18.80
N THR C 288 37.26 -16.57 18.46
CA THR C 288 37.14 -17.06 17.09
C THR C 288 35.70 -17.49 16.81
N PRO C 289 35.08 -17.00 15.74
CA PRO C 289 33.71 -17.39 15.44
C PRO C 289 33.63 -18.84 15.05
N PRO C 290 32.47 -19.47 15.20
CA PRO C 290 32.33 -20.87 14.79
C PRO C 290 32.41 -21.02 13.28
N GLU C 291 32.84 -22.20 12.86
CA GLU C 291 33.07 -22.44 11.44
C GLU C 291 31.76 -22.45 10.67
N TYR C 292 31.87 -22.27 9.36
CA TYR C 292 30.71 -22.11 8.49
C TYR C 292 29.89 -23.40 8.46
N PRO C 293 28.62 -23.37 8.86
CA PRO C 293 27.80 -24.58 8.81
C PRO C 293 27.14 -24.79 7.46
N GLY C 294 26.85 -23.72 6.75
CA GLY C 294 26.14 -23.78 5.49
C GLY C 294 25.12 -22.67 5.45
N TYR C 295 24.59 -22.41 4.26
CA TYR C 295 23.64 -21.33 4.08
C TYR C 295 22.32 -21.66 4.75
N ARG C 296 21.89 -20.80 5.68
CA ARG C 296 20.61 -20.96 6.36
C ARG C 296 19.61 -19.98 5.75
N PRO C 297 18.72 -20.42 4.88
CA PRO C 297 17.79 -19.48 4.24
C PRO C 297 16.79 -18.84 5.19
N PHE C 298 16.71 -19.31 6.43
CA PHE C 298 15.70 -18.84 7.37
C PHE C 298 16.25 -17.96 8.47
N LEU C 299 17.56 -17.85 8.62
CA LEU C 299 18.13 -16.92 9.57
C LEU C 299 17.84 -15.49 9.15
N ASP C 300 17.40 -14.68 10.10
CA ASP C 300 17.16 -13.27 9.84
C ASP C 300 18.44 -12.49 10.04
N PRO C 301 18.98 -11.86 9.01
CA PRO C 301 20.29 -11.18 9.12
C PRO C 301 20.22 -9.70 9.45
N SER C 302 19.04 -9.18 9.84
CA SER C 302 18.86 -7.74 9.97
C SER C 302 19.80 -7.17 11.02
N ILE C 303 20.02 -5.86 10.93
CA ILE C 303 20.88 -5.13 11.83
C ILE C 303 20.04 -4.59 12.97
N SER C 304 20.52 -4.72 14.16
CA SER C 304 19.78 -4.22 15.31
C SER C 304 20.33 -2.87 15.74
N PRO C 305 19.51 -2.01 16.34
CA PRO C 305 20.02 -0.72 16.83
C PRO C 305 21.05 -0.87 17.94
N GLU C 306 20.99 -1.95 18.71
CA GLU C 306 22.00 -2.17 19.74
C GLU C 306 23.37 -2.50 19.14
N PHE C 307 23.40 -2.97 17.90
CA PHE C 307 24.67 -3.25 17.24
C PHE C 307 25.39 -1.96 16.86
N VAL C 308 24.65 -0.89 16.62
CA VAL C 308 25.28 0.39 16.34
C VAL C 308 26.05 0.90 17.55
N VAL C 309 25.60 0.55 18.75
CA VAL C 309 26.29 0.98 19.97
C VAL C 309 27.39 0.01 20.35
N ALA C 310 27.14 -1.30 20.22
CA ALA C 310 28.12 -2.29 20.64
C ALA C 310 29.38 -2.23 19.80
N SER C 311 29.26 -1.89 18.52
CA SER C 311 30.39 -1.91 17.60
C SER C 311 30.96 -0.53 17.32
N GLU C 312 30.13 0.38 16.81
CA GLU C 312 30.66 1.62 16.26
C GLU C 312 30.93 2.66 17.34
N GLN C 313 29.99 2.86 18.25
CA GLN C 313 30.19 3.83 19.31
C GLN C 313 31.18 3.36 20.37
N PHE C 314 31.52 2.07 20.38
CA PHE C 314 32.51 1.59 21.33
C PHE C 314 33.93 1.86 20.84
N LEU C 315 34.14 1.89 19.53
CA LEU C 315 35.50 2.02 18.99
C LEU C 315 36.14 3.35 19.35
N SER C 316 35.36 4.33 19.80
CA SER C 316 35.91 5.64 20.12
C SER C 316 36.79 5.61 21.36
N THR C 317 36.68 4.59 22.20
CA THR C 317 37.55 4.50 23.37
C THR C 317 38.97 4.14 23.00
N MET C 318 39.22 3.77 21.75
CA MET C 318 40.53 3.32 21.30
C MET C 318 41.20 4.28 20.32
N VAL C 319 40.47 5.25 19.80
CA VAL C 319 41.06 6.19 18.84
C VAL C 319 42.13 7.02 19.54
N PRO C 320 43.32 7.16 18.97
CA PRO C 320 44.37 7.94 19.61
C PRO C 320 44.22 9.42 19.31
N SER C 321 45.19 10.20 19.77
CA SER C 321 45.20 11.63 19.51
C SER C 321 46.06 12.00 18.31
N GLY C 322 47.12 11.25 18.03
CA GLY C 322 47.92 11.48 16.85
C GLY C 322 48.21 10.15 16.16
N VAL C 323 48.55 10.25 14.88
CA VAL C 323 48.81 9.08 14.05
C VAL C 323 50.16 9.26 13.37
N TYR C 324 50.98 8.22 13.40
CA TYR C 324 52.33 8.29 12.85
C TYR C 324 52.31 8.13 11.33
N MET C 325 53.50 8.25 10.73
CA MET C 325 53.76 7.91 9.34
C MET C 325 55.12 7.24 9.27
N ARG C 326 55.26 6.25 8.41
CA ARG C 326 56.45 5.40 8.44
C ARG C 326 56.99 5.17 7.03
N ASN C 327 58.32 5.03 6.97
CA ASN C 327 59.04 4.60 5.79
C ASN C 327 58.68 3.16 5.45
N ALA C 328 59.31 2.64 4.41
CA ALA C 328 59.26 1.20 4.18
C ALA C 328 60.27 0.45 5.04
N SER C 329 61.29 1.14 5.56
CA SER C 329 62.28 0.54 6.46
C SER C 329 62.44 1.42 7.69
N CYS C 330 61.52 1.26 8.64
CA CYS C 330 61.63 1.79 10.00
C CYS C 330 62.20 3.20 10.06
N HIS C 331 61.48 4.14 9.45
CA HIS C 331 61.80 5.55 9.59
C HIS C 331 60.49 6.31 9.75
N PHE C 332 60.36 7.04 10.85
CA PHE C 332 59.07 7.53 11.30
C PHE C 332 58.82 9.01 11.06
N GLN C 333 59.83 9.78 10.68
CA GLN C 333 59.63 11.22 10.63
C GLN C 333 58.82 11.61 9.40
N GLY C 334 57.55 11.20 9.37
CA GLY C 334 56.66 11.53 8.28
C GLY C 334 57.16 11.05 6.94
N ILE C 335 57.56 9.78 6.88
CA ILE C 335 58.16 9.17 5.69
C ILE C 335 59.42 9.92 5.30
N SER C 343 56.18 17.17 16.36
CA SER C 343 56.49 15.87 15.76
C SER C 343 55.74 15.70 14.44
N GLY C 344 56.01 14.60 13.75
CA GLY C 344 55.42 14.33 12.47
C GLY C 344 54.10 13.61 12.49
N ALA C 345 53.48 13.48 13.65
CA ALA C 345 52.18 12.83 13.75
C ALA C 345 51.08 13.78 13.31
N LEU C 346 49.98 13.21 12.84
CA LEU C 346 48.83 13.98 12.40
C LEU C 346 47.85 14.14 13.56
N ARG C 347 47.54 15.38 13.91
CA ARG C 347 46.53 15.64 14.92
C ARG C 347 45.16 15.25 14.40
N VAL C 348 44.39 14.52 15.20
CA VAL C 348 43.13 13.99 14.71
C VAL C 348 42.05 15.06 14.67
N CYS C 349 42.09 16.03 15.58
CA CYS C 349 41.06 17.07 15.59
C CYS C 349 41.23 18.04 14.44
N ASN C 350 42.45 18.25 13.96
CA ASN C 350 42.73 19.16 12.86
C ASN C 350 42.64 18.48 11.50
N SER C 351 42.14 17.25 11.43
CA SER C 351 42.11 16.51 10.18
C SER C 351 40.72 16.08 9.78
N TYR C 352 39.68 16.51 10.48
CA TYR C 352 38.32 16.13 10.10
C TYR C 352 37.93 16.80 8.80
N TRP C 353 37.38 16.02 7.88
CA TRP C 353 36.93 16.51 6.58
C TRP C 353 38.00 17.33 5.89
N SER C 354 39.25 16.88 5.99
CA SER C 354 40.36 17.56 5.34
C SER C 354 40.22 17.47 3.83
N ARG C 355 40.53 18.55 3.13
CA ARG C 355 40.30 18.62 1.70
C ARG C 355 41.51 18.18 0.90
N GLU C 356 42.63 18.88 1.04
CA GLU C 356 43.86 18.55 0.34
C GLU C 356 44.98 18.64 1.36
N HIS C 357 45.25 17.54 2.04
CA HIS C 357 46.26 17.55 3.08
C HIS C 357 47.64 17.69 2.45
N PRO C 358 48.45 18.65 2.89
CA PRO C 358 49.79 18.81 2.30
C PRO C 358 50.75 17.66 2.58
N LYS C 359 50.33 16.65 3.34
CA LYS C 359 51.18 15.50 3.62
C LYS C 359 50.71 14.22 2.96
N LEU C 360 49.53 14.22 2.33
CA LEU C 360 48.90 13.02 1.79
C LEU C 360 48.46 13.26 0.36
N GLN C 361 49.36 13.82 -0.45
CA GLN C 361 49.03 14.14 -1.83
C GLN C 361 49.66 13.20 -2.85
N ARG C 362 50.68 12.45 -2.49
CA ARG C 362 51.25 11.45 -3.37
C ARG C 362 50.73 10.06 -2.97
N ALA C 363 51.19 9.05 -3.70
CA ALA C 363 50.80 7.68 -3.34
C ALA C 363 51.71 7.11 -2.28
N GLU C 364 53.00 7.44 -2.35
CA GLU C 364 53.94 7.01 -1.31
C GLU C 364 53.55 7.56 0.06
N ASP C 365 52.87 8.71 0.10
CA ASP C 365 52.45 9.29 1.36
C ASP C 365 51.32 8.49 1.99
N VAL C 366 50.35 8.04 1.19
CA VAL C 366 49.30 7.20 1.73
C VAL C 366 49.85 5.84 2.14
N ASP C 367 50.83 5.33 1.39
CA ASP C 367 51.50 4.11 1.80
C ASP C 367 52.17 4.29 3.16
N ALA C 368 52.82 5.44 3.36
CA ALA C 368 53.46 5.72 4.64
C ALA C 368 52.44 5.82 5.76
N LEU C 369 51.27 6.38 5.48
CA LEU C 369 50.23 6.45 6.50
C LEU C 369 49.76 5.07 6.90
N LEU C 370 49.54 4.18 5.93
CA LEU C 370 49.08 2.84 6.25
C LEU C 370 50.11 2.07 7.05
N LEU C 371 51.39 2.20 6.70
CA LEU C 371 52.43 1.51 7.45
C LEU C 371 52.57 2.05 8.86
N GLY C 372 52.51 3.37 9.02
CA GLY C 372 52.59 3.96 10.35
C GLY C 372 51.41 3.58 11.22
N MET C 373 50.22 3.51 10.63
CA MET C 373 49.07 3.01 11.38
C MET C 373 49.24 1.54 11.73
N ALA C 374 49.94 0.77 10.90
CA ALA C 374 50.11 -0.64 11.17
C ALA C 374 51.09 -0.89 12.31
N SER C 375 52.02 0.02 12.55
CA SER C 375 53.00 -0.20 13.62
C SER C 375 52.79 0.73 14.82
N GLN C 376 51.55 1.14 15.07
CA GLN C 376 51.23 2.04 16.18
C GLN C 376 50.13 1.45 17.02
N ILE C 377 50.37 1.32 18.33
CA ILE C 377 49.43 0.70 19.25
C ILE C 377 48.35 1.69 19.63
N ALA C 378 47.11 1.23 19.66
CA ALA C 378 45.96 2.10 19.88
C ALA C 378 45.80 2.40 21.37
N GLU C 379 44.67 3.01 21.72
CA GLU C 379 44.38 3.42 23.09
C GLU C 379 43.76 2.28 23.89
N ARG C 380 43.82 2.41 25.20
CA ARG C 380 43.26 1.40 26.09
C ARG C 380 41.74 1.34 25.96
N GLU C 381 41.20 0.13 26.09
CA GLU C 381 39.76 -0.10 25.99
C GLU C 381 39.15 0.07 27.37
N ASP C 382 38.57 1.23 27.62
CA ASP C 382 37.96 1.53 28.90
C ASP C 382 36.94 2.65 28.68
N HIS C 383 36.52 3.30 29.77
CA HIS C 383 35.53 4.37 29.67
C HIS C 383 36.12 5.67 29.14
N VAL C 384 37.41 5.91 29.35
CA VAL C 384 38.03 7.17 28.97
C VAL C 384 38.05 7.31 27.45
N VAL C 385 37.82 8.52 26.96
CA VAL C 385 37.86 8.85 25.54
C VAL C 385 38.68 10.13 25.37
N VAL C 386 39.50 10.18 24.32
CA VAL C 386 40.38 11.33 24.11
C VAL C 386 39.56 12.57 23.77
N GLU C 387 40.18 13.73 23.98
CA GLU C 387 39.47 15.00 23.80
C GLU C 387 39.19 15.32 22.35
N ASP C 388 39.93 14.72 21.42
CA ASP C 388 39.70 14.97 20.00
C ASP C 388 38.37 14.46 19.50
N MET C 389 37.57 13.84 20.36
CA MET C 389 36.26 13.34 19.99
C MET C 389 35.16 13.88 20.88
N GLN C 390 35.41 14.07 22.17
CA GLN C 390 34.39 14.57 23.06
C GLN C 390 34.42 16.08 23.22
N ASP C 391 35.39 16.76 22.64
CA ASP C 391 35.42 18.22 22.63
C ASP C 391 35.43 18.80 21.23
N PHE C 392 36.13 18.16 20.29
CA PHE C 392 36.39 18.76 18.99
C PHE C 392 35.84 17.92 17.84
N TRP C 393 34.74 17.23 18.06
CA TRP C 393 34.12 16.50 16.97
C TRP C 393 33.46 17.48 16.01
N PRO C 394 33.56 17.27 14.70
CA PRO C 394 32.96 18.23 13.75
C PRO C 394 31.46 18.31 13.90
N GLY C 395 30.98 19.49 14.26
CA GLY C 395 29.58 19.71 14.52
C GLY C 395 28.77 19.90 13.26
N PRO C 396 27.57 19.33 13.23
CA PRO C 396 26.76 19.38 12.02
C PRO C 396 25.87 20.61 11.92
N LEU C 397 25.66 21.32 13.04
CA LEU C 397 24.77 22.47 13.05
C LEU C 397 25.36 23.58 13.89
N LYS C 398 25.62 24.73 13.26
CA LYS C 398 25.71 26.02 13.93
C LYS C 398 26.94 26.18 14.81
N PHE C 399 27.77 25.16 14.98
CA PHE C 399 28.84 25.29 15.95
C PHE C 399 30.23 24.89 15.45
N SER C 400 30.28 23.98 14.48
CA SER C 400 31.53 23.51 13.88
C SER C 400 32.32 22.61 14.82
N ARG C 401 31.89 22.51 16.07
CA ARG C 401 32.42 21.54 17.02
C ARG C 401 31.27 21.06 17.88
N THR C 402 31.37 19.82 18.34
CA THR C 402 30.32 19.26 19.15
C THR C 402 30.96 18.25 20.11
N ASP C 403 30.14 17.43 20.73
CA ASP C 403 30.57 16.38 21.63
C ASP C 403 30.12 15.06 21.06
N TYR C 404 31.07 14.17 20.75
CA TYR C 404 30.69 12.90 20.15
C TYR C 404 29.97 12.01 21.14
N LEU C 405 30.43 12.00 22.39
CA LEU C 405 29.79 11.15 23.39
C LEU C 405 28.41 11.69 23.78
N ALA C 406 28.29 13.00 23.97
CA ALA C 406 27.00 13.58 24.28
C ALA C 406 26.02 13.41 23.14
N SER C 407 26.52 13.30 21.90
CA SER C 407 25.64 13.06 20.76
C SER C 407 25.46 11.58 20.47
N CYS C 408 26.24 10.71 21.11
CA CYS C 408 25.97 9.28 21.10
C CYS C 408 24.99 8.87 22.18
N LEU C 409 25.00 9.55 23.31
CA LEU C 409 23.95 9.35 24.30
C LEU C 409 22.61 9.84 23.78
N GLN C 410 22.60 10.99 23.09
CA GLN C 410 21.36 11.51 22.53
C GLN C 410 20.85 10.67 21.38
N ARG C 411 21.71 9.90 20.72
CA ARG C 411 21.23 9.05 19.65
C ARG C 411 20.69 7.73 20.19
N GLY C 412 21.24 7.23 21.30
CA GLY C 412 20.63 6.09 21.95
C GLY C 412 19.22 6.39 22.43
N ARG C 413 19.03 7.56 23.03
CA ARG C 413 17.69 7.98 23.44
C ARG C 413 16.77 8.17 22.25
N ASP C 414 17.31 8.62 21.12
CA ASP C 414 16.50 8.81 19.92
C ASP C 414 16.08 7.49 19.31
N LEU C 415 16.97 6.49 19.33
CA LEU C 415 16.67 5.18 18.78
C LEU C 415 15.81 4.33 19.70
N GLY C 416 15.52 4.80 20.91
CA GLY C 416 14.72 4.01 21.82
C GLY C 416 15.43 2.78 22.32
N LEU C 417 16.68 2.91 22.68
CA LEU C 417 17.46 1.75 23.08
C LEU C 417 17.14 1.35 24.52
N PRO C 418 17.28 0.07 24.85
CA PRO C 418 16.97 -0.37 26.21
C PRO C 418 18.01 0.12 27.19
N SER C 419 17.73 -0.12 28.46
CA SER C 419 18.68 0.17 29.52
C SER C 419 19.81 -0.84 29.48
N TYR C 420 20.73 -0.72 30.45
CA TYR C 420 21.83 -1.67 30.52
C TYR C 420 21.39 -2.98 31.17
N THR C 421 20.69 -2.90 32.30
CA THR C 421 20.22 -4.11 32.97
C THR C 421 19.07 -4.76 32.23
N LYS C 422 18.38 -4.03 31.37
CA LYS C 422 17.30 -4.63 30.59
C LYS C 422 17.83 -5.33 29.34
N ALA C 423 18.85 -4.76 28.70
CA ALA C 423 19.49 -5.43 27.60
C ALA C 423 20.31 -6.62 28.08
N ARG C 424 20.95 -6.48 29.24
CA ARG C 424 21.70 -7.57 29.83
C ARG C 424 20.83 -8.73 30.25
N GLU C 425 19.51 -8.58 30.22
CA GLU C 425 18.58 -9.65 30.57
C GLU C 425 17.96 -10.33 29.37
N ALA C 426 17.58 -9.56 28.35
CA ALA C 426 17.02 -10.16 27.14
C ALA C 426 18.04 -11.02 26.40
N LEU C 427 19.33 -10.80 26.64
CA LEU C 427 20.38 -11.57 26.00
C LEU C 427 20.88 -12.72 26.87
N GLY C 428 20.24 -12.95 28.01
CA GLY C 428 20.55 -14.10 28.82
C GLY C 428 21.83 -14.02 29.61
N LEU C 429 22.18 -12.84 30.11
CA LEU C 429 23.34 -12.67 30.95
C LEU C 429 22.89 -12.57 32.40
N SER C 430 23.80 -12.93 33.31
CA SER C 430 23.46 -12.98 34.73
C SER C 430 23.07 -11.60 35.24
N PRO C 431 22.13 -11.53 36.17
CA PRO C 431 21.69 -10.23 36.68
C PRO C 431 22.79 -9.57 37.52
N ILE C 432 22.58 -8.29 37.80
CA ILE C 432 23.54 -7.47 38.51
C ILE C 432 22.79 -6.55 39.46
N SER C 433 23.23 -6.48 40.71
CA SER C 433 22.49 -5.82 41.77
C SER C 433 23.08 -4.48 42.19
N HIS C 434 24.38 -4.43 42.47
CA HIS C 434 25.00 -3.22 43.00
C HIS C 434 25.73 -2.48 41.89
N TRP C 435 26.27 -1.31 42.24
CA TRP C 435 27.11 -0.58 41.29
C TRP C 435 28.52 -1.11 41.26
N GLN C 436 29.00 -1.68 42.35
CA GLN C 436 30.34 -2.26 42.42
C GLN C 436 30.41 -3.63 41.75
N ASP C 437 29.37 -4.05 41.04
CA ASP C 437 29.37 -5.31 40.31
C ASP C 437 29.49 -5.12 38.81
N ILE C 438 29.35 -3.88 38.31
CA ILE C 438 29.52 -3.65 36.87
C ILE C 438 30.95 -3.98 36.46
N ASN C 439 31.91 -3.69 37.32
CA ASN C 439 33.31 -3.91 37.02
C ASN C 439 34.07 -4.03 38.33
N PRO C 440 34.24 -5.25 38.87
CA PRO C 440 34.92 -5.39 40.15
C PRO C 440 36.35 -4.89 40.14
N ALA C 441 37.08 -5.12 39.04
CA ALA C 441 38.45 -4.64 38.95
C ALA C 441 38.50 -3.11 38.95
N LEU C 442 37.61 -2.48 38.19
CA LEU C 442 37.54 -1.02 38.20
C LEU C 442 37.15 -0.50 39.57
N SER C 443 36.28 -1.22 40.27
CA SER C 443 35.86 -0.80 41.60
C SER C 443 36.98 -0.94 42.61
N ARG C 444 37.90 -1.88 42.40
CA ARG C 444 39.02 -2.04 43.33
C ARG C 444 40.13 -1.04 43.07
N SER C 445 40.38 -0.69 41.80
CA SER C 445 41.49 0.20 41.49
C SER C 445 41.11 1.66 41.71
N ASN C 446 40.16 2.16 40.92
CA ASN C 446 39.77 3.56 41.00
C ASN C 446 38.59 3.76 41.95
N GLY C 447 37.45 3.15 41.63
CA GLY C 447 36.26 3.25 42.45
C GLY C 447 35.62 4.62 42.51
N THR C 448 36.23 5.63 41.92
CA THR C 448 35.68 6.98 41.93
C THR C 448 34.89 7.31 40.67
N VAL C 449 34.86 6.40 39.70
CA VAL C 449 34.04 6.59 38.52
C VAL C 449 32.64 6.02 38.72
N LEU C 450 32.56 4.86 39.37
CA LEU C 450 31.26 4.25 39.63
C LEU C 450 30.46 5.09 40.63
N GLU C 451 31.13 5.73 41.59
CA GLU C 451 30.43 6.59 42.52
C GLU C 451 29.86 7.81 41.83
N ALA C 452 30.62 8.40 40.90
CA ALA C 452 30.12 9.55 40.15
C ALA C 452 28.95 9.17 39.26
N THR C 453 29.02 7.99 38.63
CA THR C 453 27.90 7.55 37.81
C THR C 453 26.66 7.29 38.67
N ALA C 454 26.85 6.68 39.84
CA ALA C 454 25.73 6.45 40.74
C ALA C 454 25.10 7.76 41.17
N ALA C 455 25.93 8.74 41.54
CA ALA C 455 25.40 10.04 41.93
C ALA C 455 24.63 10.71 40.79
N LEU C 456 25.10 10.55 39.56
CA LEU C 456 24.39 11.11 38.42
C LEU C 456 23.04 10.42 38.20
N TYR C 457 22.95 9.13 38.50
CA TYR C 457 21.71 8.39 38.29
C TYR C 457 20.88 8.24 39.55
N ASN C 458 21.30 8.86 40.65
CA ASN C 458 20.58 8.79 41.93
C ASN C 458 20.49 7.35 42.43
N GLN C 459 21.57 6.60 42.22
CA GLN C 459 21.68 5.21 42.66
C GLN C 459 20.56 4.34 42.09
N ASP C 460 20.10 4.63 40.88
CA ASP C 460 19.09 3.84 40.21
C ASP C 460 19.78 3.04 39.11
N LEU C 461 20.25 1.84 39.48
CA LEU C 461 20.98 1.00 38.53
C LEU C 461 20.12 0.58 37.35
N SER C 462 18.80 0.55 37.52
CA SER C 462 17.93 0.15 36.43
C SER C 462 17.74 1.25 35.39
N ARG C 463 18.40 2.39 35.55
CA ARG C 463 18.33 3.47 34.56
C ARG C 463 19.60 3.66 33.76
N LEU C 464 20.72 3.12 34.22
CA LEU C 464 21.97 3.20 33.49
C LEU C 464 21.76 2.71 32.06
N GLU C 465 22.13 3.55 31.09
CA GLU C 465 21.82 3.26 29.70
C GLU C 465 22.91 2.40 29.08
N LEU C 466 22.73 2.11 27.79
CA LEU C 466 23.52 1.06 27.15
C LEU C 466 24.97 1.49 26.97
N LEU C 467 25.20 2.71 26.48
CA LEU C 467 26.58 3.12 26.19
C LEU C 467 27.40 3.34 27.45
N PRO C 468 26.95 4.10 28.46
CA PRO C 468 27.79 4.26 29.66
C PRO C 468 28.00 2.96 30.41
N GLY C 469 27.09 2.00 30.29
CA GLY C 469 27.24 0.74 30.99
C GLY C 469 28.23 -0.18 30.31
N GLY C 470 28.15 -0.28 28.98
CA GLY C 470 29.08 -1.10 28.23
C GLY C 470 30.50 -0.60 28.24
N LEU C 471 30.72 0.68 28.54
CA LEU C 471 32.08 1.19 28.65
C LEU C 471 32.66 0.94 30.02
N LEU C 472 31.84 1.05 31.07
CA LEU C 472 32.33 0.77 32.41
C LEU C 472 32.58 -0.72 32.60
N GLU C 473 31.88 -1.55 31.83
CA GLU C 473 32.05 -2.99 31.92
C GLU C 473 33.27 -3.49 31.18
N SER C 474 33.80 -2.70 30.24
CA SER C 474 34.93 -3.11 29.42
C SER C 474 36.24 -2.81 30.13
N HIS C 475 37.06 -3.84 30.28
CA HIS C 475 38.37 -3.69 30.91
C HIS C 475 39.52 -3.76 29.92
N GLY C 476 39.60 -4.82 29.13
CA GLY C 476 40.60 -4.91 28.09
C GLY C 476 39.99 -5.24 26.75
N ASP C 477 38.76 -5.71 26.77
CA ASP C 477 38.01 -6.14 25.60
C ASP C 477 36.64 -5.48 25.65
N PRO C 478 35.82 -5.65 24.62
CA PRO C 478 34.49 -5.03 24.64
C PRO C 478 33.63 -5.35 25.85
N GLY C 479 33.86 -6.48 26.51
CA GLY C 479 33.08 -6.82 27.67
C GLY C 479 32.01 -7.84 27.37
N PRO C 480 31.36 -8.36 28.40
CA PRO C 480 30.41 -9.46 28.19
C PRO C 480 29.19 -9.07 27.39
N LEU C 481 28.67 -7.86 27.56
CA LEU C 481 27.44 -7.50 26.86
C LEU C 481 27.70 -7.13 25.41
N PHE C 482 28.79 -6.42 25.13
CA PHE C 482 29.04 -5.99 23.76
C PHE C 482 29.53 -7.14 22.90
N SER C 483 30.37 -8.02 23.45
CA SER C 483 30.86 -9.16 22.70
C SER C 483 29.72 -10.04 22.22
N THR C 484 28.71 -10.23 23.06
CA THR C 484 27.57 -11.07 22.69
C THR C 484 26.82 -10.49 21.50
N ILE C 485 26.50 -9.19 21.54
CA ILE C 485 25.76 -8.57 20.46
C ILE C 485 26.56 -8.64 19.17
N VAL C 486 27.86 -8.32 19.24
CA VAL C 486 28.66 -8.26 18.03
C VAL C 486 28.81 -9.64 17.41
N LEU C 487 29.15 -10.65 18.23
CA LEU C 487 29.35 -11.98 17.68
C LEU C 487 28.08 -12.54 17.08
N ASP C 488 26.93 -12.35 17.76
CA ASP C 488 25.68 -12.84 17.22
C ASP C 488 25.34 -12.15 15.90
N GLN C 489 25.57 -10.84 15.83
CA GLN C 489 25.24 -10.11 14.61
C GLN C 489 26.07 -10.61 13.44
N PHE C 490 27.37 -10.83 13.65
CA PHE C 490 28.22 -11.27 12.55
C PHE C 490 27.92 -12.71 12.14
N VAL C 491 27.58 -13.58 13.09
CA VAL C 491 27.21 -14.94 12.73
C VAL C 491 25.94 -14.93 11.89
N ARG C 492 24.96 -14.10 12.26
CA ARG C 492 23.74 -14.02 11.47
C ARG C 492 23.97 -13.38 10.11
N LEU C 493 24.95 -12.50 9.99
CA LEU C 493 25.27 -11.92 8.68
C LEU C 493 25.96 -12.93 7.78
N ARG C 494 26.79 -13.80 8.34
CA ARG C 494 27.46 -14.81 7.53
C ARG C 494 26.50 -15.91 7.11
N ASP C 495 25.78 -16.50 8.06
CA ASP C 495 24.95 -17.66 7.76
C ASP C 495 23.71 -17.31 6.97
N GLY C 496 23.26 -16.06 7.00
CA GLY C 496 22.07 -15.67 6.30
C GLY C 496 22.27 -15.10 4.92
N ASP C 497 23.50 -14.95 4.46
CA ASP C 497 23.81 -14.35 3.17
C ASP C 497 23.98 -15.44 2.12
N ARG C 498 23.26 -15.31 1.01
CA ARG C 498 23.37 -16.28 -0.06
C ARG C 498 24.70 -16.17 -0.79
N TYR C 499 25.25 -14.97 -0.89
CA TYR C 499 26.46 -14.72 -1.63
C TYR C 499 27.72 -14.76 -0.77
N TRP C 500 27.68 -15.43 0.37
CA TRP C 500 28.90 -15.62 1.13
C TRP C 500 29.85 -16.51 0.34
N PHE C 501 31.12 -16.10 0.26
CA PHE C 501 32.07 -16.78 -0.62
C PHE C 501 32.29 -18.24 -0.27
N GLU C 502 31.79 -18.71 0.86
CA GLU C 502 31.92 -20.10 1.25
C GLU C 502 30.69 -20.92 0.92
N ASN C 503 29.58 -20.27 0.57
CA ASN C 503 28.36 -20.97 0.17
C ASN C 503 28.57 -21.60 -1.18
N THR C 504 28.96 -22.87 -1.22
CA THR C 504 29.36 -23.50 -2.48
C THR C 504 28.22 -23.65 -3.46
N ARG C 505 26.98 -23.33 -3.09
CA ARG C 505 25.85 -23.52 -3.98
C ARG C 505 25.42 -22.23 -4.66
N ASN C 506 26.29 -21.23 -4.72
CA ASN C 506 26.00 -20.03 -5.49
C ASN C 506 26.81 -19.93 -6.78
N GLY C 507 27.78 -20.81 -6.97
CA GLY C 507 28.52 -20.87 -8.21
C GLY C 507 29.56 -19.79 -8.40
N LEU C 508 29.84 -18.99 -7.38
CA LEU C 508 30.85 -17.94 -7.52
C LEU C 508 32.23 -18.54 -7.68
N PHE C 509 32.69 -19.30 -6.68
CA PHE C 509 34.04 -19.82 -6.66
C PHE C 509 34.02 -21.34 -6.62
N SER C 510 35.12 -21.92 -7.06
CA SER C 510 35.28 -23.37 -7.01
C SER C 510 35.82 -23.74 -5.64
N LYS C 511 36.26 -24.99 -5.46
CA LYS C 511 36.76 -25.42 -4.16
C LYS C 511 38.18 -24.92 -3.90
N GLU C 512 38.99 -24.77 -4.94
CA GLU C 512 40.37 -24.32 -4.76
C GLU C 512 40.45 -22.81 -4.59
N GLU C 513 39.59 -22.05 -5.27
CA GLU C 513 39.57 -20.61 -5.08
C GLU C 513 39.13 -20.23 -3.68
N ILE C 514 38.23 -21.00 -3.08
CA ILE C 514 37.79 -20.70 -1.73
C ILE C 514 38.93 -20.88 -0.74
N ALA C 515 39.78 -21.88 -0.97
CA ALA C 515 40.93 -22.07 -0.10
C ALA C 515 41.97 -20.97 -0.32
N GLU C 516 42.21 -20.61 -1.58
CA GLU C 516 43.16 -19.54 -1.87
C GLU C 516 42.69 -18.21 -1.29
N ILE C 517 41.37 -18.01 -1.17
CA ILE C 517 40.88 -16.80 -0.54
C ILE C 517 40.97 -16.91 0.97
N ARG C 518 40.63 -18.07 1.53
CA ARG C 518 40.70 -18.25 2.97
C ARG C 518 42.11 -18.18 3.51
N ASN C 519 43.12 -18.24 2.65
CA ASN C 519 44.51 -18.07 3.06
C ASN C 519 45.06 -16.71 2.66
N THR C 520 44.22 -15.67 2.64
CA THR C 520 44.69 -14.33 2.36
C THR C 520 44.47 -13.45 3.58
N SER C 521 45.37 -12.49 3.77
CA SER C 521 45.34 -11.63 4.94
C SER C 521 45.37 -10.15 4.54
N LEU C 522 45.48 -9.26 5.52
CA LEU C 522 45.57 -7.85 5.18
C LEU C 522 47.00 -7.45 4.81
N ARG C 523 48.00 -8.18 5.30
CA ARG C 523 49.37 -7.90 4.88
C ARG C 523 49.56 -8.23 3.40
N ASP C 524 48.89 -9.28 2.92
CA ASP C 524 48.97 -9.61 1.50
C ASP C 524 48.44 -8.47 0.64
N ILE C 525 47.38 -7.81 1.10
CA ILE C 525 46.81 -6.70 0.35
C ILE C 525 47.69 -5.46 0.47
N LEU C 526 48.25 -5.21 1.65
CA LEU C 526 49.16 -4.08 1.80
C LEU C 526 50.44 -4.28 1.01
N VAL C 527 50.82 -5.52 0.74
CA VAL C 527 52.00 -5.76 -0.07
C VAL C 527 51.65 -5.68 -1.56
N ALA C 528 50.45 -6.11 -1.94
CA ALA C 528 50.04 -6.00 -3.33
C ALA C 528 49.89 -4.54 -3.75
N VAL C 529 49.16 -3.76 -2.95
CA VAL C 529 48.92 -2.36 -3.30
C VAL C 529 50.18 -1.53 -3.08
N THR C 530 50.70 -1.55 -1.86
CA THR C 530 51.96 -0.89 -1.54
C THR C 530 53.10 -1.86 -1.83
N ASN C 531 53.85 -1.61 -2.90
CA ASN C 531 54.88 -2.55 -3.33
C ASN C 531 56.08 -2.49 -2.37
N VAL C 532 55.89 -3.12 -1.21
CA VAL C 532 56.95 -3.24 -0.21
C VAL C 532 57.24 -4.71 0.01
N ASP C 533 58.46 -4.99 0.49
CA ASP C 533 58.81 -6.36 0.83
C ASP C 533 57.94 -6.84 1.98
N PRO C 534 57.48 -8.09 1.94
CA PRO C 534 56.61 -8.58 3.02
C PRO C 534 57.29 -8.65 4.38
N SER C 535 58.61 -8.48 4.45
CA SER C 535 59.30 -8.46 5.72
C SER C 535 59.24 -7.10 6.39
N ALA C 536 58.57 -6.12 5.81
CA ALA C 536 58.42 -4.80 6.40
C ALA C 536 57.19 -4.68 7.28
N LEU C 537 56.31 -5.68 7.27
CA LEU C 537 55.11 -5.70 8.09
C LEU C 537 55.10 -6.94 8.95
N GLN C 538 54.16 -7.00 9.85
CA GLN C 538 54.02 -8.21 10.66
C GLN C 538 52.91 -9.08 10.09
N PRO C 539 52.98 -10.39 10.32
CA PRO C 539 51.97 -11.29 9.72
C PRO C 539 50.54 -10.91 10.05
N ASN C 540 50.25 -10.53 11.29
CA ASN C 540 48.93 -10.09 11.70
C ASN C 540 49.02 -8.60 12.01
N VAL C 541 48.58 -7.77 11.06
CA VAL C 541 48.70 -6.32 11.23
C VAL C 541 47.66 -5.74 12.18
N PHE C 542 46.83 -6.57 12.79
CA PHE C 542 45.89 -6.10 13.80
C PHE C 542 46.49 -6.12 15.20
N PHE C 543 47.67 -6.71 15.37
CA PHE C 543 48.39 -6.70 16.63
C PHE C 543 49.85 -6.40 16.36
N TRP C 544 50.52 -5.82 17.36
CA TRP C 544 51.96 -5.61 17.29
C TRP C 544 52.59 -6.23 18.52
N LEU C 545 53.32 -7.32 18.34
CA LEU C 545 53.90 -8.06 19.44
C LEU C 545 55.40 -7.78 19.53
N ALA C 546 56.04 -8.44 20.49
CA ALA C 546 57.37 -8.05 20.92
C ALA C 546 58.47 -8.34 19.89
N GLY C 547 58.15 -8.93 18.75
CA GLY C 547 59.19 -9.22 17.78
C GLY C 547 58.98 -8.59 16.41
N ASP C 548 57.81 -7.99 16.21
CA ASP C 548 57.45 -7.45 14.92
C ASP C 548 58.37 -6.28 14.56
N PRO C 549 58.46 -5.93 13.28
CA PRO C 549 59.41 -4.92 12.83
C PRO C 549 58.90 -3.49 12.97
N CYS C 550 59.86 -2.57 13.06
CA CYS C 550 59.65 -1.13 13.14
C CYS C 550 58.79 -0.76 14.34
N PRO C 551 59.33 -0.83 15.56
CA PRO C 551 58.54 -0.46 16.74
C PRO C 551 58.25 1.03 16.77
N GLN C 552 57.30 1.40 17.63
CA GLN C 552 56.98 2.80 17.85
C GLN C 552 58.20 3.55 18.36
N PRO C 553 58.22 4.86 18.17
CA PRO C 553 59.20 5.67 18.92
C PRO C 553 58.82 5.78 20.38
N SER C 554 57.54 5.98 20.67
CA SER C 554 57.00 6.06 22.03
C SER C 554 55.49 6.12 21.92
N GLN C 555 54.82 5.76 23.02
CA GLN C 555 53.36 5.85 23.06
C GLN C 555 52.94 7.30 22.89
N LEU C 556 51.99 7.52 21.97
CA LEU C 556 51.69 8.87 21.49
C LEU C 556 50.58 9.47 22.34
N SER C 557 50.96 10.28 23.32
CA SER C 557 50.02 11.06 24.11
C SER C 557 49.77 12.39 23.40
N ALA C 558 49.04 13.29 24.05
CA ALA C 558 48.77 14.61 23.47
C ALA C 558 49.79 15.65 23.95
N LYS C 559 51.07 15.32 23.79
CA LYS C 559 52.16 16.22 24.14
C LYS C 559 53.08 16.37 22.94
N GLY C 560 53.36 17.61 22.58
CA GLY C 560 54.12 17.91 21.39
C GLY C 560 53.28 18.10 20.14
N LEU C 561 52.06 17.57 20.13
CA LEU C 561 51.19 17.76 18.98
C LEU C 561 50.63 19.18 18.98
N PRO C 562 50.27 19.71 17.82
CA PRO C 562 49.65 21.04 17.78
C PRO C 562 48.27 21.03 18.40
N ALA C 563 47.88 22.18 18.95
CA ALA C 563 46.59 22.29 19.60
C ALA C 563 45.46 22.23 18.57
N CYS C 564 44.27 21.88 19.05
CA CYS C 564 43.12 21.81 18.18
C CYS C 564 42.63 23.21 17.83
N ALA C 565 42.07 23.34 16.63
CA ALA C 565 41.56 24.62 16.19
C ALA C 565 40.33 25.00 17.03
N PRO C 566 40.23 26.26 17.45
CA PRO C 566 39.14 26.63 18.37
C PRO C 566 37.76 26.60 17.75
N LEU C 567 36.76 26.99 18.53
CA LEU C 567 35.37 26.94 18.13
C LEU C 567 34.93 28.28 17.54
N PHE C 568 34.08 28.21 16.52
CA PHE C 568 33.44 29.40 15.96
C PHE C 568 32.00 29.05 15.61
N ILE C 569 31.11 30.03 15.77
CA ILE C 569 29.68 29.83 15.54
C ILE C 569 29.33 30.37 14.16
N ARG C 570 28.56 29.60 13.40
CA ARG C 570 28.18 29.99 12.05
C ARG C 570 26.90 30.83 12.09
N ASP C 571 26.93 31.97 11.42
CA ASP C 571 25.78 32.86 11.32
C ASP C 571 25.36 32.95 9.87
N TYR C 572 24.14 32.50 9.57
CA TYR C 572 23.70 32.45 8.18
C TYR C 572 23.30 33.83 7.67
N PHE C 573 22.65 34.63 8.51
CA PHE C 573 22.18 35.96 8.14
C PHE C 573 23.22 37.01 8.55
N GLU C 574 24.43 36.84 8.04
CA GLU C 574 25.54 37.66 8.52
C GLU C 574 25.56 39.03 7.87
N GLY C 575 25.69 39.06 6.54
CA GLY C 575 25.82 40.34 5.87
C GLY C 575 24.58 40.72 5.10
N SER C 576 23.45 40.11 5.43
CA SER C 576 22.21 40.31 4.71
C SER C 576 21.31 41.33 5.38
N GLY C 577 21.83 42.13 6.29
CA GLY C 577 21.00 43.08 7.01
C GLY C 577 20.60 44.29 6.20
N PHE C 578 21.56 44.84 5.46
CA PHE C 578 21.33 46.09 4.73
C PHE C 578 20.50 45.84 3.47
N GLY C 579 20.85 44.82 2.71
CA GLY C 579 20.12 44.54 1.49
C GLY C 579 18.69 44.10 1.73
N PHE C 580 18.44 43.40 2.84
CA PHE C 580 17.07 43.04 3.18
C PHE C 580 16.22 44.28 3.44
N GLY C 581 16.77 45.23 4.20
CA GLY C 581 16.07 46.48 4.43
C GLY C 581 15.83 47.25 3.15
N LEU C 582 16.82 47.29 2.27
CA LEU C 582 16.64 47.99 1.00
C LEU C 582 15.56 47.33 0.15
N THR C 583 15.54 45.99 0.09
CA THR C 583 14.53 45.31 -0.70
C THR C 583 13.14 45.57 -0.15
N ILE C 584 12.97 45.50 1.17
CA ILE C 584 11.66 45.73 1.75
C ILE C 584 11.23 47.18 1.56
N GLY C 585 12.15 48.12 1.75
CA GLY C 585 11.83 49.52 1.54
C GLY C 585 11.47 49.83 0.11
N THR C 586 12.15 49.19 -0.84
CA THR C 586 11.82 49.38 -2.25
C THR C 586 10.43 48.83 -2.56
N LEU C 587 10.12 47.62 -2.08
CA LEU C 587 8.79 47.08 -2.31
C LEU C 587 7.70 47.92 -1.65
N CYS C 588 8.05 48.61 -0.56
CA CYS C 588 7.10 49.52 0.08
C CYS C 588 7.05 50.89 -0.59
N CYS C 589 8.01 51.21 -1.46
CA CYS C 589 8.02 52.48 -2.16
C CYS C 589 7.50 52.35 -3.59
N PHE C 590 6.83 51.25 -3.92
CA PHE C 590 6.22 51.09 -5.24
C PHE C 590 5.05 52.04 -5.42
N PRO C 591 4.17 52.23 -4.43
CA PRO C 591 3.11 53.23 -4.60
C PRO C 591 3.65 54.65 -4.68
N LEU C 592 4.73 54.97 -3.98
CA LEU C 592 5.22 56.34 -3.93
C LEU C 592 5.97 56.75 -5.19
N VAL C 593 6.21 55.84 -6.13
CA VAL C 593 6.79 56.19 -7.42
C VAL C 593 5.72 56.22 -8.50
N SER C 594 4.71 55.34 -8.41
CA SER C 594 3.59 55.43 -9.32
C SER C 594 2.77 56.67 -9.05
N LEU C 595 2.68 57.09 -7.78
CA LEU C 595 1.99 58.33 -7.45
C LEU C 595 2.70 59.52 -8.07
N LEU C 596 4.03 59.52 -8.04
CA LEU C 596 4.78 60.62 -8.65
C LEU C 596 4.63 60.60 -10.18
N SER C 597 4.64 59.41 -10.77
CA SER C 597 4.44 59.32 -12.22
C SER C 597 3.07 59.84 -12.61
N ALA C 598 2.04 59.48 -11.85
CA ALA C 598 0.69 59.97 -12.13
C ALA C 598 0.61 61.48 -11.93
N TRP C 599 1.31 61.99 -10.92
CA TRP C 599 1.31 63.43 -10.67
C TRP C 599 1.91 64.20 -11.83
N ILE C 600 3.06 63.74 -12.32
CA ILE C 600 3.69 64.45 -13.44
C ILE C 600 2.90 64.22 -14.73
N VAL C 601 2.24 63.08 -14.88
CA VAL C 601 1.42 62.83 -16.06
C VAL C 601 0.24 63.80 -16.07
N ALA C 602 -0.41 63.99 -14.93
CA ALA C 602 -1.51 64.95 -14.86
C ALA C 602 -1.02 66.38 -15.08
N ARG C 603 0.15 66.71 -14.51
CA ARG C 603 0.68 68.06 -14.65
C ARG C 603 1.02 68.37 -16.11
N LEU C 604 1.51 67.38 -16.84
CA LEU C 604 1.81 67.58 -18.26
C LEU C 604 0.56 67.47 -19.13
N ARG C 605 -0.47 66.75 -18.67
CA ARG C 605 -1.73 66.72 -19.40
C ARG C 605 -2.52 68.01 -19.23
N LYS C 606 -2.24 68.79 -18.18
CA LYS C 606 -2.86 70.10 -18.06
C LYS C 606 -2.09 71.17 -18.82
N ARG C 607 -0.76 71.04 -18.90
CA ARG C 607 0.06 71.99 -19.64
C ARG C 607 0.61 71.36 -20.92
N THR C 1015 -34.13 58.74 15.28
CA THR C 1015 -32.82 58.30 14.82
C THR C 1015 -32.85 56.84 14.39
N VAL C 1016 -33.36 55.97 15.26
CA VAL C 1016 -33.44 54.55 14.92
C VAL C 1016 -34.40 54.33 13.75
N GLN C 1017 -35.37 55.22 13.59
CA GLN C 1017 -36.26 55.13 12.44
C GLN C 1017 -35.48 55.31 11.14
N GLN C 1018 -34.54 56.25 11.12
CA GLN C 1018 -33.66 56.39 9.97
C GLN C 1018 -32.83 55.15 9.76
N PHE C 1019 -32.41 54.49 10.85
CA PHE C 1019 -31.64 53.26 10.73
C PHE C 1019 -32.44 52.17 10.03
N LYS C 1020 -33.65 51.90 10.51
CA LYS C 1020 -34.46 50.86 9.88
C LYS C 1020 -34.87 51.25 8.47
N ARG C 1021 -35.01 52.55 8.20
CA ARG C 1021 -35.25 52.99 6.83
C ARG C 1021 -34.07 52.65 5.93
N PHE C 1022 -32.85 52.89 6.41
CA PHE C 1022 -31.66 52.51 5.66
C PHE C 1022 -31.62 51.01 5.41
N ILE C 1023 -31.96 50.22 6.43
CA ILE C 1023 -31.91 48.77 6.30
C ILE C 1023 -32.91 48.30 5.25
N GLU C 1024 -34.14 48.80 5.31
CA GLU C 1024 -35.16 48.38 4.36
C GLU C 1024 -34.90 48.93 2.97
N ASN C 1025 -34.10 50.00 2.85
CA ASN C 1025 -33.69 50.47 1.54
C ASN C 1025 -32.66 49.55 0.91
N TYR C 1026 -31.64 49.18 1.68
CA TYR C 1026 -30.51 48.44 1.15
C TYR C 1026 -30.50 46.98 1.58
N ARG C 1027 -31.67 46.39 1.78
CA ARG C 1027 -31.76 44.96 2.06
C ARG C 1027 -31.01 44.12 1.03
N ARG C 1028 -31.19 44.43 -0.25
CA ARG C 1028 -30.56 43.63 -1.30
C ARG C 1028 -29.05 43.82 -1.30
N HIS C 1029 -28.58 45.05 -1.13
CA HIS C 1029 -27.14 45.31 -1.06
C HIS C 1029 -26.52 44.56 0.11
N ILE C 1030 -27.17 44.60 1.27
CA ILE C 1030 -26.66 43.91 2.44
C ILE C 1030 -26.59 42.41 2.18
N GLY C 1031 -27.63 41.85 1.58
CA GLY C 1031 -27.62 40.42 1.31
C GLY C 1031 -26.50 40.00 0.39
N CYS C 1032 -26.29 40.76 -0.69
CA CYS C 1032 -25.24 40.40 -1.65
C CYS C 1032 -23.85 40.54 -1.06
N VAL C 1033 -23.60 41.64 -0.35
CA VAL C 1033 -22.29 41.84 0.28
C VAL C 1033 -22.05 40.77 1.33
N ALA C 1034 -23.08 40.39 2.08
CA ALA C 1034 -22.93 39.37 3.11
C ALA C 1034 -22.56 38.03 2.50
N VAL C 1035 -23.23 37.63 1.42
CA VAL C 1035 -22.91 36.37 0.77
C VAL C 1035 -21.48 36.37 0.27
N PHE C 1036 -21.06 37.46 -0.38
CA PHE C 1036 -19.71 37.54 -0.92
C PHE C 1036 -18.67 37.40 0.19
N TYR C 1037 -18.81 38.20 1.25
CA TYR C 1037 -17.79 38.18 2.29
C TYR C 1037 -17.81 36.88 3.08
N THR C 1038 -18.95 36.21 3.19
CA THR C 1038 -18.95 34.91 3.85
C THR C 1038 -18.26 33.86 3.01
N ILE C 1039 -18.35 33.95 1.69
CA ILE C 1039 -17.62 33.00 0.86
C ILE C 1039 -16.10 33.22 0.99
N THR C 1040 -15.66 34.48 0.99
CA THR C 1040 -14.23 34.71 1.15
C THR C 1040 -13.75 34.28 2.53
N GLY C 1041 -14.56 34.55 3.56
CA GLY C 1041 -14.20 34.09 4.90
C GLY C 1041 -14.15 32.59 5.01
N ALA C 1042 -15.06 31.89 4.31
CA ALA C 1042 -15.03 30.43 4.33
C ALA C 1042 -13.74 29.90 3.72
N LEU C 1043 -13.29 30.51 2.62
CA LEU C 1043 -12.05 30.05 1.99
C LEU C 1043 -10.85 30.29 2.91
N PHE C 1044 -10.79 31.48 3.50
CA PHE C 1044 -9.70 31.78 4.44
C PHE C 1044 -9.69 30.79 5.60
N LEU C 1045 -10.86 30.53 6.20
CA LEU C 1045 -10.92 29.65 7.35
C LEU C 1045 -10.58 28.22 6.99
N GLU C 1046 -10.92 27.78 5.79
CA GLU C 1046 -10.57 26.41 5.39
C GLU C 1046 -9.05 26.25 5.32
N ARG C 1047 -8.37 27.20 4.69
CA ARG C 1047 -6.91 27.10 4.61
C ARG C 1047 -6.25 27.25 5.98
N ALA C 1048 -6.73 28.21 6.78
CA ALA C 1048 -6.17 28.38 8.11
C ALA C 1048 -6.39 27.13 8.97
N TYR C 1049 -7.55 26.50 8.84
CA TYR C 1049 -7.77 25.25 9.57
C TYR C 1049 -6.75 24.20 9.15
N TYR C 1050 -6.60 23.99 7.85
CA TYR C 1050 -5.69 22.93 7.41
C TYR C 1050 -4.28 23.16 7.92
N TYR C 1051 -3.82 24.40 7.93
CA TYR C 1051 -2.44 24.62 8.33
C TYR C 1051 -2.27 24.75 9.84
N ALA C 1052 -3.35 24.95 10.59
CA ALA C 1052 -3.23 25.04 12.04
C ALA C 1052 -3.53 23.74 12.76
N PHE C 1053 -4.41 22.90 12.22
CA PHE C 1053 -4.86 21.71 12.93
C PHE C 1053 -4.62 20.40 12.19
N ALA C 1054 -4.26 20.42 10.91
CA ALA C 1054 -4.27 19.20 10.11
C ALA C 1054 -3.01 19.01 9.28
N ALA C 1055 -1.96 19.79 9.47
CA ALA C 1055 -0.70 19.62 8.76
C ALA C 1055 0.42 19.59 9.79
N HIS C 1056 0.64 18.41 10.37
CA HIS C 1056 1.77 18.18 11.25
C HIS C 1056 2.76 17.19 10.68
N HIS C 1057 2.33 16.33 9.75
CA HIS C 1057 3.22 15.37 9.13
C HIS C 1057 4.29 16.05 8.28
N SER C 1058 4.08 17.30 7.90
CA SER C 1058 5.06 18.09 7.17
C SER C 1058 5.38 19.29 8.04
N GLY C 1059 6.54 19.27 8.70
CA GLY C 1059 6.82 20.24 9.72
C GLY C 1059 7.07 21.62 9.18
N ILE C 1060 6.04 22.24 8.63
CA ILE C 1060 6.19 23.60 8.12
C ILE C 1060 5.75 24.62 9.16
N THR C 1061 4.86 24.24 10.09
CA THR C 1061 4.47 25.14 11.15
C THR C 1061 5.46 25.13 12.31
N ASP C 1062 6.54 24.36 12.22
CA ASP C 1062 7.63 24.45 13.16
C ASP C 1062 8.60 25.56 12.80
N THR C 1063 8.66 25.94 11.53
CA THR C 1063 9.47 27.07 11.09
C THR C 1063 8.68 28.36 11.11
N THR C 1064 7.59 28.41 10.36
CA THR C 1064 6.70 29.57 10.30
C THR C 1064 5.30 29.10 10.62
N ARG C 1065 4.73 29.61 11.71
CA ARG C 1065 3.35 29.30 12.07
C ARG C 1065 2.40 30.42 11.71
N VAL C 1066 2.64 31.62 12.22
CA VAL C 1066 1.78 32.74 11.90
C VAL C 1066 1.96 33.17 10.46
N GLY C 1067 3.18 33.06 9.93
CA GLY C 1067 3.41 33.50 8.56
C GLY C 1067 2.70 32.65 7.53
N ILE C 1068 2.77 31.32 7.68
CA ILE C 1068 2.21 30.46 6.66
C ILE C 1068 0.69 30.46 6.70
N ILE C 1069 0.10 30.63 7.90
CA ILE C 1069 -1.35 30.70 7.99
C ILE C 1069 -1.85 32.00 7.37
N LEU C 1070 -1.23 33.12 7.74
CA LEU C 1070 -1.64 34.41 7.21
C LEU C 1070 -1.42 34.51 5.71
N SER C 1071 -0.44 33.80 5.18
CA SER C 1071 -0.14 33.91 3.76
C SER C 1071 -0.85 32.87 2.91
N ARG C 1072 -1.32 31.76 3.50
CA ARG C 1072 -2.05 30.77 2.74
C ARG C 1072 -3.55 30.87 2.91
N GLY C 1073 -4.03 31.70 3.84
CA GLY C 1073 -5.46 31.99 3.86
C GLY C 1073 -5.82 33.09 2.89
N THR C 1074 -5.07 34.19 2.96
CA THR C 1074 -5.31 35.30 2.04
C THR C 1074 -5.11 34.89 0.59
N ALA C 1075 -4.26 33.90 0.34
CA ALA C 1075 -4.07 33.40 -1.01
C ALA C 1075 -5.37 32.83 -1.57
N ALA C 1076 -6.02 31.95 -0.81
CA ALA C 1076 -7.26 31.34 -1.26
C ALA C 1076 -8.41 32.33 -1.29
N SER C 1077 -8.36 33.39 -0.49
CA SER C 1077 -9.43 34.39 -0.56
C SER C 1077 -9.25 35.32 -1.75
N ILE C 1078 -8.02 35.74 -2.05
CA ILE C 1078 -7.84 36.63 -3.20
C ILE C 1078 -7.90 35.86 -4.51
N SER C 1079 -7.64 34.56 -4.52
CA SER C 1079 -7.87 33.78 -5.73
C SER C 1079 -9.33 33.83 -6.15
N PHE C 1080 -10.23 34.11 -5.22
CA PHE C 1080 -11.66 34.24 -5.50
C PHE C 1080 -12.03 35.68 -5.78
N MET C 1081 -11.49 36.62 -4.99
CA MET C 1081 -11.81 38.03 -5.21
C MET C 1081 -11.32 38.51 -6.57
N PHE C 1082 -10.16 38.06 -7.01
CA PHE C 1082 -9.62 38.49 -8.30
C PHE C 1082 -10.25 37.74 -9.47
N SER C 1083 -10.80 36.57 -9.24
CA SER C 1083 -11.45 35.84 -10.33
C SER C 1083 -12.86 36.34 -10.56
N TYR C 1084 -13.62 36.52 -9.50
CA TYR C 1084 -15.01 36.92 -9.66
C TYR C 1084 -15.22 38.41 -9.74
N ILE C 1085 -14.16 39.18 -9.99
CA ILE C 1085 -14.33 40.62 -10.17
C ILE C 1085 -14.71 40.98 -11.59
N LEU C 1086 -14.72 40.01 -12.51
CA LEU C 1086 -15.13 40.25 -13.88
C LEU C 1086 -16.63 40.09 -14.09
N LEU C 1087 -17.31 39.39 -13.19
CA LEU C 1087 -18.75 39.29 -13.26
C LEU C 1087 -19.44 40.61 -12.93
N THR C 1088 -18.70 41.60 -12.42
CA THR C 1088 -19.25 42.93 -12.26
C THR C 1088 -19.06 43.80 -13.49
N MET C 1089 -18.30 43.33 -14.47
CA MET C 1089 -18.12 44.04 -15.74
C MET C 1089 -18.62 43.25 -16.93
N CYS C 1090 -19.26 42.10 -16.70
CA CYS C 1090 -19.97 41.44 -17.79
C CYS C 1090 -21.22 42.26 -18.12
N ARG C 1091 -21.06 43.25 -19.00
CA ARG C 1091 -22.10 44.27 -19.16
C ARG C 1091 -23.34 43.74 -19.85
N ASN C 1092 -23.17 42.94 -20.91
CA ASN C 1092 -24.34 42.44 -21.63
C ASN C 1092 -25.12 41.45 -20.78
N LEU C 1093 -24.43 40.58 -20.05
CA LEU C 1093 -25.12 39.67 -19.14
C LEU C 1093 -25.85 40.44 -18.06
N ILE C 1094 -25.25 41.52 -17.55
CA ILE C 1094 -25.90 42.32 -16.53
C ILE C 1094 -27.16 42.98 -17.09
N THR C 1095 -27.06 43.53 -18.30
CA THR C 1095 -28.21 44.22 -18.88
C THR C 1095 -29.30 43.24 -19.32
N PHE C 1096 -28.96 41.96 -19.52
CA PHE C 1096 -29.98 40.97 -19.81
C PHE C 1096 -30.67 40.50 -18.54
N LEU C 1097 -29.92 40.28 -17.47
CA LEU C 1097 -30.51 39.90 -16.19
C LEU C 1097 -31.15 41.07 -15.46
N ARG C 1098 -30.98 42.29 -15.96
CA ARG C 1098 -31.55 43.45 -15.28
C ARG C 1098 -33.07 43.36 -15.22
N GLU C 1099 -33.69 42.82 -16.25
CA GLU C 1099 -35.15 42.63 -16.28
C GLU C 1099 -35.41 41.13 -16.16
N THR C 1100 -35.45 40.65 -14.91
CA THR C 1100 -35.71 39.25 -14.61
C THR C 1100 -36.11 39.17 -13.15
N PHE C 1101 -36.65 38.02 -12.75
CA PHE C 1101 -37.02 37.85 -11.36
C PHE C 1101 -35.84 37.96 -10.41
N LEU C 1102 -34.61 37.94 -10.93
CA LEU C 1102 -33.44 38.15 -10.09
C LEU C 1102 -33.34 39.60 -9.61
N ASN C 1103 -33.98 40.53 -10.31
CA ASN C 1103 -33.91 41.94 -9.93
C ASN C 1103 -34.51 42.19 -8.55
N ARG C 1104 -35.39 41.31 -8.08
CA ARG C 1104 -35.94 41.46 -6.74
C ARG C 1104 -34.90 41.17 -5.66
N TYR C 1105 -33.81 40.50 -6.00
CA TYR C 1105 -32.81 40.09 -5.02
C TYR C 1105 -31.48 40.81 -5.16
N ILE C 1106 -31.02 41.05 -6.38
CA ILE C 1106 -29.69 41.60 -6.65
C ILE C 1106 -29.86 42.98 -7.28
N PRO C 1107 -29.30 44.04 -6.69
CA PRO C 1107 -29.33 45.36 -7.32
C PRO C 1107 -28.27 45.45 -8.39
N PHE C 1108 -28.70 45.40 -9.65
CA PHE C 1108 -27.75 45.50 -10.76
C PHE C 1108 -27.39 46.93 -11.10
N ASP C 1109 -28.08 47.91 -10.53
CA ASP C 1109 -27.68 49.29 -10.75
C ASP C 1109 -26.34 49.59 -10.10
N ALA C 1110 -26.09 48.99 -8.93
CA ALA C 1110 -24.81 49.15 -8.24
C ALA C 1110 -23.90 47.97 -8.58
N ALA C 1111 -23.39 48.00 -9.80
CA ALA C 1111 -22.44 47.00 -10.26
C ALA C 1111 -21.04 47.55 -10.46
N VAL C 1112 -20.90 48.86 -10.56
CA VAL C 1112 -19.57 49.46 -10.54
C VAL C 1112 -19.15 49.82 -9.12
N ASP C 1113 -20.10 50.21 -8.27
CA ASP C 1113 -19.73 50.50 -6.93
C ASP C 1113 -19.26 49.22 -6.30
N PHE C 1114 -19.81 48.09 -6.68
CA PHE C 1114 -19.35 46.78 -6.23
C PHE C 1114 -18.00 46.44 -6.82
N HIS C 1115 -17.63 46.99 -7.95
CA HIS C 1115 -16.35 46.76 -8.51
C HIS C 1115 -15.33 47.44 -7.66
N ARG C 1116 -15.62 48.60 -7.11
CA ARG C 1116 -14.60 49.28 -6.38
C ARG C 1116 -14.50 48.83 -5.01
N LEU C 1117 -15.46 48.08 -4.54
CA LEU C 1117 -15.46 47.46 -3.23
C LEU C 1117 -14.69 46.15 -3.22
N ILE C 1118 -14.96 45.26 -4.19
CA ILE C 1118 -14.18 44.04 -4.31
C ILE C 1118 -12.72 44.37 -4.60
N ALA C 1119 -12.47 45.48 -5.29
CA ALA C 1119 -11.10 45.81 -5.68
C ALA C 1119 -10.31 46.42 -4.55
N SER C 1120 -10.95 47.27 -3.75
CA SER C 1120 -10.26 47.93 -2.64
C SER C 1120 -10.24 47.09 -1.38
N THR C 1121 -10.90 45.93 -1.38
CA THR C 1121 -10.80 45.00 -0.28
C THR C 1121 -9.96 43.78 -0.61
N ALA C 1122 -9.57 43.61 -1.87
CA ALA C 1122 -8.66 42.56 -2.26
C ALA C 1122 -7.22 43.01 -2.26
N ILE C 1123 -6.95 44.30 -2.10
CA ILE C 1123 -5.59 44.78 -1.96
C ILE C 1123 -5.15 44.77 -0.50
N ILE C 1124 -6.10 44.91 0.44
CA ILE C 1124 -5.79 44.81 1.84
C ILE C 1124 -5.42 43.37 2.21
N LEU C 1125 -5.81 42.40 1.40
CA LEU C 1125 -5.39 41.03 1.61
C LEU C 1125 -4.08 40.69 0.91
N THR C 1126 -3.81 41.29 -0.25
CA THR C 1126 -2.51 41.06 -0.88
C THR C 1126 -1.39 41.72 -0.12
N VAL C 1127 -1.67 42.80 0.60
CA VAL C 1127 -0.65 43.36 1.48
C VAL C 1127 -0.32 42.39 2.60
N LEU C 1128 -1.34 41.75 3.17
CA LEU C 1128 -1.07 40.74 4.20
C LEU C 1128 -0.34 39.54 3.62
N HIS C 1129 -0.68 39.16 2.39
CA HIS C 1129 0.03 38.06 1.73
C HIS C 1129 1.50 38.38 1.54
N SER C 1130 1.79 39.55 0.97
CA SER C 1130 3.19 39.93 0.74
C SER C 1130 3.95 40.09 2.05
N ALA C 1131 3.29 40.58 3.09
CA ALA C 1131 3.98 40.72 4.36
C ALA C 1131 4.23 39.36 5.01
N GLY C 1132 3.26 38.45 4.91
CA GLY C 1132 3.47 37.11 5.43
C GLY C 1132 4.63 36.41 4.76
N HIS C 1133 4.77 36.60 3.44
CA HIS C 1133 5.89 35.99 2.74
C HIS C 1133 7.20 36.74 2.92
N VAL C 1134 7.15 38.03 3.25
CA VAL C 1134 8.36 38.71 3.67
C VAL C 1134 8.86 38.16 4.99
N VAL C 1135 7.95 37.75 5.87
CA VAL C 1135 8.37 37.12 7.12
C VAL C 1135 8.87 35.70 6.86
N ASN C 1136 8.18 34.95 6.00
CA ASN C 1136 8.60 33.59 5.69
C ASN C 1136 10.00 33.57 5.08
N VAL C 1137 10.23 34.41 4.07
CA VAL C 1137 11.52 34.42 3.39
C VAL C 1137 12.65 34.74 4.36
N TYR C 1138 12.37 35.50 5.42
CA TYR C 1138 13.41 35.73 6.41
C TYR C 1138 13.68 34.49 7.23
N LEU C 1139 12.65 33.77 7.64
CA LEU C 1139 12.84 32.55 8.40
C LEU C 1139 13.36 31.40 7.55
N PHE C 1140 13.21 31.49 6.23
CA PHE C 1140 13.77 30.47 5.34
C PHE C 1140 15.25 30.70 5.06
N SER C 1141 15.76 31.89 5.34
CA SER C 1141 17.14 32.22 5.07
C SER C 1141 18.00 32.22 6.33
N ILE C 1142 17.47 31.74 7.45
CA ILE C 1142 18.25 31.47 8.65
C ILE C 1142 18.08 30.06 9.16
N SER C 1143 17.33 29.24 8.45
CA SER C 1143 17.17 27.86 8.84
C SER C 1143 18.21 26.99 8.14
N PRO C 1144 18.62 25.88 8.77
CA PRO C 1144 19.65 25.04 8.15
C PRO C 1144 19.16 24.37 6.88
N LEU C 1145 20.12 23.81 6.13
CA LEU C 1145 19.78 23.16 4.87
C LEU C 1145 19.05 21.84 5.10
N SER C 1146 19.29 21.18 6.23
CA SER C 1146 18.62 19.92 6.52
C SER C 1146 17.14 20.11 6.83
N VAL C 1147 16.72 21.32 7.19
CA VAL C 1147 15.31 21.62 7.38
C VAL C 1147 14.63 21.97 6.06
N LEU C 1148 15.28 22.83 5.27
CA LEU C 1148 14.74 23.19 3.97
C LEU C 1148 14.63 21.97 3.06
N SER C 1149 15.56 21.03 3.19
CA SER C 1149 15.49 19.81 2.38
C SER C 1149 14.25 19.01 2.69
N CYS C 1150 13.73 19.10 3.92
CA CYS C 1150 12.50 18.42 4.26
C CYS C 1150 11.28 19.23 3.83
N LEU C 1151 11.36 20.56 3.93
CA LEU C 1151 10.21 21.38 3.56
C LEU C 1151 9.98 21.36 2.06
N PHE C 1152 10.99 21.70 1.27
CA PHE C 1152 10.88 21.84 -0.17
C PHE C 1152 11.79 20.84 -0.86
N PRO C 1153 11.38 19.60 -1.01
CA PRO C 1153 12.16 18.66 -1.82
C PRO C 1153 12.13 19.06 -3.28
N GLY C 1154 13.14 18.60 -4.02
CA GLY C 1154 13.28 19.00 -5.40
C GLY C 1154 13.77 20.42 -5.60
N LEU C 1155 13.75 21.24 -4.56
CA LEU C 1155 14.38 22.54 -4.61
C LEU C 1155 15.64 22.62 -3.77
N PHE C 1156 15.76 21.78 -2.74
CA PHE C 1156 16.94 21.70 -1.89
C PHE C 1156 17.32 20.25 -1.68
N HIS C 1157 18.62 20.01 -1.55
CA HIS C 1157 19.16 18.69 -1.26
C HIS C 1157 20.15 18.80 -0.13
N ASP C 1158 20.06 17.86 0.81
CA ASP C 1158 20.87 17.93 2.03
C ASP C 1158 22.20 17.21 1.80
N ASP C 1159 23.24 17.98 1.50
CA ASP C 1159 24.60 17.49 1.59
C ASP C 1159 25.21 18.01 2.88
N GLY C 1160 26.52 17.85 3.03
CA GLY C 1160 27.15 18.19 4.30
C GLY C 1160 27.07 19.66 4.61
N SER C 1161 27.36 20.50 3.62
CA SER C 1161 27.47 21.94 3.83
C SER C 1161 26.11 22.51 4.17
N GLU C 1162 25.92 22.90 5.43
CA GLU C 1162 24.64 23.46 5.86
C GLU C 1162 24.73 24.97 5.72
N PHE C 1163 24.03 25.50 4.74
CA PHE C 1163 23.92 26.93 4.48
C PHE C 1163 22.72 27.12 3.56
N PRO C 1164 21.76 27.95 3.94
CA PRO C 1164 20.59 28.15 3.08
C PRO C 1164 20.89 29.18 2.00
N GLN C 1165 19.94 29.33 1.09
CA GLN C 1165 20.06 30.34 0.06
C GLN C 1165 19.80 31.72 0.65
N LYS C 1166 20.45 32.72 0.06
CA LYS C 1166 20.31 34.08 0.55
C LYS C 1166 18.88 34.58 0.33
N TYR C 1167 18.58 35.73 0.93
CA TYR C 1167 17.24 36.29 0.82
C TYR C 1167 16.92 36.65 -0.62
N TYR C 1168 17.89 37.21 -1.34
CA TYR C 1168 17.63 37.64 -2.71
C TYR C 1168 17.44 36.47 -3.66
N TRP C 1169 17.80 35.25 -3.25
CA TRP C 1169 17.49 34.10 -4.08
C TRP C 1169 16.01 33.80 -4.06
N TRP C 1170 15.33 34.05 -2.94
CA TRP C 1170 13.90 33.79 -2.87
C TRP C 1170 13.09 34.84 -3.61
N PHE C 1171 13.59 36.08 -3.68
CA PHE C 1171 12.85 37.17 -4.28
C PHE C 1171 13.10 37.30 -5.77
N PHE C 1172 14.31 37.04 -6.24
CA PHE C 1172 14.65 37.33 -7.61
C PHE C 1172 15.15 36.13 -8.39
N GLN C 1173 15.13 34.93 -7.82
CA GLN C 1173 15.59 33.76 -8.56
C GLN C 1173 14.64 32.58 -8.34
N THR C 1174 13.39 32.85 -8.05
CA THR C 1174 12.35 31.84 -7.98
C THR C 1174 11.17 32.30 -8.84
N VAL C 1175 10.32 31.36 -9.22
CA VAL C 1175 9.15 31.70 -10.01
C VAL C 1175 8.18 32.50 -9.15
N PRO C 1176 7.75 32.01 -7.98
CA PRO C 1176 6.82 32.82 -7.17
C PRO C 1176 7.43 34.12 -6.71
N GLY C 1177 8.68 34.11 -6.25
CA GLY C 1177 9.28 35.33 -5.73
C GLY C 1177 9.45 36.40 -6.78
N LEU C 1178 9.75 36.02 -8.03
CA LEU C 1178 9.98 37.02 -9.06
C LEU C 1178 8.69 37.48 -9.70
N THR C 1179 7.70 36.60 -9.84
CA THR C 1179 6.41 37.05 -10.35
C THR C 1179 5.65 37.87 -9.30
N GLY C 1180 5.94 37.66 -8.01
CA GLY C 1180 5.26 38.43 -6.99
C GLY C 1180 5.63 39.89 -7.00
N VAL C 1181 6.91 40.19 -7.25
CA VAL C 1181 7.33 41.58 -7.31
C VAL C 1181 6.72 42.29 -8.51
N LEU C 1182 6.63 41.60 -9.64
CA LEU C 1182 5.99 42.19 -10.81
C LEU C 1182 4.50 42.40 -10.57
N LEU C 1183 3.85 41.47 -9.86
CA LEU C 1183 2.45 41.66 -9.50
C LEU C 1183 2.28 42.87 -8.59
N LEU C 1184 3.18 43.06 -7.64
CA LEU C 1184 3.08 44.23 -6.77
C LEU C 1184 3.24 45.53 -7.57
N LEU C 1185 4.14 45.54 -8.54
CA LEU C 1185 4.32 46.75 -9.34
C LEU C 1185 3.10 47.02 -10.21
N ALA C 1186 2.57 45.98 -10.86
CA ALA C 1186 1.38 46.15 -11.68
C ALA C 1186 0.21 46.68 -10.85
N LEU C 1187 0.01 46.14 -9.65
CA LEU C 1187 -1.08 46.62 -8.82
C LEU C 1187 -0.82 48.04 -8.35
N ALA C 1188 0.43 48.38 -8.04
CA ALA C 1188 0.72 49.72 -7.56
C ALA C 1188 0.46 50.77 -8.63
N ILE C 1189 0.57 50.40 -9.90
CA ILE C 1189 0.24 51.34 -10.97
C ILE C 1189 -1.26 51.34 -11.24
N MET C 1190 -1.84 50.14 -11.37
CA MET C 1190 -3.24 50.01 -11.74
C MET C 1190 -4.17 50.62 -10.69
N TYR C 1191 -3.77 50.63 -9.42
CA TYR C 1191 -4.61 51.19 -8.38
C TYR C 1191 -4.44 52.69 -8.22
N VAL C 1192 -3.24 53.20 -8.40
CA VAL C 1192 -3.03 54.64 -8.22
C VAL C 1192 -3.60 55.41 -9.39
N PHE C 1193 -3.48 54.87 -10.61
CA PHE C 1193 -4.03 55.59 -11.74
C PHE C 1193 -5.54 55.49 -11.81
N ALA C 1194 -6.11 54.35 -11.41
CA ALA C 1194 -7.56 54.20 -11.36
C ALA C 1194 -8.12 54.71 -10.04
N SER C 1195 -7.74 55.93 -9.68
CA SER C 1195 -8.17 56.57 -8.45
C SER C 1195 -9.06 57.77 -8.77
N HIS C 1196 -10.03 58.02 -7.88
CA HIS C 1196 -10.99 59.09 -8.14
C HIS C 1196 -10.33 60.45 -8.26
N HIS C 1197 -9.10 60.61 -7.76
CA HIS C 1197 -8.41 61.88 -7.89
C HIS C 1197 -7.74 62.03 -9.24
N PHE C 1198 -7.33 60.94 -9.87
CA PHE C 1198 -6.71 60.98 -11.19
C PHE C 1198 -7.61 60.53 -12.30
N ARG C 1199 -8.55 59.62 -12.03
CA ARG C 1199 -9.53 59.24 -13.04
C ARG C 1199 -10.42 60.42 -13.42
N ARG C 1200 -10.65 61.33 -12.48
CA ARG C 1200 -11.45 62.51 -12.75
C ARG C 1200 -10.67 63.59 -13.50
N ARG C 1201 -9.34 63.52 -13.51
CA ARG C 1201 -8.52 64.55 -14.14
C ARG C 1201 -7.91 64.13 -15.47
N SER C 1202 -7.80 62.83 -15.74
CA SER C 1202 -7.25 62.37 -17.01
C SER C 1202 -7.77 60.97 -17.27
N PHE C 1203 -8.67 60.84 -18.24
CA PHE C 1203 -9.27 59.54 -18.50
C PHE C 1203 -8.38 58.65 -19.37
N ARG C 1204 -7.54 59.24 -20.20
CA ARG C 1204 -6.69 58.43 -21.07
C ARG C 1204 -5.65 57.66 -20.27
N GLY C 1205 -5.04 58.31 -19.28
CA GLY C 1205 -4.09 57.62 -18.43
C GLY C 1205 -4.72 56.47 -17.68
N PHE C 1206 -5.88 56.72 -17.07
CA PHE C 1206 -6.62 55.66 -16.40
C PHE C 1206 -6.94 54.52 -17.36
N TRP C 1207 -7.40 54.85 -18.57
CA TRP C 1207 -7.84 53.82 -19.51
C TRP C 1207 -6.67 52.98 -19.99
N LEU C 1208 -5.51 53.60 -20.17
CA LEU C 1208 -4.34 52.85 -20.63
C LEU C 1208 -3.80 51.95 -19.52
N THR C 1209 -3.63 52.50 -18.32
CA THR C 1209 -3.09 51.71 -17.23
C THR C 1209 -4.04 50.61 -16.77
N HIS C 1210 -5.35 50.83 -16.92
CA HIS C 1210 -6.31 49.84 -16.45
C HIS C 1210 -6.35 48.59 -17.30
N HIS C 1211 -5.63 48.56 -18.41
CA HIS C 1211 -5.53 47.35 -19.23
C HIS C 1211 -4.46 46.41 -18.74
N LEU C 1212 -3.86 46.70 -17.57
CA LEU C 1212 -2.88 45.82 -16.98
C LEU C 1212 -3.51 44.56 -16.40
N TYR C 1213 -4.83 44.41 -16.43
CA TYR C 1213 -5.42 43.20 -15.85
C TYR C 1213 -5.11 41.97 -16.69
N ILE C 1214 -4.85 42.14 -17.99
CA ILE C 1214 -4.43 41.01 -18.81
C ILE C 1214 -3.08 40.50 -18.34
N PHE C 1215 -2.11 41.41 -18.25
CA PHE C 1215 -0.81 41.08 -17.66
C PHE C 1215 -0.96 40.53 -16.26
N LEU C 1216 -1.95 41.01 -15.51
CA LEU C 1216 -2.15 40.56 -14.14
C LEU C 1216 -2.58 39.12 -14.08
N TYR C 1217 -3.55 38.72 -14.90
CA TYR C 1217 -4.01 37.34 -14.88
C TYR C 1217 -2.97 36.40 -15.47
N ILE C 1218 -2.17 36.88 -16.43
CA ILE C 1218 -1.05 36.08 -16.92
C ILE C 1218 -0.06 35.80 -15.80
N LEU C 1219 0.36 36.85 -15.09
CA LEU C 1219 1.28 36.66 -13.98
C LEU C 1219 0.65 35.83 -12.87
N LEU C 1220 -0.66 35.92 -12.67
CA LEU C 1220 -1.28 35.14 -11.61
C LEU C 1220 -1.36 33.67 -11.97
N ILE C 1221 -1.38 33.35 -13.26
CA ILE C 1221 -1.35 31.94 -13.65
C ILE C 1221 0.07 31.39 -13.57
N ILE C 1222 1.07 32.21 -13.89
CA ILE C 1222 2.46 31.77 -13.75
C ILE C 1222 2.85 31.66 -12.27
N HIS C 1223 2.33 32.58 -11.44
CA HIS C 1223 2.75 32.68 -10.05
C HIS C 1223 2.46 31.40 -9.28
N GLY C 1224 1.26 30.85 -9.46
CA GLY C 1224 0.88 29.65 -8.72
C GLY C 1224 1.53 28.38 -9.19
N SER C 1225 2.04 28.37 -10.42
CA SER C 1225 2.73 27.19 -10.94
C SER C 1225 4.02 26.97 -10.17
N PHE C 1226 4.77 25.95 -10.56
CA PHE C 1226 5.96 25.54 -9.81
C PHE C 1226 5.56 25.24 -8.37
N ALA C 1227 4.75 24.20 -8.23
CA ALA C 1227 4.09 23.91 -6.97
C ALA C 1227 5.13 23.76 -5.85
N LEU C 1228 5.17 24.73 -4.95
CA LEU C 1228 6.14 24.78 -3.88
C LEU C 1228 5.55 24.31 -2.56
N ILE C 1229 4.42 24.87 -2.16
CA ILE C 1229 3.72 24.46 -0.95
C ILE C 1229 2.54 23.56 -1.27
N GLN C 1230 1.78 23.90 -2.31
CA GLN C 1230 0.65 23.11 -2.76
C GLN C 1230 0.55 23.19 -4.27
N MET C 1231 -0.29 22.33 -4.84
CA MET C 1231 -0.54 22.39 -6.27
C MET C 1231 -1.41 23.61 -6.60
N PRO C 1232 -1.28 24.15 -7.80
CA PRO C 1232 -2.01 25.38 -8.13
C PRO C 1232 -3.51 25.17 -8.12
N ARG C 1233 -4.23 26.24 -7.79
CA ARG C 1233 -5.68 26.24 -7.80
C ARG C 1233 -6.30 27.44 -8.47
N PHE C 1234 -5.50 28.41 -8.91
CA PHE C 1234 -6.08 29.65 -9.42
C PHE C 1234 -6.86 29.43 -10.71
N HIS C 1235 -6.38 28.55 -11.57
CA HIS C 1235 -7.11 28.30 -12.82
C HIS C 1235 -8.48 27.72 -12.55
N ILE C 1236 -8.65 26.97 -11.46
CA ILE C 1236 -9.97 26.49 -11.08
C ILE C 1236 -10.89 27.65 -10.76
N PHE C 1237 -10.38 28.65 -10.02
CA PHE C 1237 -11.18 29.83 -9.72
C PHE C 1237 -11.43 30.67 -10.97
N PHE C 1238 -10.55 30.59 -11.96
CA PHE C 1238 -10.52 31.53 -13.06
C PHE C 1238 -11.23 31.05 -14.31
N LEU C 1239 -11.48 29.74 -14.44
CA LEU C 1239 -12.09 29.22 -15.66
C LEU C 1239 -13.45 29.87 -15.93
N VAL C 1240 -14.39 29.74 -14.99
CA VAL C 1240 -15.76 30.16 -15.27
C VAL C 1240 -15.86 31.67 -15.51
N PRO C 1241 -15.39 32.55 -14.62
CA PRO C 1241 -15.59 33.98 -14.88
C PRO C 1241 -14.89 34.48 -16.13
N ALA C 1242 -13.72 33.92 -16.47
CA ALA C 1242 -13.03 34.31 -17.69
C ALA C 1242 -13.84 33.92 -18.92
N ILE C 1243 -14.47 32.75 -18.89
CA ILE C 1243 -15.29 32.32 -20.02
C ILE C 1243 -16.50 33.23 -20.18
N ILE C 1244 -17.21 33.51 -19.08
CA ILE C 1244 -18.36 34.40 -19.14
C ILE C 1244 -17.93 35.78 -19.65
N TYR C 1245 -16.79 36.28 -19.18
CA TYR C 1245 -16.35 37.61 -19.55
C TYR C 1245 -15.97 37.68 -21.02
N VAL C 1246 -15.21 36.70 -21.51
CA VAL C 1246 -14.80 36.74 -22.90
C VAL C 1246 -15.97 36.49 -23.83
N GLY C 1247 -16.96 35.70 -23.39
CA GLY C 1247 -18.17 35.55 -24.19
C GLY C 1247 -18.94 36.85 -24.29
N ASP C 1248 -19.14 37.52 -23.15
CA ASP C 1248 -19.79 38.82 -23.16
C ASP C 1248 -19.00 39.84 -23.98
N LYS C 1249 -17.68 39.68 -24.02
CA LYS C 1249 -16.87 40.60 -24.81
C LYS C 1249 -17.02 40.34 -26.30
N LEU C 1250 -17.12 39.07 -26.70
CA LEU C 1250 -17.33 38.75 -28.10
C LEU C 1250 -18.73 39.16 -28.56
N VAL C 1251 -19.72 39.02 -27.68
CA VAL C 1251 -21.07 39.45 -28.03
C VAL C 1251 -21.10 40.95 -28.26
N SER C 1252 -20.39 41.70 -27.42
CA SER C 1252 -20.34 43.16 -27.55
C SER C 1252 -19.42 43.62 -28.67
N LEU C 1253 -18.94 42.70 -29.51
CA LEU C 1253 -18.12 43.05 -30.66
C LEU C 1253 -18.93 43.13 -31.96
N SER C 1254 -19.91 42.25 -32.13
CA SER C 1254 -20.75 42.31 -33.32
C SER C 1254 -21.67 43.52 -33.29
N ARG C 1255 -22.24 43.83 -32.13
CA ARG C 1255 -23.15 44.96 -31.98
C ARG C 1255 -22.39 46.29 -32.07
N ALA D 3 -26.26 -19.23 -24.05
CA ALA D 3 -25.08 -19.81 -24.67
C ALA D 3 -25.06 -21.31 -24.48
N LEU D 4 -23.91 -21.84 -24.07
CA LEU D 4 -23.77 -23.28 -23.87
C LEU D 4 -22.78 -23.51 -22.74
N GLY D 5 -23.27 -24.05 -21.63
CA GLY D 5 -22.39 -24.45 -20.55
C GLY D 5 -22.25 -25.94 -20.43
N HIS D 6 -21.12 -26.48 -20.89
CA HIS D 6 -20.83 -27.90 -20.78
C HIS D 6 -19.43 -28.20 -20.27
N THR D 7 -18.58 -27.19 -20.13
CA THR D 7 -17.23 -27.34 -19.61
C THR D 7 -17.06 -26.39 -18.42
N LEU D 8 -15.84 -26.32 -17.92
CA LEU D 8 -15.47 -25.38 -16.89
C LEU D 8 -14.05 -24.89 -17.15
N PRO D 9 -13.84 -23.60 -17.45
CA PRO D 9 -14.85 -22.55 -17.51
C PRO D 9 -15.73 -22.63 -18.75
N PHE D 10 -16.74 -21.77 -18.84
CA PHE D 10 -17.64 -21.80 -19.98
C PHE D 10 -16.96 -21.25 -21.22
N TYR D 11 -16.29 -20.10 -21.09
CA TYR D 11 -15.55 -19.50 -22.19
C TYR D 11 -14.08 -19.86 -22.02
N THR D 12 -13.64 -20.88 -22.76
CA THR D 12 -12.26 -21.33 -22.75
C THR D 12 -11.55 -20.71 -23.95
N GLY D 13 -10.86 -19.61 -23.72
CA GLY D 13 -10.12 -18.96 -24.78
C GLY D 13 -9.17 -17.94 -24.20
N THR D 14 -8.18 -17.58 -25.02
CA THR D 14 -7.19 -16.60 -24.60
C THR D 14 -7.82 -15.21 -24.58
N LYS D 15 -7.60 -14.48 -23.50
CA LYS D 15 -8.15 -13.15 -23.38
C LYS D 15 -7.26 -12.15 -24.12
N PRO D 16 -7.82 -11.27 -24.93
CA PRO D 16 -7.00 -10.42 -25.80
C PRO D 16 -6.44 -9.21 -25.08
N THR D 17 -5.53 -8.53 -25.77
CA THR D 17 -4.94 -7.28 -25.31
C THR D 17 -5.07 -6.24 -26.42
N PHE D 18 -5.22 -4.99 -26.02
CA PHE D 18 -5.40 -3.93 -27.00
C PHE D 18 -4.09 -3.69 -27.74
N PRO D 19 -4.12 -3.58 -29.08
CA PRO D 19 -2.85 -3.52 -29.82
C PRO D 19 -2.00 -2.29 -29.52
N MET D 20 -2.59 -1.10 -29.57
CA MET D 20 -1.84 0.14 -29.48
C MET D 20 -2.21 0.91 -28.23
N ASP D 21 -1.67 2.12 -28.10
CA ASP D 21 -2.01 2.98 -26.98
C ASP D 21 -3.45 3.42 -27.07
N THR D 22 -4.11 3.50 -25.91
CA THR D 22 -5.55 3.81 -25.91
C THR D 22 -5.80 5.29 -26.10
N THR D 23 -5.07 6.14 -25.36
CA THR D 23 -5.29 7.58 -25.45
C THR D 23 -4.86 8.17 -26.79
N LEU D 24 -4.30 7.37 -27.69
CA LEU D 24 -4.02 7.78 -29.06
C LEU D 24 -5.07 7.26 -30.03
N ALA D 25 -5.52 6.02 -29.83
CA ALA D 25 -6.60 5.49 -30.65
C ALA D 25 -7.88 6.29 -30.45
N VAL D 26 -8.11 6.78 -29.24
CA VAL D 26 -9.28 7.62 -28.99
C VAL D 26 -9.24 8.87 -29.86
N ILE D 27 -8.09 9.54 -29.89
CA ILE D 27 -7.96 10.76 -30.67
C ILE D 27 -8.13 10.47 -32.16
N ILE D 28 -7.50 9.40 -32.64
CA ILE D 28 -7.59 9.07 -34.07
C ILE D 28 -9.03 8.78 -34.46
N THR D 29 -9.75 8.02 -33.62
CA THR D 29 -11.13 7.68 -33.95
C THR D 29 -12.02 8.90 -33.90
N ILE D 30 -11.82 9.78 -32.92
CA ILE D 30 -12.65 10.98 -32.81
C ILE D 30 -12.51 11.84 -34.06
N PHE D 31 -11.27 12.10 -34.47
CA PHE D 31 -11.09 12.99 -35.62
C PHE D 31 -11.43 12.32 -36.93
N LEU D 32 -11.29 10.99 -37.03
CA LEU D 32 -11.80 10.31 -38.22
C LEU D 32 -13.32 10.38 -38.29
N THR D 33 -13.99 10.29 -37.14
CA THR D 33 -15.44 10.43 -37.12
C THR D 33 -15.88 11.80 -37.59
N ALA D 34 -15.22 12.85 -37.09
CA ALA D 34 -15.54 14.20 -37.53
C ALA D 34 -15.30 14.37 -39.02
N LEU D 35 -14.20 13.80 -39.54
CA LEU D 35 -13.94 13.88 -40.96
C LEU D 35 -15.02 13.18 -41.78
N VAL D 36 -15.49 12.03 -41.31
CA VAL D 36 -16.54 11.30 -42.03
C VAL D 36 -17.83 12.10 -42.03
N THR D 37 -18.16 12.73 -40.90
CA THR D 37 -19.37 13.56 -40.83
C THR D 37 -19.31 14.69 -41.84
N PHE D 38 -18.17 15.39 -41.91
CA PHE D 38 -18.08 16.51 -42.85
C PHE D 38 -18.04 16.02 -44.29
N ILE D 39 -17.50 14.84 -44.55
CA ILE D 39 -17.57 14.28 -45.90
C ILE D 39 -19.01 13.96 -46.28
N ILE D 40 -19.81 13.51 -45.32
CA ILE D 40 -21.22 13.26 -45.57
C ILE D 40 -21.96 14.55 -45.90
N ILE D 41 -21.65 15.62 -45.17
CA ILE D 41 -22.29 16.91 -45.43
C ILE D 41 -21.81 17.54 -46.73
N LEU D 42 -20.59 17.20 -47.18
CA LEU D 42 -19.97 17.89 -48.31
C LEU D 42 -20.84 18.02 -49.56
N PRO D 43 -21.56 16.97 -50.03
CA PRO D 43 -22.34 17.15 -51.27
C PRO D 43 -23.47 18.17 -51.16
N GLY D 44 -23.65 18.75 -49.98
CA GLY D 44 -24.68 19.75 -49.80
C GLY D 44 -24.15 21.17 -49.79
N ILE D 45 -23.03 21.40 -50.45
CA ILE D 45 -22.41 22.72 -50.55
C ILE D 45 -22.19 23.04 -52.02
N ARG D 46 -22.15 24.34 -52.32
CA ARG D 46 -21.96 24.78 -53.70
C ARG D 46 -20.68 24.19 -54.28
N GLY D 47 -20.69 24.04 -55.62
CA GLY D 47 -19.59 23.35 -56.27
C GLY D 47 -18.27 24.11 -56.22
N LYS D 48 -18.32 25.44 -56.17
CA LYS D 48 -17.09 26.23 -56.21
C LYS D 48 -16.34 26.13 -54.89
N THR D 49 -17.02 26.40 -53.78
CA THR D 49 -16.38 26.44 -52.47
C THR D 49 -16.16 25.07 -51.86
N ARG D 50 -16.31 23.99 -52.63
CA ARG D 50 -16.07 22.66 -52.08
C ARG D 50 -14.63 22.48 -51.65
N LEU D 51 -13.68 22.84 -52.51
CA LEU D 51 -12.28 22.73 -52.12
C LEU D 51 -11.93 23.72 -51.01
N PHE D 52 -12.48 24.93 -51.07
CA PHE D 52 -12.20 25.92 -50.05
C PHE D 52 -12.70 25.49 -48.69
N TRP D 53 -13.76 24.68 -48.65
CA TRP D 53 -14.22 24.16 -47.36
C TRP D 53 -13.43 22.92 -46.96
N LEU D 54 -13.13 22.06 -47.93
CA LEU D 54 -12.43 20.81 -47.62
C LEU D 54 -11.08 21.09 -47.01
N LEU D 55 -10.27 21.95 -47.64
CA LEU D 55 -8.95 22.25 -47.10
C LEU D 55 -9.07 22.97 -45.75
N ARG D 56 -9.97 23.94 -45.65
CA ARG D 56 -10.08 24.73 -44.44
C ARG D 56 -10.53 23.88 -43.26
N VAL D 57 -11.29 22.82 -43.50
CA VAL D 57 -11.69 21.97 -42.39
C VAL D 57 -10.69 20.86 -42.12
N VAL D 58 -10.03 20.35 -43.16
CA VAL D 58 -9.08 19.25 -42.97
C VAL D 58 -7.85 19.74 -42.22
N THR D 59 -7.30 20.88 -42.62
CA THR D 59 -6.09 21.37 -41.94
C THR D 59 -6.40 21.83 -40.53
N SER D 60 -7.55 22.47 -40.32
CA SER D 60 -7.91 22.88 -38.97
C SER D 60 -8.02 21.68 -38.04
N LEU D 61 -8.70 20.62 -38.49
CA LEU D 61 -8.83 19.40 -37.71
C LEU D 61 -7.49 18.73 -37.48
N PHE D 62 -6.64 18.67 -38.51
CA PHE D 62 -5.33 18.03 -38.37
C PHE D 62 -4.47 18.76 -37.34
N ILE D 63 -4.47 20.09 -37.39
CA ILE D 63 -3.68 20.85 -36.41
C ILE D 63 -4.23 20.63 -35.01
N GLY D 64 -5.55 20.68 -34.85
CA GLY D 64 -6.12 20.46 -33.53
C GLY D 64 -5.84 19.09 -32.98
N ALA D 65 -5.74 18.09 -33.87
CA ALA D 65 -5.47 16.73 -33.42
C ALA D 65 -4.01 16.52 -33.07
N VAL D 66 -3.10 17.17 -33.81
CA VAL D 66 -1.68 17.04 -33.52
C VAL D 66 -1.34 17.71 -32.19
N ILE D 67 -1.88 18.90 -31.94
CA ILE D 67 -1.60 19.58 -30.67
C ILE D 67 -2.01 18.72 -29.49
N LEU D 68 -3.05 17.91 -29.65
CA LEU D 68 -3.56 17.11 -28.55
C LEU D 68 -2.89 15.75 -28.44
N ALA D 69 -2.45 15.18 -29.56
CA ALA D 69 -1.81 13.87 -29.53
C ALA D 69 -0.35 13.98 -29.14
N VAL D 70 0.30 15.08 -29.49
CA VAL D 70 1.70 15.27 -29.10
C VAL D 70 1.82 15.47 -27.61
N ASN D 71 0.80 16.03 -26.96
CA ASN D 71 0.86 16.25 -25.52
C ASN D 71 0.92 14.93 -24.76
N PHE D 72 0.05 14.00 -25.11
CA PHE D 72 0.00 12.71 -24.42
C PHE D 72 0.96 11.69 -25.01
N SER D 73 1.70 12.06 -26.05
CA SER D 73 2.67 11.16 -26.62
C SER D 73 3.86 11.00 -25.69
N SER D 74 4.64 9.94 -25.92
CA SER D 74 5.82 9.66 -25.14
C SER D 74 7.01 9.42 -26.05
N GLU D 75 7.10 10.18 -27.13
CA GLU D 75 8.18 10.02 -28.10
C GLU D 75 8.84 11.35 -28.37
N TRP D 76 9.12 12.09 -27.29
CA TRP D 76 9.85 13.34 -27.44
C TRP D 76 11.34 13.08 -27.60
N SER D 77 11.93 12.30 -26.68
CA SER D 77 13.29 11.84 -26.83
C SER D 77 13.29 10.32 -26.71
N VAL D 78 13.88 9.64 -27.68
CA VAL D 78 13.81 8.19 -27.78
C VAL D 78 15.20 7.62 -27.97
N GLY D 79 15.38 6.39 -27.47
CA GLY D 79 16.62 5.67 -27.67
C GLY D 79 16.34 4.19 -27.81
N HIS D 80 17.33 3.48 -28.35
CA HIS D 80 17.14 2.08 -28.72
C HIS D 80 18.49 1.41 -28.89
N VAL D 81 18.60 0.17 -28.44
CA VAL D 81 19.83 -0.61 -28.57
C VAL D 81 19.48 -2.08 -28.42
N ASN D 82 20.32 -2.94 -28.99
CA ASN D 82 20.19 -4.39 -28.90
C ASN D 82 21.35 -4.93 -28.08
N ALA D 83 21.04 -5.58 -26.96
CA ALA D 83 22.07 -6.00 -26.02
C ALA D 83 21.71 -7.36 -25.44
N ASN D 84 22.73 -8.00 -24.84
CA ASN D 84 22.54 -9.21 -24.04
C ASN D 84 22.62 -8.83 -22.58
N THR D 85 21.55 -9.10 -21.84
CA THR D 85 21.46 -8.70 -20.44
C THR D 85 20.97 -9.87 -19.59
N THR D 86 21.06 -9.68 -18.28
CA THR D 86 20.42 -10.62 -17.37
C THR D 86 18.91 -10.43 -17.41
N TYR D 87 18.17 -11.42 -16.92
CA TYR D 87 16.72 -11.36 -17.01
C TYR D 87 16.06 -11.25 -15.64
N LYS D 88 16.30 -12.19 -14.74
CA LYS D 88 15.55 -12.24 -13.49
C LYS D 88 16.46 -12.71 -12.37
N ALA D 89 15.91 -12.73 -11.16
CA ALA D 89 16.67 -13.17 -10.00
C ALA D 89 16.60 -14.69 -9.88
N PHE D 90 17.61 -15.25 -9.21
CA PHE D 90 17.72 -16.69 -8.98
C PHE D 90 17.86 -17.44 -10.31
N SER D 91 18.56 -16.83 -11.27
CA SER D 91 18.80 -17.46 -12.56
C SER D 91 20.06 -16.89 -13.19
N PRO D 92 21.05 -17.72 -13.49
CA PRO D 92 22.28 -17.21 -14.10
C PRO D 92 22.19 -17.06 -15.62
N LYS D 93 20.98 -17.10 -16.17
CA LYS D 93 20.77 -17.10 -17.61
C LYS D 93 20.63 -15.68 -18.14
N TRP D 94 21.19 -15.45 -19.33
CA TRP D 94 21.11 -14.17 -20.01
C TRP D 94 20.19 -14.26 -21.21
N VAL D 95 19.61 -13.12 -21.58
CA VAL D 95 18.70 -13.03 -22.72
C VAL D 95 19.23 -12.01 -23.70
N SER D 96 18.77 -12.12 -24.95
CA SER D 96 19.10 -11.19 -26.02
C SER D 96 17.86 -10.37 -26.34
N VAL D 97 17.90 -9.08 -26.02
CA VAL D 97 16.71 -8.24 -26.03
C VAL D 97 16.97 -7.00 -26.88
N ASP D 98 15.92 -6.20 -27.02
CA ASP D 98 15.94 -4.89 -27.68
C ASP D 98 15.44 -3.87 -26.66
N VAL D 99 16.34 -3.25 -25.93
CA VAL D 99 15.97 -2.28 -24.91
C VAL D 99 15.72 -0.93 -25.55
N GLY D 100 14.77 -0.19 -25.02
CA GLY D 100 14.43 1.12 -25.57
C GLY D 100 13.92 2.06 -24.51
N LEU D 101 14.09 3.36 -24.76
CA LEU D 101 13.60 4.42 -23.90
C LEU D 101 12.67 5.32 -24.69
N GLN D 102 11.66 5.86 -24.00
CA GLN D 102 10.71 6.77 -24.64
C GLN D 102 10.29 7.79 -23.59
N ILE D 103 10.94 8.95 -23.61
CA ILE D 103 10.77 9.96 -22.58
C ILE D 103 9.75 10.98 -23.07
N GLY D 104 8.60 11.04 -22.43
CA GLY D 104 7.57 11.99 -22.76
C GLY D 104 7.64 13.24 -21.91
N LEU D 105 6.49 13.87 -21.72
CA LEU D 105 6.44 15.08 -20.90
C LEU D 105 6.11 14.79 -19.45
N GLY D 106 5.38 13.71 -19.17
CA GLY D 106 5.02 13.41 -17.81
C GLY D 106 5.31 11.97 -17.41
N GLY D 107 6.40 11.42 -17.94
CA GLY D 107 6.77 10.05 -17.61
C GLY D 107 7.66 9.48 -18.69
N VAL D 108 8.02 8.22 -18.48
CA VAL D 108 8.92 7.50 -19.38
C VAL D 108 8.40 6.09 -19.57
N ASN D 109 8.47 5.58 -20.79
CA ASN D 109 8.09 4.21 -21.10
C ASN D 109 9.33 3.42 -21.46
N ILE D 110 9.53 2.28 -20.80
CA ILE D 110 10.69 1.43 -21.01
C ILE D 110 10.22 0.12 -21.62
N THR D 111 10.87 -0.29 -22.71
CA THR D 111 10.46 -1.48 -23.45
C THR D 111 11.61 -2.48 -23.48
N LEU D 112 11.35 -3.68 -22.97
CA LEU D 112 12.27 -4.81 -23.09
C LEU D 112 11.58 -5.86 -23.95
N THR D 113 12.22 -6.23 -25.06
CA THR D 113 11.62 -7.18 -26.00
C THR D 113 12.70 -8.09 -26.54
N GLY D 114 12.56 -9.40 -26.32
CA GLY D 114 13.54 -10.34 -26.82
C GLY D 114 13.65 -10.31 -28.33
N THR D 115 14.80 -10.75 -28.82
CA THR D 115 14.95 -10.81 -30.27
C THR D 115 14.17 -12.00 -30.80
N PRO D 116 14.27 -13.20 -30.19
CA PRO D 116 13.10 -14.09 -30.20
C PRO D 116 12.26 -13.78 -28.97
N VAL D 117 10.95 -13.63 -29.12
CA VAL D 117 10.14 -13.29 -27.96
C VAL D 117 10.10 -14.41 -26.94
N GLN D 118 10.34 -15.65 -27.36
CA GLN D 118 10.29 -16.81 -26.48
C GLN D 118 11.73 -17.33 -26.34
N GLN D 119 12.34 -17.08 -25.18
CA GLN D 119 13.72 -17.51 -24.97
C GLN D 119 13.87 -18.49 -23.81
N LEU D 120 13.41 -18.14 -22.62
CA LEU D 120 13.60 -18.97 -21.44
C LEU D 120 12.28 -19.60 -20.99
N ASN D 121 11.49 -20.07 -21.97
CA ASN D 121 10.13 -20.52 -21.73
C ASN D 121 9.26 -19.39 -21.20
N GLU D 122 9.58 -18.15 -21.56
CA GLU D 122 8.84 -16.98 -21.15
C GLU D 122 8.52 -16.14 -22.38
N THR D 123 7.80 -15.04 -22.16
CA THR D 123 7.43 -14.11 -23.22
C THR D 123 7.91 -12.72 -22.82
N ILE D 124 8.96 -12.25 -23.48
CA ILE D 124 9.62 -11.01 -23.11
C ILE D 124 9.12 -9.93 -24.06
N ASN D 125 8.06 -9.24 -23.66
CA ASN D 125 7.49 -8.16 -24.46
C ASN D 125 7.00 -7.02 -23.56
N TYR D 126 7.85 -6.60 -22.62
CA TYR D 126 7.42 -5.63 -21.62
C TYR D 126 7.31 -4.22 -22.21
N ASN D 127 6.50 -3.40 -21.55
CA ASN D 127 6.40 -1.98 -21.86
C ASN D 127 5.89 -1.27 -20.60
N GLU D 128 6.81 -0.69 -19.84
CA GLU D 128 6.51 -0.19 -18.51
C GLU D 128 6.57 1.33 -18.47
N ALA D 129 5.70 1.93 -17.63
CA ALA D 129 5.56 3.37 -17.57
C ALA D 129 5.74 3.86 -16.14
N PHE D 130 6.62 4.84 -15.96
CA PHE D 130 6.83 5.50 -14.67
C PHE D 130 6.62 6.99 -14.86
N ALA D 131 5.67 7.56 -14.13
CA ALA D 131 5.22 8.92 -14.35
C ALA D 131 5.72 9.85 -13.25
N TRP D 132 6.09 11.07 -13.63
CA TRP D 132 6.52 12.10 -12.70
C TRP D 132 5.66 13.35 -12.79
N ARG D 133 4.41 13.20 -13.23
CA ARG D 133 3.52 14.34 -13.30
C ARG D 133 3.30 14.92 -11.92
N LEU D 134 2.64 16.09 -11.88
CA LEU D 134 2.47 16.79 -10.61
C LEU D 134 1.56 16.03 -9.65
N GLY D 135 0.68 15.17 -10.16
CA GLY D 135 -0.20 14.39 -9.31
C GLY D 135 0.31 12.99 -8.98
N ARG D 136 1.53 12.65 -9.38
CA ARG D 136 2.09 11.32 -9.19
C ARG D 136 3.36 11.40 -8.36
N SER D 137 3.85 10.22 -7.98
CA SER D 137 5.11 10.09 -7.24
C SER D 137 5.95 9.02 -7.91
N TYR D 138 7.10 9.41 -8.44
CA TYR D 138 7.97 8.45 -9.10
C TYR D 138 8.55 7.44 -8.11
N ALA D 139 8.84 7.88 -6.88
CA ALA D 139 9.48 7.00 -5.92
C ALA D 139 8.57 5.86 -5.50
N GLU D 140 7.28 6.14 -5.27
CA GLU D 140 6.36 5.07 -4.89
C GLU D 140 6.14 4.11 -6.04
N GLU D 141 6.08 4.62 -7.28
CA GLU D 141 5.92 3.74 -8.43
C GLU D 141 7.14 2.85 -8.61
N TYR D 142 8.33 3.40 -8.39
CA TYR D 142 9.54 2.58 -8.51
C TYR D 142 9.62 1.55 -7.40
N ALA D 143 9.22 1.91 -6.18
CA ALA D 143 9.22 0.93 -5.09
C ALA D 143 8.22 -0.19 -5.36
N LYS D 144 7.07 0.16 -5.93
CA LYS D 144 6.08 -0.86 -6.26
C LYS D 144 6.53 -1.74 -7.41
N ALA D 145 7.27 -1.18 -8.36
CA ALA D 145 7.83 -1.96 -9.46
C ALA D 145 9.06 -2.74 -9.04
N LEU D 146 9.62 -2.44 -7.88
CA LEU D 146 10.71 -3.23 -7.33
C LEU D 146 10.20 -4.37 -6.46
N GLU D 147 9.10 -4.16 -5.75
CA GLU D 147 8.45 -5.24 -5.02
C GLU D 147 7.97 -6.33 -5.97
N LYS D 148 7.05 -5.99 -6.86
CA LYS D 148 6.73 -6.84 -7.99
C LYS D 148 7.95 -6.92 -8.90
N GLY D 149 8.50 -8.10 -9.08
CA GLY D 149 9.84 -8.14 -9.61
C GLY D 149 9.95 -8.10 -11.12
N LEU D 150 10.15 -6.91 -11.66
CA LEU D 150 10.35 -6.75 -13.09
C LEU D 150 11.76 -7.21 -13.46
N PRO D 151 12.02 -7.43 -14.75
CA PRO D 151 13.37 -7.83 -15.15
C PRO D 151 14.42 -6.80 -14.74
N ASP D 152 15.68 -7.24 -14.77
CA ASP D 152 16.74 -6.40 -14.22
C ASP D 152 16.98 -5.13 -15.01
N PRO D 153 17.08 -5.14 -16.34
CA PRO D 153 17.36 -3.89 -17.06
C PRO D 153 16.24 -2.87 -16.96
N VAL D 154 14.99 -3.33 -16.84
CA VAL D 154 13.88 -2.40 -16.68
C VAL D 154 14.07 -1.57 -15.40
N LEU D 155 14.44 -2.24 -14.31
CA LEU D 155 14.62 -1.53 -13.05
C LEU D 155 15.82 -0.60 -13.09
N TYR D 156 16.89 -1.00 -13.80
CA TYR D 156 18.05 -0.14 -13.96
C TYR D 156 17.68 1.18 -14.64
N LEU D 157 17.09 1.09 -15.82
CA LEU D 157 16.69 2.30 -16.53
C LEU D 157 15.62 3.06 -15.77
N ALA D 158 14.79 2.37 -14.99
CA ALA D 158 13.74 3.05 -14.26
C ALA D 158 14.28 3.83 -13.08
N GLU D 159 15.37 3.37 -12.49
CA GLU D 159 15.96 4.07 -11.36
C GLU D 159 16.91 5.17 -11.79
N LYS D 160 17.35 5.17 -13.05
CA LYS D 160 18.14 6.30 -13.53
C LYS D 160 17.39 7.62 -13.38
N PHE D 161 16.06 7.59 -13.43
CA PHE D 161 15.24 8.80 -13.37
C PHE D 161 14.61 9.03 -12.01
N THR D 162 15.07 8.32 -10.99
CA THR D 162 14.42 8.37 -9.69
C THR D 162 14.87 9.60 -8.91
N PRO D 163 14.06 10.07 -7.97
CA PRO D 163 14.46 11.25 -7.20
C PRO D 163 15.69 10.97 -6.36
N ARG D 164 16.60 11.95 -6.31
CA ARG D 164 17.84 11.85 -5.55
C ARG D 164 18.69 10.67 -6.04
N SER D 165 19.06 10.74 -7.31
CA SER D 165 20.03 9.86 -7.91
C SER D 165 21.29 10.63 -8.26
N PRO D 166 22.46 9.98 -8.30
CA PRO D 166 23.69 10.70 -8.65
C PRO D 166 23.60 11.46 -9.96
N CYS D 167 22.72 11.06 -10.87
CA CYS D 167 22.46 11.79 -12.11
C CYS D 167 21.13 12.51 -11.96
N GLY D 168 21.17 13.82 -11.82
CA GLY D 168 19.97 14.56 -11.50
C GLY D 168 19.03 14.79 -12.66
N LEU D 169 18.35 13.74 -13.11
CA LEU D 169 17.41 13.86 -14.21
C LEU D 169 15.98 14.17 -13.76
N TYR D 170 15.64 13.83 -12.51
CA TYR D 170 14.26 13.93 -12.07
C TYR D 170 13.75 15.37 -12.13
N ASN D 171 14.44 16.27 -11.43
CA ASN D 171 13.96 17.66 -11.35
C ASN D 171 13.91 18.30 -12.72
N GLN D 172 14.97 18.12 -13.51
CA GLN D 172 15.02 18.76 -14.82
C GLN D 172 13.89 18.27 -15.72
N TYR D 173 13.77 16.95 -15.87
CA TYR D 173 12.71 16.43 -16.74
C TYR D 173 11.33 16.78 -16.20
N ARG D 174 11.16 16.81 -14.89
CA ARG D 174 9.86 17.13 -14.33
C ARG D 174 9.44 18.56 -14.65
N LEU D 175 10.33 19.53 -14.39
CA LEU D 175 9.99 20.92 -14.64
C LEU D 175 9.80 21.19 -16.13
N ALA D 176 10.71 20.67 -16.96
CA ALA D 176 10.61 20.90 -18.39
C ALA D 176 9.33 20.32 -18.96
N GLY D 177 8.98 19.10 -18.54
CA GLY D 177 7.73 18.51 -19.01
C GLY D 177 6.52 19.27 -18.54
N HIS D 178 6.56 19.78 -17.31
CA HIS D 178 5.42 20.53 -16.78
C HIS D 178 5.16 21.78 -17.61
N TYR D 179 6.21 22.55 -17.90
CA TYR D 179 5.98 23.79 -18.61
C TYR D 179 5.73 23.58 -20.10
N ALA D 180 6.32 22.54 -20.69
CA ALA D 180 5.99 22.23 -22.08
C ALA D 180 4.54 21.81 -22.22
N SER D 181 4.02 21.04 -21.26
CA SER D 181 2.63 20.65 -21.31
C SER D 181 1.70 21.85 -21.13
N ALA D 182 2.08 22.79 -20.25
CA ALA D 182 1.28 23.99 -20.09
C ALA D 182 1.22 24.80 -21.38
N MET D 183 2.38 24.98 -22.04
CA MET D 183 2.39 25.70 -23.31
C MET D 183 1.52 25.02 -24.35
N LEU D 184 1.53 23.68 -24.38
CA LEU D 184 0.71 22.98 -25.35
C LEU D 184 -0.78 23.17 -25.07
N TRP D 185 -1.18 23.20 -23.79
CA TRP D 185 -2.58 23.46 -23.49
C TRP D 185 -2.98 24.86 -23.92
N VAL D 186 -2.09 25.84 -23.72
CA VAL D 186 -2.41 27.20 -24.16
C VAL D 186 -2.55 27.25 -25.68
N ALA D 187 -1.70 26.50 -26.39
CA ALA D 187 -1.80 26.47 -27.85
C ALA D 187 -3.11 25.83 -28.30
N PHE D 188 -3.58 24.81 -27.57
CA PHE D 188 -4.87 24.21 -27.91
C PHE D 188 -6.01 25.20 -27.70
N LEU D 189 -5.96 25.97 -26.60
CA LEU D 189 -6.98 26.99 -26.38
C LEU D 189 -6.97 28.03 -27.49
N CYS D 190 -5.78 28.44 -27.92
CA CYS D 190 -5.69 29.39 -29.03
C CYS D 190 -6.23 28.81 -30.33
N TRP D 191 -6.07 27.50 -30.53
CA TRP D 191 -6.64 26.89 -31.73
C TRP D 191 -8.17 26.92 -31.68
N LEU D 192 -8.74 26.62 -30.52
CA LEU D 192 -10.19 26.71 -30.36
C LEU D 192 -10.68 28.12 -30.67
N LEU D 193 -10.04 29.13 -30.09
CA LEU D 193 -10.46 30.50 -30.33
C LEU D 193 -10.25 30.91 -31.79
N ALA D 194 -9.22 30.38 -32.45
CA ALA D 194 -9.03 30.69 -33.86
C ALA D 194 -10.17 30.13 -34.70
N ASN D 195 -10.60 28.91 -34.41
CA ASN D 195 -11.72 28.34 -35.16
C ASN D 195 -13.01 29.09 -34.87
N VAL D 196 -13.20 29.58 -33.64
CA VAL D 196 -14.40 30.34 -33.33
C VAL D 196 -14.39 31.68 -34.05
N MET D 197 -13.32 32.45 -33.88
CA MET D 197 -13.23 33.77 -34.48
C MET D 197 -12.93 33.73 -35.98
N LEU D 198 -12.85 32.55 -36.57
CA LEU D 198 -12.85 32.43 -38.02
C LEU D 198 -14.22 32.12 -38.59
N SER D 199 -15.09 31.45 -37.83
CA SER D 199 -16.43 31.14 -38.30
C SER D 199 -17.21 32.43 -38.56
N MET D 200 -17.45 33.20 -37.49
CA MET D 200 -17.98 34.54 -37.69
C MET D 200 -16.93 35.38 -38.40
N PRO D 201 -17.35 36.29 -39.28
CA PRO D 201 -16.35 36.96 -40.12
C PRO D 201 -15.49 37.93 -39.33
N VAL D 202 -14.30 37.47 -38.97
CA VAL D 202 -13.22 38.29 -38.43
C VAL D 202 -11.93 37.75 -39.02
N LEU D 203 -11.40 38.43 -40.04
CA LEU D 203 -10.20 37.89 -40.69
C LEU D 203 -8.94 38.25 -39.90
N VAL D 204 -8.85 39.48 -39.42
CA VAL D 204 -7.65 39.93 -38.72
C VAL D 204 -7.43 39.09 -37.47
N TYR D 205 -8.45 38.96 -36.63
CA TYR D 205 -8.27 38.27 -35.35
C TYR D 205 -8.03 36.77 -35.53
N GLY D 206 -8.63 36.15 -36.55
CA GLY D 206 -8.31 34.76 -36.81
C GLY D 206 -6.87 34.58 -37.27
N GLY D 207 -6.45 35.40 -38.23
CA GLY D 207 -5.07 35.36 -38.67
C GLY D 207 -4.07 35.71 -37.60
N HIS D 208 -4.51 36.39 -36.54
CA HIS D 208 -3.62 36.70 -35.43
C HIS D 208 -3.66 35.67 -34.32
N MET D 209 -4.72 34.86 -34.24
CA MET D 209 -4.71 33.76 -33.29
C MET D 209 -3.97 32.55 -33.83
N LEU D 210 -3.88 32.42 -35.15
CA LEU D 210 -3.06 31.33 -35.70
C LEU D 210 -1.59 31.52 -35.35
N LEU D 211 -1.11 32.76 -35.36
CA LEU D 211 0.27 33.03 -34.97
C LEU D 211 0.52 32.61 -33.53
N ALA D 212 -0.44 32.84 -32.63
CA ALA D 212 -0.29 32.41 -31.25
C ALA D 212 -0.29 30.89 -31.16
N THR D 213 -1.17 30.24 -31.92
CA THR D 213 -1.18 28.78 -31.95
C THR D 213 0.18 28.22 -32.35
N GLY D 214 0.90 28.91 -33.22
CA GLY D 214 2.22 28.47 -33.61
C GLY D 214 3.30 28.81 -32.61
N LEU D 215 3.22 30.02 -32.04
CA LEU D 215 4.25 30.47 -31.12
C LEU D 215 4.26 29.67 -29.83
N PHE D 216 3.09 29.20 -29.38
CA PHE D 216 3.10 28.42 -28.16
C PHE D 216 3.63 27.00 -28.38
N GLN D 217 3.45 26.45 -29.57
CA GLN D 217 4.11 25.18 -29.87
C GLN D 217 5.62 25.34 -29.90
N LEU D 218 6.11 26.41 -30.52
CA LEU D 218 7.56 26.65 -30.52
C LEU D 218 8.08 26.91 -29.12
N LEU D 219 7.26 27.51 -28.25
CA LEU D 219 7.69 27.70 -26.87
C LEU D 219 7.77 26.37 -26.13
N ALA D 220 6.86 25.45 -26.42
CA ALA D 220 6.97 24.11 -25.85
C ALA D 220 8.25 23.42 -26.28
N LEU D 221 8.63 23.58 -27.55
CA LEU D 221 9.90 23.05 -28.00
C LEU D 221 11.07 23.65 -27.24
N PHE D 222 11.03 24.97 -27.03
CA PHE D 222 12.11 25.62 -26.29
C PHE D 222 12.20 25.09 -24.87
N PHE D 223 11.06 24.85 -24.22
CA PHE D 223 11.09 24.35 -22.86
C PHE D 223 11.67 22.95 -22.78
N PHE D 224 11.23 22.06 -23.68
CA PHE D 224 11.71 20.69 -23.61
C PHE D 224 13.16 20.54 -24.08
N SER D 225 13.65 21.45 -24.91
CA SER D 225 15.02 21.31 -25.38
C SER D 225 16.05 21.70 -24.35
N MET D 226 15.64 22.08 -23.14
CA MET D 226 16.57 22.37 -22.05
C MET D 226 16.95 21.12 -21.26
N THR D 227 16.68 19.93 -21.80
CA THR D 227 17.03 18.67 -21.14
C THR D 227 18.12 17.91 -21.86
N THR D 228 18.30 18.13 -23.15
CA THR D 228 19.25 17.33 -23.92
C THR D 228 20.67 17.49 -23.43
N SER D 229 20.98 18.62 -22.79
CA SER D 229 22.32 18.88 -22.28
C SER D 229 22.57 18.22 -20.93
N LEU D 230 21.66 17.38 -20.46
CA LEU D 230 21.76 16.78 -19.14
C LEU D 230 21.85 15.26 -19.18
N ILE D 231 21.07 14.60 -20.03
CA ILE D 231 21.15 13.14 -20.13
C ILE D 231 22.31 12.68 -20.99
N SER D 232 23.02 13.61 -21.63
CA SER D 232 24.13 13.21 -22.49
C SER D 232 25.29 12.62 -21.68
N PRO D 233 25.77 13.24 -20.59
CA PRO D 233 26.92 12.66 -19.89
C PRO D 233 26.59 11.45 -19.02
N CYS D 234 25.34 11.27 -18.60
CA CYS D 234 25.02 10.18 -17.69
C CYS D 234 25.04 8.85 -18.44
N PRO D 235 25.75 7.84 -17.93
CA PRO D 235 25.89 6.59 -18.68
C PRO D 235 24.65 5.73 -18.58
N LEU D 236 24.28 5.15 -19.72
CA LEU D 236 23.17 4.21 -19.79
C LEU D 236 23.66 2.87 -20.33
N ARG D 237 24.77 2.38 -19.78
CA ARG D 237 25.36 1.13 -20.25
C ARG D 237 24.50 -0.05 -19.82
N LEU D 238 24.21 -0.94 -20.77
CA LEU D 238 23.48 -2.18 -20.51
C LEU D 238 24.32 -3.34 -21.02
N GLY D 239 25.23 -3.82 -20.18
CA GLY D 239 26.15 -4.84 -20.61
C GLY D 239 27.21 -4.32 -21.56
N THR D 240 27.26 -4.86 -22.77
CA THR D 240 28.24 -4.46 -23.78
C THR D 240 27.72 -3.38 -24.70
N ALA D 241 26.54 -2.82 -24.44
CA ALA D 241 25.91 -1.86 -25.33
C ALA D 241 25.60 -0.58 -24.58
N VAL D 242 25.76 0.55 -25.25
CA VAL D 242 25.43 1.86 -24.71
C VAL D 242 24.14 2.32 -25.36
N LEU D 243 23.36 3.12 -24.63
CA LEU D 243 22.07 3.60 -25.09
C LEU D 243 22.13 5.11 -25.24
N HIS D 244 21.92 5.59 -26.46
CA HIS D 244 21.93 7.01 -26.76
C HIS D 244 20.52 7.44 -27.14
N THR D 245 20.07 8.56 -26.58
CA THR D 245 18.75 9.10 -26.87
C THR D 245 18.88 10.34 -27.73
N HIS D 246 17.99 10.45 -28.72
CA HIS D 246 17.93 11.63 -29.57
C HIS D 246 16.50 12.14 -29.62
N HIS D 247 16.22 13.12 -30.49
CA HIS D 247 14.91 13.74 -30.54
C HIS D 247 13.93 12.82 -31.27
N GLY D 248 12.79 12.57 -30.64
CA GLY D 248 11.82 11.65 -31.18
C GLY D 248 10.91 12.27 -32.21
N PRO D 249 9.88 11.54 -32.62
CA PRO D 249 8.96 12.09 -33.62
C PRO D 249 8.08 13.20 -33.11
N ALA D 250 7.70 13.20 -31.83
CA ALA D 250 6.83 14.25 -31.34
C ALA D 250 7.49 15.61 -31.40
N PHE D 251 8.81 15.66 -31.21
CA PHE D 251 9.55 16.91 -31.31
C PHE D 251 9.40 17.51 -32.70
N TRP D 252 9.73 16.73 -33.72
CA TRP D 252 9.68 17.25 -35.09
C TRP D 252 8.27 17.49 -35.57
N ILE D 253 7.30 16.71 -35.09
CA ILE D 253 5.91 16.94 -35.44
C ILE D 253 5.45 18.29 -34.90
N THR D 254 5.79 18.59 -33.64
CA THR D 254 5.43 19.88 -33.07
C THR D 254 6.11 21.02 -33.83
N LEU D 255 7.38 20.84 -34.19
CA LEU D 255 8.08 21.84 -34.98
C LEU D 255 7.37 22.11 -36.30
N ALA D 256 6.98 21.04 -36.99
CA ALA D 256 6.36 21.18 -38.31
C ALA D 256 5.02 21.90 -38.21
N THR D 257 4.16 21.49 -37.28
CA THR D 257 2.86 22.12 -37.18
C THR D 257 2.97 23.55 -36.63
N GLY D 258 3.97 23.83 -35.79
CA GLY D 258 4.18 25.20 -35.35
C GLY D 258 4.55 26.12 -36.50
N LEU D 259 5.49 25.68 -37.33
CA LEU D 259 5.86 26.48 -38.50
C LEU D 259 4.70 26.61 -39.47
N LEU D 260 3.86 25.57 -39.57
CA LEU D 260 2.69 25.65 -40.46
C LEU D 260 1.71 26.70 -39.97
N CYS D 261 1.39 26.68 -38.67
CA CYS D 261 0.46 27.67 -38.12
C CYS D 261 1.02 29.07 -38.26
N ILE D 262 2.32 29.25 -38.04
CA ILE D 262 2.91 30.57 -38.18
C ILE D 262 2.82 31.04 -39.62
N LEU D 263 3.08 30.15 -40.58
CA LEU D 263 2.99 30.53 -41.98
C LEU D 263 1.56 30.91 -42.35
N LEU D 264 0.57 30.15 -41.88
CA LEU D 264 -0.81 30.49 -42.19
C LEU D 264 -1.21 31.83 -41.60
N GLY D 265 -0.80 32.09 -40.35
CA GLY D 265 -1.10 33.39 -39.76
C GLY D 265 -0.49 34.54 -40.52
N LEU D 266 0.76 34.39 -40.95
CA LEU D 266 1.40 35.47 -41.71
C LEU D 266 0.73 35.66 -43.06
N VAL D 267 0.36 34.57 -43.72
CA VAL D 267 -0.31 34.69 -45.02
C VAL D 267 -1.64 35.40 -44.87
N MET D 268 -2.39 35.06 -43.82
CA MET D 268 -3.68 35.72 -43.60
C MET D 268 -3.50 37.21 -43.33
N ALA D 269 -2.52 37.56 -42.50
CA ALA D 269 -2.29 38.98 -42.19
C ALA D 269 -1.91 39.76 -43.44
N VAL D 270 -0.98 39.21 -44.24
CA VAL D 270 -0.55 39.90 -45.45
C VAL D 270 -1.71 40.04 -46.43
N ALA D 271 -2.43 38.95 -46.67
CA ALA D 271 -3.56 39.00 -47.59
C ALA D 271 -4.71 39.86 -47.07
N HIS D 272 -4.73 40.15 -45.77
CA HIS D 272 -5.71 41.09 -45.25
C HIS D 272 -5.26 42.53 -45.44
N ARG D 273 -3.95 42.78 -45.43
CA ARG D 273 -3.47 44.14 -45.57
C ARG D 273 -3.63 44.64 -47.01
N MET D 274 -2.98 43.97 -47.98
CA MET D 274 -2.93 44.52 -49.32
C MET D 274 -4.27 44.44 -50.04
N GLN D 275 -4.85 43.25 -50.28
CA GLN D 275 -6.18 43.31 -50.92
C GLN D 275 -7.32 43.29 -49.91
C1 NAG E . -14.91 9.25 13.78
C2 NAG E . -15.13 10.71 14.19
C3 NAG E . -14.36 11.66 13.27
C4 NAG E . -12.90 11.25 13.14
C5 NAG E . -12.80 9.78 12.77
C6 NAG E . -11.39 9.26 12.76
C7 NAG E . -17.25 11.41 15.25
C8 NAG E . -18.69 11.69 15.02
N2 NAG E . -16.55 11.04 14.16
O3 NAG E . -14.45 12.98 13.78
O4 NAG E . -12.29 12.03 12.12
O5 NAG E . -13.52 8.99 13.72
O6 NAG E . -10.68 9.69 13.92
O7 NAG E . -16.72 11.51 16.35
C1 NAG E . -11.11 12.76 12.55
C2 NAG E . -10.65 13.53 11.33
C3 NAG E . -9.48 14.46 11.69
C4 NAG E . -9.09 14.36 13.16
C5 NAG E . -10.28 14.35 14.12
C6 NAG E . -10.76 15.72 14.50
C7 NAG E . -9.33 11.73 10.27
C8 NAG E . -9.14 10.92 9.03
N2 NAG E . -10.30 12.65 10.23
O3 NAG E . -9.84 15.80 11.39
O4 NAG E . -8.24 13.24 13.39
O5 NAG E . -11.42 13.66 13.57
O6 NAG E . -10.95 15.84 15.90
O7 NAG E . -8.62 11.56 11.26
C1 BMA E . -7.15 13.56 14.28
C2 BMA E . -6.54 12.22 14.68
C3 BMA E . -5.33 12.44 15.55
C4 BMA E . -4.36 13.43 14.90
C5 BMA E . -5.08 14.70 14.48
C6 BMA E . -4.19 15.67 13.72
O2 BMA E . -6.08 11.55 13.53
O3 BMA E . -4.65 11.22 15.76
O4 BMA E . -3.36 13.76 15.82
O5 BMA E . -6.18 14.34 13.64
O6 BMA E . -3.69 14.99 12.58
C1 MAN E . -4.90 10.71 17.08
C2 MAN E . -3.82 9.68 17.39
C3 MAN E . -3.92 8.56 16.40
C4 MAN E . -5.28 7.92 16.49
C5 MAN E . -6.37 8.96 16.26
C6 MAN E . -7.72 8.43 16.58
O2 MAN E . -4.08 9.06 18.64
O3 MAN E . -2.94 7.58 16.62
O4 MAN E . -5.40 6.93 15.49
O5 MAN E . -6.17 10.09 17.14
O6 MAN E . -8.08 8.95 17.85
C1 MAN E . -2.93 9.16 19.50
C2 MAN E . -3.24 8.30 20.73
C3 MAN E . -4.30 8.96 21.55
C4 MAN E . -3.84 10.34 21.93
C5 MAN E . -3.65 11.16 20.69
C6 MAN E . -3.14 12.53 20.98
O2 MAN E . -2.12 8.28 21.60
O3 MAN E . -4.56 8.23 22.71
O4 MAN E . -4.82 10.96 22.73
O5 MAN E . -2.68 10.51 19.85
O6 MAN E . -3.30 13.32 19.82
C1 MAN E . -1.31 7.10 21.38
C2 MAN E . -0.71 6.77 22.73
C3 MAN E . 0.15 7.92 23.18
C4 MAN E . 1.18 8.27 22.12
C5 MAN E . 0.51 8.50 20.78
C6 MAN E . 1.51 8.66 19.67
O2 MAN E . 0.17 5.67 22.63
O3 MAN E . 0.80 7.64 24.40
O4 MAN E . 1.82 9.45 22.51
O5 MAN E . -0.30 7.36 20.45
O6 MAN E . 0.82 8.64 18.44
C1 MAN E . -2.51 15.66 12.10
C2 MAN E . -2.22 15.13 10.68
C3 MAN E . -1.65 13.72 10.71
C4 MAN E . -0.52 13.62 11.69
C5 MAN E . -0.99 14.06 13.05
C6 MAN E . 0.09 14.01 14.09
O2 MAN E . -1.24 15.90 10.04
O3 MAN E . -1.18 13.36 9.42
O4 MAN E . -0.09 12.30 11.77
O5 MAN E . -1.41 15.43 12.95
O6 MAN E . 1.32 13.78 13.44
C1 MAN E . -1.77 12.10 9.01
C2 MAN E . -0.77 11.40 8.08
C3 MAN E . -0.67 12.17 6.79
C4 MAN E . -2.04 12.30 6.17
C5 MAN E . -2.93 13.06 7.13
C6 MAN E . -4.33 13.21 6.63
O2 MAN E . -1.28 10.13 7.68
O3 MAN E . 0.21 11.54 5.87
O4 MAN E . -1.95 13.02 4.96
O5 MAN E . -3.00 12.33 8.37
O6 MAN E . -4.98 11.94 6.78
C1 MAN E . -0.41 9.07 8.09
C2 MAN E . -0.24 8.17 6.90
C3 MAN E . -1.61 7.65 6.50
C4 MAN E . -2.32 7.00 7.70
C5 MAN E . -2.33 7.95 8.89
C6 MAN E . -2.86 7.31 10.15
O2 MAN E . 0.53 7.03 7.23
O3 MAN E . -1.53 6.71 5.44
O4 MAN E . -3.65 6.70 7.33
O5 MAN E . -0.99 8.37 9.15
O6 MAN E . -2.95 8.31 11.15
C1 MAN E . 2.39 14.01 14.38
C2 MAN E . 3.66 14.27 13.56
C3 MAN E . 4.03 13.02 12.81
C4 MAN E . 4.17 11.84 13.77
C5 MAN E . 2.88 11.66 14.54
C6 MAN E . 2.97 10.56 15.57
O2 MAN E . 4.76 14.50 14.42
O3 MAN E . 5.23 13.18 12.08
O4 MAN E . 4.42 10.65 13.05
O5 MAN E . 2.56 12.89 15.22
O6 MAN E . 1.66 10.29 16.03
C1 MAN E . 5.01 15.91 14.51
C2 MAN E . 6.52 16.06 14.83
C3 MAN E . 6.80 15.66 16.26
C4 MAN E . 5.88 16.38 17.22
C5 MAN E . 4.45 16.06 16.85
C6 MAN E . 3.47 16.79 17.72
O2 MAN E . 6.94 17.41 14.73
O3 MAN E . 8.14 15.94 16.62
O4 MAN E . 6.11 15.94 18.53
O5 MAN E . 4.21 16.49 15.50
O6 MAN E . 2.17 16.34 17.41
C1 NAG F . 3.40 3.24 -21.79
C2 NAG F . 2.49 3.03 -22.99
C3 NAG F . 1.05 2.82 -22.54
C4 NAG F . 0.95 1.75 -21.47
C5 NAG F . 1.93 2.05 -20.34
C6 NAG F . 1.99 0.95 -19.30
C7 NAG F . 3.01 4.07 -25.17
C8 NAG F . 3.03 5.34 -25.94
N2 NAG F . 2.58 4.16 -23.90
O3 NAG F . 0.26 2.45 -23.67
O4 NAG F . -0.37 1.74 -20.95
O5 NAG F . 3.25 2.18 -20.88
O6 NAG F . 2.07 -0.32 -19.91
O7 NAG F . 3.37 3.01 -25.65
C1 NAG F . -1.05 0.46 -21.02
C2 NAG F . -2.42 0.68 -20.44
C3 NAG F . -3.29 -0.57 -20.59
C4 NAG F . -2.54 -1.73 -21.26
C5 NAG F . -1.72 -1.29 -22.48
C6 NAG F . -2.53 -1.27 -23.75
C7 NAG F . -1.85 0.41 -18.05
C8 NAG F . -1.88 1.06 -16.70
N2 NAG F . -2.36 1.12 -19.06
O3 NAG F . -4.45 -0.26 -21.34
O4 NAG F . -1.72 -2.41 -20.32
O5 NAG F . -1.16 0.03 -22.34
O6 NAG F . -1.84 -1.93 -24.81
O7 NAG F . -1.37 -0.70 -18.21
C1 BMA F . -1.78 -3.84 -20.50
C2 BMA F . -0.64 -4.41 -19.67
C3 BMA F . -0.67 -5.92 -19.72
C4 BMA F . -2.06 -6.45 -19.36
C5 BMA F . -3.13 -5.77 -20.20
C6 BMA F . -4.54 -6.17 -19.79
O2 BMA F . -0.81 -4.06 -18.33
O3 BMA F . 0.26 -6.46 -18.81
O4 BMA F . -2.10 -7.83 -19.61
O5 BMA F . -3.00 -4.36 -20.03
O6 BMA F . -4.71 -5.86 -18.43
C1 MAN F . 1.43 -6.94 -19.48
C2 MAN F . 2.16 -7.89 -18.52
C3 MAN F . 2.58 -7.11 -17.32
C4 MAN F . 3.49 -5.98 -17.72
C5 MAN F . 2.80 -5.09 -18.74
C6 MAN F . 3.73 -4.10 -19.34
O2 MAN F . 3.38 -8.31 -19.11
O3 MAN F . 3.24 -7.94 -16.38
O4 MAN F . 3.81 -5.21 -16.58
O5 MAN F . 2.29 -5.88 -19.82
O6 MAN F . 4.07 -4.59 -20.62
C1 MAN F . 3.46 -9.75 -19.11
C2 MAN F . 4.88 -10.11 -19.55
C3 MAN F . 5.03 -9.79 -21.01
C4 MAN F . 3.99 -10.53 -21.81
C5 MAN F . 2.63 -10.06 -21.38
C6 MAN F . 1.53 -10.82 -22.07
O2 MAN F . 5.08 -11.51 -19.51
O3 MAN F . 6.31 -10.15 -21.46
O4 MAN F . 4.15 -10.26 -23.17
O5 MAN F . 2.48 -10.31 -19.97
O6 MAN F . 0.32 -10.11 -21.87
C1 MAN F . 5.71 -11.91 -18.28
C2 MAN F . 6.53 -13.13 -18.64
C3 MAN F . 5.61 -14.22 -19.13
C4 MAN F . 4.52 -14.49 -18.12
C5 MAN F . 3.79 -13.21 -17.75
C6 MAN F . 2.83 -13.41 -16.61
O2 MAN F . 7.15 -13.66 -17.49
O3 MAN F . 6.32 -15.41 -19.40
O4 MAN F . 3.59 -15.37 -18.69
O5 MAN F . 4.76 -12.23 -17.32
O6 MAN F . 2.39 -12.15 -16.18
C1 MAN F . -5.81 -6.63 -17.88
C2 MAN F . -6.19 -5.98 -16.53
C3 MAN F . -5.18 -6.30 -15.45
C4 MAN F . -4.87 -7.79 -15.42
C5 MAN F . -4.40 -8.22 -16.79
C6 MAN F . -4.08 -9.69 -16.86
O2 MAN F . -7.40 -6.51 -16.06
O3 MAN F . -5.66 -5.92 -14.18
O4 MAN F . -3.84 -8.02 -14.49
O5 MAN F . -5.45 -7.98 -17.71
O6 MAN F . -4.54 -10.29 -15.67
C1 MAN F . -4.71 -5.07 -13.52
C2 MAN F . -4.87 -5.26 -11.99
C3 MAN F . -6.20 -4.70 -11.56
C4 MAN F . -6.29 -3.24 -11.97
C5 MAN F . -6.18 -3.16 -13.47
C6 MAN F . -6.20 -1.74 -13.97
O2 MAN F . -3.93 -4.48 -11.30
O3 MAN F . -6.39 -4.82 -10.16
O4 MAN F . -7.52 -2.70 -11.55
O5 MAN F . -4.92 -3.72 -13.88
O6 MAN F . -4.93 -1.16 -13.69
C1 MAN F . -3.07 -5.31 -10.51
C2 MAN F . -3.00 -4.65 -9.14
C3 MAN F . -2.43 -3.26 -9.30
C4 MAN F . -1.09 -3.28 -10.06
C5 MAN F . -1.25 -4.07 -11.37
C6 MAN F . 0.06 -4.29 -12.07
O2 MAN F . -2.08 -5.34 -8.30
O3 MAN F . -2.24 -2.61 -8.05
O4 MAN F . -0.70 -1.96 -10.36
O5 MAN F . -1.80 -5.35 -11.07
O6 MAN F . -0.21 -4.89 -13.34
C1 MAN F . -4.51 -11.71 -15.83
C2 MAN F . -5.47 -12.32 -14.80
C3 MAN F . -4.93 -12.04 -13.41
C4 MAN F . -3.51 -12.58 -13.28
C5 MAN F . -2.63 -11.94 -14.34
C6 MAN F . -1.22 -12.48 -14.32
O2 MAN F . -5.48 -13.72 -14.89
O3 MAN F . -5.74 -12.63 -12.42
O4 MAN F . -2.98 -12.24 -12.02
O5 MAN F . -3.20 -12.21 -15.64
O6 MAN F . -0.42 -11.65 -15.14
C1 MAN F . -6.65 -14.15 -15.62
C2 MAN F . -6.98 -15.58 -15.12
C3 MAN F . -5.98 -16.58 -15.66
C4 MAN F . -5.83 -16.44 -17.15
C5 MAN F . -5.41 -15.03 -17.48
C6 MAN F . -5.30 -14.82 -18.97
O2 MAN F . -8.23 -16.01 -15.61
O3 MAN F . -6.36 -17.90 -15.35
O4 MAN F . -4.85 -17.34 -17.61
O5 MAN F . -6.40 -14.12 -17.01
O6 MAN F . -4.77 -13.53 -19.20
C1 NAG G . 2.66 -56.13 15.66
C2 NAG G . 3.62 -56.79 16.64
C3 NAG G . 3.63 -58.30 16.45
C4 NAG G . 2.21 -58.84 16.54
C5 NAG G . 1.31 -58.11 15.56
C6 NAG G . -0.13 -58.52 15.66
C7 NAG G . 5.88 -56.29 17.47
C8 NAG G . 7.20 -55.68 17.17
N2 NAG G . 4.96 -56.24 16.50
O3 NAG G . 4.44 -58.91 17.44
O4 NAG G . 2.20 -60.23 16.25
O5 NAG G . 1.36 -56.70 15.80
O6 NAG G . -1.00 -57.50 15.20
O7 NAG G . 5.65 -56.83 18.56
C1 NAG H . -18.46 -55.02 27.27
C2 NAG H . -18.89 -54.18 28.45
C3 NAG H . -19.92 -54.94 29.28
C4 NAG H . -21.06 -55.45 28.39
C5 NAG H . -20.51 -56.18 27.17
C6 NAG H . -21.59 -56.56 26.18
C7 NAG H . -17.61 -52.59 29.82
C8 NAG H . -16.38 -52.39 30.64
N2 NAG H . -17.75 -53.81 29.28
O3 NAG H . -20.44 -54.09 30.30
O4 NAG H . -21.89 -56.33 29.14
O5 NAG H . -19.59 -55.34 26.47
O6 NAG H . -21.35 -55.96 24.91
O7 NAG H . -18.44 -51.70 29.66
C1 NAG I . 5.25 -39.30 35.24
C2 NAG I . 6.61 -40.03 35.38
C3 NAG I . 6.48 -41.30 36.24
C4 NAG I . 5.77 -41.00 37.55
C5 NAG I . 4.44 -40.33 37.26
C6 NAG I . 3.69 -39.94 38.52
C7 NAG I . 6.89 -41.11 33.10
C8 NAG I . 5.57 -41.83 33.25
N2 NAG I . 7.27 -40.30 34.11
O3 NAG I . 7.78 -41.83 36.50
O4 NAG I . 5.54 -42.21 38.26
O5 NAG I . 4.67 -39.11 36.53
O6 NAG I . 4.50 -40.09 39.67
O7 NAG I . 7.57 -41.25 32.09
FE HEC J . -43.20 11.01 -25.72
CHA HEC J . -44.52 14.19 -24.89
CHB HEC J . -44.80 10.93 -28.50
CHC HEC J . -41.74 7.99 -26.10
CHD HEC J . -41.40 11.30 -22.54
NA HEC J . -44.36 12.30 -26.48
C1A HEC J . -44.83 13.49 -26.05
C2A HEC J . -45.74 13.99 -26.96
C3A HEC J . -45.83 13.06 -27.98
C4A HEC J . -44.94 12.05 -27.67
CMA HEC J . -46.69 13.11 -29.22
CAA HEC J . -46.50 15.28 -26.78
CBA HEC J . -46.24 16.29 -27.89
CGA HEC J . -47.10 17.50 -27.63
O1A HEC J . -48.12 17.71 -28.39
O2A HEC J . -46.80 18.23 -26.68
NB HEC J . -43.24 9.76 -26.98
C1B HEC J . -43.97 9.88 -28.11
C2B HEC J . -43.81 8.76 -28.92
C3B HEC J . -42.93 7.95 -28.20
C4B HEC J . -42.60 8.57 -27.02
CMB HEC J . -44.45 8.54 -30.26
CAB HEC J . -42.39 6.62 -28.58
CBB HEC J . -43.08 5.76 -29.30
NC HEC J . -41.86 9.91 -24.55
C1C HEC J . -41.43 8.68 -24.93
C2C HEC J . -40.58 8.16 -23.97
C3C HEC J . -40.52 9.13 -22.98
C4C HEC J . -41.31 10.18 -23.35
CMC HEC J . -39.89 6.81 -24.01
CAC HEC J . -39.76 9.09 -21.71
CBC HEC J . -38.49 8.74 -21.66
ND HEC J . -43.01 12.45 -24.04
C1D HEC J . -42.23 12.35 -22.94
C2D HEC J . -42.36 13.47 -22.16
C3D HEC J . -43.25 14.30 -22.81
C4D HEC J . -43.62 13.64 -23.99
CMD HEC J . -41.68 13.77 -20.86
CAD HEC J . -43.68 15.67 -22.35
CBD HEC J . -45.09 15.60 -21.78
CGD HEC J . -45.46 16.96 -21.27
O1D HEC J . -46.44 17.57 -21.83
O2D HEC J . -44.80 17.43 -20.34
FE HEC K . -31.34 -3.29 -16.53
CHA HEC K . -28.42 -2.15 -15.15
CHB HEC K . -30.77 -6.41 -15.17
CHC HEC K . -34.26 -4.41 -17.90
CHD HEC K . -31.90 -0.16 -17.87
NA HEC K . -29.91 -4.11 -15.43
C1A HEC K . -28.82 -3.47 -14.96
C2A HEC K . -28.09 -4.32 -14.16
C3A HEC K . -28.76 -5.54 -14.17
C4A HEC K . -29.87 -5.37 -14.97
CMA HEC K . -28.34 -6.79 -13.45
CAA HEC K . -26.82 -4.02 -13.43
CBA HEC K . -27.13 -3.22 -12.17
CGA HEC K . -25.89 -3.03 -11.36
O1A HEC K . -25.92 -3.39 -10.12
O2A HEC K . -24.89 -2.56 -11.91
NB HEC K . -32.31 -5.03 -16.52
C1B HEC K . -31.89 -6.18 -15.93
C2B HEC K . -32.82 -7.19 -16.17
C3B HEC K . -33.80 -6.60 -16.95
C4B HEC K . -33.47 -5.27 -17.15
CMB HEC K . -32.71 -8.60 -15.67
CAB HEC K . -35.03 -7.23 -17.48
CBB HEC K . -35.04 -8.46 -17.97
NC HEC K . -32.76 -2.47 -17.63
C1C HEC K . -33.87 -3.09 -18.09
C2C HEC K . -34.65 -2.21 -18.82
C3C HEC K . -33.95 -1.01 -18.80
C4C HEC K . -32.80 -1.20 -18.07
CMC HEC K . -35.95 -2.52 -19.49
CAC HEC K . -34.32 0.26 -19.44
CBC HEC K . -35.52 0.78 -19.33
ND HEC K . -30.37 -1.55 -16.53
C1D HEC K . -30.76 -0.41 -17.13
C2D HEC K . -29.82 0.59 -16.90
C3D HEC K . -28.83 0.02 -16.13
C4D HEC K . -29.20 -1.30 -15.92
CMD HEC K . -29.88 2.00 -17.41
CAD HEC K . -27.58 0.69 -15.62
CBD HEC K . -27.95 1.58 -14.44
CGD HEC K . -26.72 2.33 -13.96
O1D HEC K . -25.59 2.05 -14.50
O2D HEC K . -26.86 3.18 -13.08
O1 PX2 L . -39.74 17.30 -41.36
O2 PX2 L . -38.35 19.40 -40.62
P1 PX2 L . -39.00 18.08 -40.29
O3 PX2 L . -40.05 18.29 -39.10
O4 PX2 L . -37.95 17.04 -39.66
C1 PX2 L . -37.78 15.83 -40.39
C2 PX2 L . -36.86 14.78 -39.76
C3 PX2 L . -36.32 14.04 -40.96
O5 PX2 L . -35.16 14.68 -41.42
C4 PX2 L . -34.10 13.87 -41.96
O6 PX2 L . -34.34 13.21 -42.93
C5 PX2 L . -32.76 13.85 -41.32
C6 PX2 L . -32.22 12.45 -41.47
C7 PX2 L . -30.95 12.25 -40.65
C8 PX2 L . -30.08 11.23 -41.34
C9 PX2 L . -28.70 11.09 -40.73
C10 PX2 L . -27.85 10.31 -41.72
C11 PX2 L . -26.46 10.05 -41.19
C12 PX2 L . -26.54 9.57 -39.75
C13 PX2 L . -25.27 8.83 -39.38
C14 PX2 L . -25.44 8.09 -38.09
C15 PX2 L . -24.10 7.97 -37.40
O7 PX2 L . -35.83 15.39 -38.97
C16 PX2 L . -35.36 14.74 -37.76
O8 PX2 L . -35.42 13.57 -37.64
C17 PX2 L . -34.80 15.61 -36.69
C18 PX2 L . -33.47 15.14 -36.23
C19 PX2 L . -32.63 16.33 -35.87
C20 PX2 L . -33.45 17.34 -35.14
C21 PX2 L . -32.61 18.11 -34.14
C22 PX2 L . -33.56 19.01 -33.39
C23 PX2 L . -33.10 19.54 -32.06
C24 PX2 L . -34.26 19.47 -31.12
C25 PX2 L . -34.11 20.34 -29.90
C26 PX2 L . -32.95 19.94 -29.04
C27 PX2 L . -32.88 20.82 -27.84
C1 NAG M . -11.41 -3.39 37.15
C2 NAG M . -12.86 -3.78 37.44
C3 NAG M . -13.33 -3.15 38.74
C4 NAG M . -12.39 -3.49 39.87
C5 NAG M . -10.96 -3.11 39.50
C6 NAG M . -9.95 -3.54 40.53
C7 NAG M . -14.75 -4.17 35.93
C8 NAG M . -15.55 -3.63 34.78
N2 NAG M . -13.73 -3.40 36.34
O3 NAG M . -14.63 -3.61 39.04
O4 NAG M . -12.76 -2.80 41.06
O5 NAG M . -10.59 -3.75 38.27
O6 NAG M . -10.52 -4.46 41.44
O7 NAG M . -15.02 -5.23 36.46
C1 NAG N . 5.70 6.19 34.28
C2 NAG N . 7.13 6.66 34.53
C3 NAG N . 7.59 6.23 35.93
C4 NAG N . 6.59 6.70 36.98
C5 NAG N . 5.19 6.24 36.61
C6 NAG N . 4.12 6.76 37.55
C7 NAG N . 8.60 6.91 32.58
C8 NAG N . 9.49 6.20 31.61
N2 NAG N . 8.03 6.14 33.51
O3 NAG N . 8.87 6.80 36.19
O4 NAG N . 6.94 6.17 38.25
O5 NAG N . 4.84 6.70 35.29
O6 NAG N . 3.67 8.05 37.14
O7 NAG N . 8.39 8.11 32.51
C1 PLC O . -11.14 18.99 6.90
C2 PLC O . -12.36 19.76 6.43
C3 PLC O . -13.45 18.81 6.06
C4 PLC O . -11.96 14.28 7.60
C5 PLC O . -13.48 14.49 7.67
C6 PLC O . -13.70 14.61 10.11
C7 PLC O . -15.52 13.96 8.85
C8 PLC O . -13.68 12.46 8.98
C' PLC O . -12.86 21.99 7.28
C1' PLC O . -13.22 22.99 8.33
C2' PLC O . -12.97 24.39 7.81
C3' PLC O . -14.05 25.43 8.07
C4' PLC O . -14.93 25.74 6.86
C5' PLC O . -15.52 27.09 7.16
C6' PLC O . -16.94 27.31 6.72
C7' PLC O . -17.56 28.26 7.73
C8' PLC O . -18.50 29.32 7.18
C9' PLC O . -17.86 30.70 7.00
CA' PLC O . -18.07 31.66 8.14
CB' PLC O . -17.64 33.04 7.72
CB PLC O . -15.81 19.02 5.41
C1B PLC O . -16.90 19.88 4.85
C2B PLC O . -18.05 19.05 4.31
C3B PLC O . -19.31 19.86 4.40
C4B PLC O . -20.46 19.06 3.81
C5B PLC O . -21.41 19.99 3.10
C6B PLC O . -22.05 20.90 4.12
C7B PLC O . -22.42 22.24 3.50
C8B PLC O . -23.47 22.07 2.43
C9B PLC O . -24.37 23.30 2.38
CAA PLC O . -25.51 23.11 1.41
CBA PLC O . -25.10 22.12 0.34
O' PLC O . -12.63 22.36 6.18
OB PLC O . -15.94 17.85 5.60
O2 PLC O . -12.84 20.57 7.49
O3 PLC O . -14.54 19.60 5.73
O1P PLC O . -11.17 16.65 8.91
O2P PLC O . -9.11 16.41 7.42
O3P PLC O . -11.17 17.61 6.57
O4P PLC O . -11.25 15.28 6.88
N PLC O . -14.06 13.88 8.89
P PLC O . -10.56 16.54 7.57
C1 NAG P . 53.26 -4.66 23.32
C2 NAG P . 54.07 -5.93 23.58
C3 NAG P . 55.19 -5.65 24.56
C4 NAG P . 56.04 -4.48 24.08
C5 NAG P . 55.16 -3.27 23.82
C6 NAG P . 55.91 -2.11 23.22
C7 NAG P . 53.54 -8.29 23.95
C8 NAG P . 52.54 -9.26 24.49
N2 NAG P . 53.21 -6.99 24.05
O3 NAG P . 56.00 -6.81 24.70
O4 NAG P . 57.02 -4.15 25.04
O5 NAG P . 54.12 -3.61 22.88
O6 NAG P . 55.05 -1.25 22.49
O7 NAG P . 54.59 -8.66 23.45
C1 NAG Q . 63.71 5.84 4.28
C2 NAG Q . 63.74 5.41 2.82
C3 NAG Q . 65.06 5.87 2.19
C4 NAG Q . 65.29 7.36 2.45
C5 NAG Q . 65.11 7.70 3.93
C6 NAG Q . 65.17 9.18 4.21
C7 NAG Q . 62.86 3.42 1.73
C8 NAG Q . 62.81 1.92 1.72
N2 NAG Q . 63.59 3.98 2.69
O3 NAG Q . 65.02 5.62 0.79
O4 NAG Q . 66.60 7.71 2.05
O5 NAG Q . 63.82 7.24 4.38
O6 NAG Q . 63.96 9.63 4.80
O7 NAG Q . 62.25 4.08 0.89
C1 NAG R . 49.12 -19.81 2.68
C2 NAG R . 49.45 -20.92 3.71
C3 NAG R . 50.96 -21.16 3.82
C4 NAG R . 51.58 -21.35 2.45
C5 NAG R . 51.22 -20.19 1.54
C6 NAG R . 51.74 -20.34 0.14
C7 NAG R . 49.08 -19.73 5.92
C8 NAG R . 50.07 -18.65 5.54
N2 NAG R . 48.84 -20.70 5.03
O3 NAG R . 51.21 -22.30 4.64
O4 NAG R . 53.00 -21.44 2.55
O5 NAG R . 49.80 -20.09 1.44
O6 NAG R . 52.27 -21.63 -0.09
O7 NAG R . 48.48 -19.69 6.99
FE HEC S . -11.61 48.56 -12.49
CHA HEC S . -13.43 48.80 -15.52
CHB HEC S . -12.60 51.46 -11.51
CHC HEC S . -9.72 47.93 -9.77
CHD HEC S . -10.64 45.27 -13.74
NA HEC S . -12.77 49.80 -13.35
C1A HEC S . -13.40 49.79 -14.54
C2A HEC S . -14.05 51.00 -14.73
C3A HEC S . -13.80 51.76 -13.59
C4A HEC S . -13.04 50.97 -12.75
CMA HEC S . -14.28 53.16 -13.29
CAA HEC S . -14.82 51.37 -15.97
CBA HEC S . -16.28 51.67 -15.70
CGA HEC S . -16.91 52.09 -17.01
O1A HEC S . -17.23 53.34 -17.18
O2A HEC S . -17.10 51.22 -17.87
NB HEC S . -11.23 49.46 -11.00
C1B HEC S . -11.76 50.68 -10.74
C2B HEC S . -11.30 51.13 -9.50
C3B HEC S . -10.48 50.10 -9.04
C4B HEC S . -10.46 49.09 -9.96
CMB HEC S . -11.65 52.45 -8.86
CAB HEC S . -9.74 50.03 -7.76
CBB HEC S . -9.23 51.10 -7.17
NC HEC S . -10.44 46.93 -11.91
C1C HEC S . -9.74 46.95 -10.75
C2C HEC S . -9.03 45.76 -10.61
C3C HEC S . -9.32 45.04 -11.76
C4C HEC S . -10.17 45.77 -12.54
CMC HEC S . -8.12 45.38 -9.48
CAC HEC S . -8.81 43.70 -12.15
CBC HEC S . -8.82 42.69 -11.33
ND HEC S . -11.95 47.28 -14.27
C1D HEC S . -11.49 46.04 -14.51
C2D HEC S . -11.97 45.58 -15.71
C3D HEC S . -12.76 46.59 -16.23
C4D HEC S . -12.74 47.62 -15.31
CMD HEC S . -11.70 44.25 -16.35
CAD HEC S . -13.52 46.52 -17.53
CBD HEC S . -12.81 47.35 -18.59
CGD HEC S . -13.56 47.19 -19.88
O1D HEC S . -14.11 48.25 -20.39
O2D HEC S . -13.63 46.08 -20.40
FE HEC T . 1.88 35.31 -4.01
CHA HEC T . 0.94 32.01 -4.00
CHB HEC T . 4.98 34.43 -2.81
CHC HEC T . 2.81 38.60 -4.03
CHD HEC T . -1.24 36.17 -5.22
NA HEC T . 2.76 33.62 -3.50
C1A HEC T . 2.21 32.39 -3.58
C2A HEC T . 3.15 31.43 -3.23
C3A HEC T . 4.30 32.12 -2.88
C4A HEC T . 4.02 33.46 -3.05
CMA HEC T . 5.59 31.52 -2.42
CAA HEC T . 2.96 29.94 -3.20
CBA HEC T . 3.04 29.41 -4.62
CGA HEC T . 3.01 27.90 -4.59
O1A HEC T . 3.95 27.26 -5.20
O2A HEC T . 2.08 27.34 -4.00
NB HEC T . 3.55 36.29 -3.53
C1B HEC T . 4.68 35.76 -3.04
C2B HEC T . 5.61 36.76 -2.79
C3B HEC T . 4.97 37.92 -3.15
C4B HEC T . 3.70 37.63 -3.59
CMB HEC T . 7.00 36.55 -2.26
CAB HEC T . 5.52 39.31 -3.09
CBB HEC T . 6.27 39.74 -2.09
NC HEC T . 0.99 37.01 -4.52
C1C HEC T . 1.54 38.24 -4.46
C2C HEC T . 0.63 39.19 -4.89
C3C HEC T . -0.50 38.47 -5.22
C4C HEC T . -0.27 37.13 -4.99
CMC HEC T . 0.85 40.67 -4.97
CAC HEC T . -1.79 38.98 -5.74
CBC HEC T . -1.85 39.84 -6.73
ND HEC T . 0.22 34.32 -4.49
C1D HEC T . -0.93 34.85 -4.97
C2D HEC T . -1.85 33.84 -5.18
C3D HEC T . -1.23 32.66 -4.83
C4D HEC T . 0.04 32.99 -4.41
CMD HEC T . -3.25 34.02 -5.69
CAD HEC T . -1.83 31.27 -4.89
CBD HEC T . -1.85 30.80 -6.33
CGD HEC T . -2.51 29.45 -6.42
O1D HEC T . -2.85 28.86 -5.32
O2D HEC T . -2.71 28.96 -7.54
O1 PX2 U . -25.78 53.92 -4.33
O2 PX2 U . -27.45 52.13 -5.26
P1 PX2 U . -26.03 52.62 -5.05
O3 PX2 U . -25.33 52.77 -6.48
O4 PX2 U . -25.12 51.52 -4.31
C1 PX2 U . -24.57 51.93 -3.07
C2 PX2 U . -23.61 50.95 -2.41
C3 PX2 U . -23.76 51.27 -0.94
O5 PX2 U . -24.83 50.52 -0.39
C4 PX2 U . -24.71 50.05 0.96
O6 PX2 U . -24.62 50.88 1.83
C5 PX2 U . -24.69 48.59 1.27
C6 PX2 U . -23.76 48.40 2.45
C7 PX2 U . -23.50 46.93 2.69
C8 PX2 U . -23.23 46.73 4.17
C9 PX2 U . -23.15 45.28 4.58
C10 PX2 U . -23.25 45.23 6.09
C11 PX2 U . -23.09 43.83 6.64
C12 PX2 U . -21.94 43.13 5.95
C13 PX2 U . -21.47 41.97 6.80
C14 PX2 U . -20.14 41.45 6.30
C15 PX2 U . -20.02 39.98 6.64
O7 PX2 U . -23.95 49.59 -2.71
C16 PX2 U . -22.91 48.60 -2.86
O8 PX2 U . -21.88 48.71 -2.30
C17 PX2 U . -23.20 47.42 -3.75
C18 PX2 U . -22.90 46.13 -3.07
C19 PX2 U . -23.90 45.11 -3.54
C20 PX2 U . -24.14 45.25 -5.01
C21 PX2 U . -24.45 43.91 -5.64
C22 PX2 U . -24.54 44.16 -7.12
C23 PX2 U . -24.40 42.95 -8.03
C24 PX2 U . -23.56 43.38 -9.20
C25 PX2 U . -23.67 42.47 -10.39
C26 PX2 U . -23.19 41.08 -10.10
C27 PX2 U . -23.30 40.24 -11.33
C1 NAG V . 25.04 -11.47 -27.62
C2 NAG V . 25.87 -10.41 -28.33
C3 NAG V . 26.14 -10.84 -29.77
C4 NAG V . 26.78 -12.22 -29.79
C5 NAG V . 25.91 -13.21 -29.03
C6 NAG V . 26.55 -14.57 -28.91
C7 NAG V . 25.86 -7.97 -28.15
C8 NAG V . 25.04 -6.73 -28.14
N2 NAG V . 25.21 -9.12 -28.30
O3 NAG V . 27.02 -9.90 -30.38
O4 NAG V . 26.93 -12.67 -31.14
O5 NAG V . 25.70 -12.74 -27.69
O6 NAG V . 27.92 -14.53 -29.28
O7 NAG V . 27.09 -7.94 -28.02
C1 NAG W . 11.42 -24.86 -22.29
C2 NAG W . 10.80 -26.23 -21.97
C3 NAG W . 11.76 -27.34 -22.38
C4 NAG W . 12.19 -27.18 -23.83
C5 NAG W . 12.73 -25.77 -24.07
C6 NAG W . 13.06 -25.50 -25.52
C7 NAG W . 9.22 -26.33 -20.11
C8 NAG W . 9.06 -26.43 -18.62
N2 NAG W . 10.47 -26.32 -20.56
O3 NAG W . 11.12 -28.60 -22.19
O4 NAG W . 13.20 -28.13 -24.15
O5 NAG W . 11.75 -24.80 -23.68
O6 NAG W . 11.92 -25.04 -26.24
O7 NAG W . 8.25 -26.26 -20.86
C1 PLC X . -9.06 2.99 -20.99
C2 PLC X . -9.63 4.17 -21.76
C3 PLC X . -8.77 5.37 -21.56
C4 PLC X . -4.65 3.79 -19.18
C5 PLC X . -4.40 4.97 -20.14
C6 PLC X . -3.18 3.75 -21.87
C7 PLC X . -2.84 6.02 -21.66
C8 PLC X . -2.02 4.61 -19.93
C' PLC X . -10.88 3.84 -23.83
C1' PLC X . -11.05 3.42 -25.26
C2' PLC X . -12.52 3.35 -25.59
C3' PLC X . -12.96 3.97 -26.91
C4' PLC X . -13.62 5.34 -26.78
C5' PLC X . -14.42 5.50 -28.05
C6' PLC X . -14.48 6.87 -28.63
C7' PLC X . -14.56 6.70 -30.14
C8' PLC X . -15.48 7.66 -30.88
C9' PLC X . -16.86 7.08 -31.22
CA' PLC X . -17.00 6.50 -32.60
CB' PLC X . -18.44 6.23 -32.90
CB PLC X . -8.69 7.64 -22.50
C1B PLC X . -9.41 8.75 -23.20
C2B PLC X . -8.72 10.08 -22.98
C3B PLC X . -9.02 10.98 -24.16
C4B PLC X . -8.39 12.33 -23.95
C5B PLC X . -9.28 13.40 -24.51
C6B PLC X . -9.32 13.25 -26.01
C7B PLC X . -10.64 13.75 -26.57
C8B PLC X . -10.80 15.23 -26.35
C9B PLC X . -11.60 15.85 -27.49
CAA PLC X . -11.66 17.36 -27.35
CBA PLC X . -11.52 17.75 -25.89
O' PLC X . -11.80 4.24 -23.22
OB PLC X . -7.60 7.78 -22.02
O2 PLC X . -9.62 3.86 -23.15
O3 PLC X . -9.32 6.36 -22.37
O1P PLC X . -6.10 2.13 -20.94
O2P PLC X . -7.21 1.34 -18.78
O3P PLC X . -8.10 3.36 -20.01
O4P PLC X . -6.03 3.51 -18.93
N PLC X . -3.12 4.82 -20.87
P PLC X . -6.85 2.42 -19.71
#